data_7KJQ
# 
_entry.id   7KJQ 
# 
_audit_conform.dict_name       mmcif_pdbx.dic 
_audit_conform.dict_version    5.380 
_audit_conform.dict_location   http://mmcif.pdb.org/dictionaries/ascii/mmcif_pdbx.dic 
# 
loop_
_database_2.database_id 
_database_2.database_code 
_database_2.pdbx_database_accession 
_database_2.pdbx_DOI 
PDB   7KJQ         pdb_00007kjq 10.2210/pdb7kjq/pdb 
WWPDB D_1000252580 ?            ?                   
# 
_pdbx_database_status.status_code                     REL 
_pdbx_database_status.status_code_sf                  REL 
_pdbx_database_status.status_code_mr                  ? 
_pdbx_database_status.entry_id                        7KJQ 
_pdbx_database_status.recvd_initial_deposition_date   2020-10-26 
_pdbx_database_status.SG_entry                        N 
_pdbx_database_status.deposit_site                    RCSB 
_pdbx_database_status.process_site                    RCSB 
_pdbx_database_status.status_code_cs                  ? 
_pdbx_database_status.status_code_nmr_data            ? 
_pdbx_database_status.methods_development_category    ? 
_pdbx_database_status.pdb_format_compatible           Y 
# 
loop_
_audit_author.name 
_audit_author.pdbx_ordinal 
_audit_author.identifier_ORCID 
'Walton, W.G.'  1 0000-0001-6745-534X 
'Redinbo, M.R.' 2 0000-0003-0814-5346 
'Dangl, J.L.'   3 0000-0003-3199-8654 
# 
_citation.abstract                  ? 
_citation.abstract_id_CAS           ? 
_citation.book_id_ISBN              ? 
_citation.book_publisher            ? 
_citation.book_publisher_city       ? 
_citation.book_title                ? 
_citation.coordinate_linkage        ? 
_citation.country                   UK 
_citation.database_id_Medline       ? 
_citation.details                   ? 
_citation.id                        primary 
_citation.journal_abbrev            'Nat Microbiol' 
_citation.journal_id_ASTM           ? 
_citation.journal_id_CSD            ? 
_citation.journal_id_ISSN           2058-5276 
_citation.journal_full              ? 
_citation.journal_issue             ? 
_citation.journal_volume            7 
_citation.language                  ? 
_citation.page_first                1817 
_citation.page_last                 1833 
_citation.title                     'Diverse MarR bacterial regulators of auxin catabolism in the plant microbiome.' 
_citation.year                      2022 
_citation.database_id_CSD           ? 
_citation.pdbx_database_id_DOI      10.1038/s41564-022-01244-3 
_citation.pdbx_database_id_PubMed   36266335 
_citation.unpublished_flag          ? 
# 
loop_
_citation_author.citation_id 
_citation_author.name 
_citation_author.ordinal 
_citation_author.identifier_ORCID 
primary 'Conway, J.M.'       1  0000-0002-2715-2149 
primary 'Walton, W.G.'       2  ?                   
primary 'Salas-Gonzalez, I.' 3  0000-0002-0347-5058 
primary 'Law, T.F.'          4  ?                   
primary 'Lindberg, C.A.'     5  ?                   
primary 'Crook, L.E.'        6  ?                   
primary 'Kosina, S.M.'       7  0000-0003-2885-1248 
primary 'Fitzpatrick, C.R.'  8  ?                   
primary 'Lietzan, A.D.'      9  0000-0001-6388-2491 
primary 'Northen, T.R.'      10 0000-0001-8404-3259 
primary 'Jones, C.D.'        11 ?                   
primary 'Finkel, O.M.'       12 0000-0003-4770-0402 
primary 'Redinbo, M.R.'      13 0000-0003-0814-5346 
primary 'Dangl, J.L.'        14 0000-0003-3199-8654 
# 
_cell.angle_alpha                  90.000 
_cell.angle_alpha_esd              ? 
_cell.angle_beta                   90.000 
_cell.angle_beta_esd               ? 
_cell.angle_gamma                  90.000 
_cell.angle_gamma_esd              ? 
_cell.entry_id                     7KJQ 
_cell.details                      ? 
_cell.formula_units_Z              ? 
_cell.length_a                     55.096 
_cell.length_a_esd                 ? 
_cell.length_b                     114.648 
_cell.length_b_esd                 ? 
_cell.length_c                     115.257 
_cell.length_c_esd                 ? 
_cell.volume                       728037.692 
_cell.volume_esd                   ? 
_cell.Z_PDB                        16 
_cell.reciprocal_angle_alpha       ? 
_cell.reciprocal_angle_beta        ? 
_cell.reciprocal_angle_gamma       ? 
_cell.reciprocal_angle_alpha_esd   ? 
_cell.reciprocal_angle_beta_esd    ? 
_cell.reciprocal_angle_gamma_esd   ? 
_cell.reciprocal_length_a          ? 
_cell.reciprocal_length_b          ? 
_cell.reciprocal_length_c          ? 
_cell.reciprocal_length_a_esd      ? 
_cell.reciprocal_length_b_esd      ? 
_cell.reciprocal_length_c_esd      ? 
_cell.pdbx_unique_axis             ? 
# 
_symmetry.entry_id                         7KJQ 
_symmetry.cell_setting                     ? 
_symmetry.Int_Tables_number                22 
_symmetry.space_group_name_Hall            'F 2 2' 
_symmetry.space_group_name_H-M             'F 2 2 2' 
_symmetry.pdbx_full_space_group_name_H-M   ? 
# 
loop_
_entity.id 
_entity.type 
_entity.src_method 
_entity.pdbx_description 
_entity.formula_weight 
_entity.pdbx_number_of_molecules 
_entity.pdbx_ec 
_entity.pdbx_mutation 
_entity.pdbx_fragment 
_entity.details 
1 polymer     man 'Transcriptional regulator, MarR family' 20969.717 1   ? ? ? ? 
2 non-polymer syn Picloram                                 241.459   1   ? ? ? ? 
3 non-polymer syn 'SULFATE ION'                            96.063    3   ? ? ? ? 
4 water       nat water                                    18.015    150 ? ? ? ? 
# 
_entity_poly.entity_id                      1 
_entity_poly.type                           'polypeptide(L)' 
_entity_poly.nstd_linkage                   no 
_entity_poly.nstd_monomer                   no 
_entity_poly.pdbx_seq_one_letter_code       
;MHHHHHHSSGVDLGTENLYFQSNAMAEQPPETHRFVDDYLPALLAQASQLISSEFHEVARQHGFSVSEWRVMASLAGSEP
ISIGQLAQVTVTKQPTVTRLLDRMEARGQVERLPHESDRRITLVRITRKGLKAVEHLMELAREHERRVLEPFGLRRAEEL
KQTLRQMIDLHVHVPVEEPEED
;
_entity_poly.pdbx_seq_one_letter_code_can   
;MHHHHHHSSGVDLGTENLYFQSNAMAEQPPETHRFVDDYLPALLAQASQLISSEFHEVARQHGFSVSEWRVMASLAGSEP
ISIGQLAQVTVTKQPTVTRLLDRMEARGQVERLPHESDRRITLVRITRKGLKAVEHLMELAREHERRVLEPFGLRRAEEL
KQTLRQMIDLHVHVPVEEPEED
;
_entity_poly.pdbx_strand_id                 A 
_entity_poly.pdbx_target_identifier         ? 
# 
loop_
_entity_poly_seq.entity_id 
_entity_poly_seq.num 
_entity_poly_seq.mon_id 
_entity_poly_seq.hetero 
1 1   MET n 
1 2   HIS n 
1 3   HIS n 
1 4   HIS n 
1 5   HIS n 
1 6   HIS n 
1 7   HIS n 
1 8   SER n 
1 9   SER n 
1 10  GLY n 
1 11  VAL n 
1 12  ASP n 
1 13  LEU n 
1 14  GLY n 
1 15  THR n 
1 16  GLU n 
1 17  ASN n 
1 18  LEU n 
1 19  TYR n 
1 20  PHE n 
1 21  GLN n 
1 22  SER n 
1 23  ASN n 
1 24  ALA n 
1 25  MET n 
1 26  ALA n 
1 27  GLU n 
1 28  GLN n 
1 29  PRO n 
1 30  PRO n 
1 31  GLU n 
1 32  THR n 
1 33  HIS n 
1 34  ARG n 
1 35  PHE n 
1 36  VAL n 
1 37  ASP n 
1 38  ASP n 
1 39  TYR n 
1 40  LEU n 
1 41  PRO n 
1 42  ALA n 
1 43  LEU n 
1 44  LEU n 
1 45  ALA n 
1 46  GLN n 
1 47  ALA n 
1 48  SER n 
1 49  GLN n 
1 50  LEU n 
1 51  ILE n 
1 52  SER n 
1 53  SER n 
1 54  GLU n 
1 55  PHE n 
1 56  HIS n 
1 57  GLU n 
1 58  VAL n 
1 59  ALA n 
1 60  ARG n 
1 61  GLN n 
1 62  HIS n 
1 63  GLY n 
1 64  PHE n 
1 65  SER n 
1 66  VAL n 
1 67  SER n 
1 68  GLU n 
1 69  TRP n 
1 70  ARG n 
1 71  VAL n 
1 72  MET n 
1 73  ALA n 
1 74  SER n 
1 75  LEU n 
1 76  ALA n 
1 77  GLY n 
1 78  SER n 
1 79  GLU n 
1 80  PRO n 
1 81  ILE n 
1 82  SER n 
1 83  ILE n 
1 84  GLY n 
1 85  GLN n 
1 86  LEU n 
1 87  ALA n 
1 88  GLN n 
1 89  VAL n 
1 90  THR n 
1 91  VAL n 
1 92  THR n 
1 93  LYS n 
1 94  GLN n 
1 95  PRO n 
1 96  THR n 
1 97  VAL n 
1 98  THR n 
1 99  ARG n 
1 100 LEU n 
1 101 LEU n 
1 102 ASP n 
1 103 ARG n 
1 104 MET n 
1 105 GLU n 
1 106 ALA n 
1 107 ARG n 
1 108 GLY n 
1 109 GLN n 
1 110 VAL n 
1 111 GLU n 
1 112 ARG n 
1 113 LEU n 
1 114 PRO n 
1 115 HIS n 
1 116 GLU n 
1 117 SER n 
1 118 ASP n 
1 119 ARG n 
1 120 ARG n 
1 121 ILE n 
1 122 THR n 
1 123 LEU n 
1 124 VAL n 
1 125 ARG n 
1 126 ILE n 
1 127 THR n 
1 128 ARG n 
1 129 LYS n 
1 130 GLY n 
1 131 LEU n 
1 132 LYS n 
1 133 ALA n 
1 134 VAL n 
1 135 GLU n 
1 136 HIS n 
1 137 LEU n 
1 138 MET n 
1 139 GLU n 
1 140 LEU n 
1 141 ALA n 
1 142 ARG n 
1 143 GLU n 
1 144 HIS n 
1 145 GLU n 
1 146 ARG n 
1 147 ARG n 
1 148 VAL n 
1 149 LEU n 
1 150 GLU n 
1 151 PRO n 
1 152 PHE n 
1 153 GLY n 
1 154 LEU n 
1 155 ARG n 
1 156 ARG n 
1 157 ALA n 
1 158 GLU n 
1 159 GLU n 
1 160 LEU n 
1 161 LYS n 
1 162 GLN n 
1 163 THR n 
1 164 LEU n 
1 165 ARG n 
1 166 GLN n 
1 167 MET n 
1 168 ILE n 
1 169 ASP n 
1 170 LEU n 
1 171 HIS n 
1 172 VAL n 
1 173 HIS n 
1 174 VAL n 
1 175 PRO n 
1 176 VAL n 
1 177 GLU n 
1 178 GLU n 
1 179 PRO n 
1 180 GLU n 
1 181 GLU n 
1 182 ASP n 
# 
_entity_src_gen.entity_id                          1 
_entity_src_gen.pdbx_src_id                        1 
_entity_src_gen.pdbx_alt_source_flag               sample 
_entity_src_gen.pdbx_seq_type                      'Biological sequence' 
_entity_src_gen.pdbx_beg_seq_num                   1 
_entity_src_gen.pdbx_end_seq_num                   182 
_entity_src_gen.gene_src_common_name               ? 
_entity_src_gen.gene_src_genus                     ? 
_entity_src_gen.pdbx_gene_src_gene                 Vapar_1489 
_entity_src_gen.gene_src_species                   ? 
_entity_src_gen.gene_src_strain                    ? 
_entity_src_gen.gene_src_tissue                    ? 
_entity_src_gen.gene_src_tissue_fraction           ? 
_entity_src_gen.gene_src_details                   ? 
_entity_src_gen.pdbx_gene_src_fragment             ? 
_entity_src_gen.pdbx_gene_src_scientific_name      'Variovorax paradoxus' 
_entity_src_gen.pdbx_gene_src_ncbi_taxonomy_id     34073 
_entity_src_gen.pdbx_gene_src_variant              ? 
_entity_src_gen.pdbx_gene_src_cell_line            ? 
_entity_src_gen.pdbx_gene_src_atcc                 ? 
_entity_src_gen.pdbx_gene_src_organ                ? 
_entity_src_gen.pdbx_gene_src_organelle            ? 
_entity_src_gen.pdbx_gene_src_cell                 ? 
_entity_src_gen.pdbx_gene_src_cellular_location    ? 
_entity_src_gen.host_org_common_name               ? 
_entity_src_gen.pdbx_host_org_scientific_name      'Escherichia coli' 
_entity_src_gen.pdbx_host_org_ncbi_taxonomy_id     562 
_entity_src_gen.host_org_genus                     ? 
_entity_src_gen.pdbx_host_org_gene                 ? 
_entity_src_gen.pdbx_host_org_organ                ? 
_entity_src_gen.host_org_species                   ? 
_entity_src_gen.pdbx_host_org_tissue               ? 
_entity_src_gen.pdbx_host_org_tissue_fraction      ? 
_entity_src_gen.pdbx_host_org_strain               ? 
_entity_src_gen.pdbx_host_org_variant              ? 
_entity_src_gen.pdbx_host_org_cell_line            ? 
_entity_src_gen.pdbx_host_org_atcc                 ? 
_entity_src_gen.pdbx_host_org_culture_collection   ? 
_entity_src_gen.pdbx_host_org_cell                 ? 
_entity_src_gen.pdbx_host_org_organelle            ? 
_entity_src_gen.pdbx_host_org_cellular_location    ? 
_entity_src_gen.pdbx_host_org_vector_type          ? 
_entity_src_gen.pdbx_host_org_vector               ? 
_entity_src_gen.host_org_details                   ? 
_entity_src_gen.expression_system_id               ? 
_entity_src_gen.plasmid_name                       ? 
_entity_src_gen.plasmid_details                    ? 
_entity_src_gen.pdbx_description                   ? 
# 
_struct_ref.id                         1 
_struct_ref.db_name                    UNP 
_struct_ref.db_code                    C5CSP2_VARPS 
_struct_ref.pdbx_db_accession          C5CSP2 
_struct_ref.pdbx_db_isoform            ? 
_struct_ref.entity_id                  1 
_struct_ref.pdbx_seq_one_letter_code   
;MAEQPPETHRFVDDYLPALLAQASQLISSEFHEVARQHGFSVSEWRVMASLAGSEPISIGQLAQVTVTKQPTVTRLLDRM
EARGQVERLPHESDRRITLVRITRKGLKAVEHLMELAREHERRVLEPFGLRRAEELKQTLRQMIDLHVHVPVEEPEED
;
_struct_ref.pdbx_align_begin           1 
# 
_struct_ref_seq.align_id                      1 
_struct_ref_seq.ref_id                        1 
_struct_ref_seq.pdbx_PDB_id_code              7KJQ 
_struct_ref_seq.pdbx_strand_id                A 
_struct_ref_seq.seq_align_beg                 25 
_struct_ref_seq.pdbx_seq_align_beg_ins_code   ? 
_struct_ref_seq.seq_align_end                 182 
_struct_ref_seq.pdbx_seq_align_end_ins_code   ? 
_struct_ref_seq.pdbx_db_accession             C5CSP2 
_struct_ref_seq.db_align_beg                  1 
_struct_ref_seq.pdbx_db_align_beg_ins_code    ? 
_struct_ref_seq.db_align_end                  158 
_struct_ref_seq.pdbx_db_align_end_ins_code    ? 
_struct_ref_seq.pdbx_auth_seq_align_beg       1 
_struct_ref_seq.pdbx_auth_seq_align_end       158 
# 
loop_
_struct_ref_seq_dif.align_id 
_struct_ref_seq_dif.pdbx_pdb_id_code 
_struct_ref_seq_dif.mon_id 
_struct_ref_seq_dif.pdbx_pdb_strand_id 
_struct_ref_seq_dif.seq_num 
_struct_ref_seq_dif.pdbx_pdb_ins_code 
_struct_ref_seq_dif.pdbx_seq_db_name 
_struct_ref_seq_dif.pdbx_seq_db_accession_code 
_struct_ref_seq_dif.db_mon_id 
_struct_ref_seq_dif.pdbx_seq_db_seq_num 
_struct_ref_seq_dif.details 
_struct_ref_seq_dif.pdbx_auth_seq_num 
_struct_ref_seq_dif.pdbx_ordinal 
1 7KJQ MET A 1  ? UNP C5CSP2 ? ? 'initiating methionine' -23 1  
1 7KJQ HIS A 2  ? UNP C5CSP2 ? ? 'expression tag'        -22 2  
1 7KJQ HIS A 3  ? UNP C5CSP2 ? ? 'expression tag'        -21 3  
1 7KJQ HIS A 4  ? UNP C5CSP2 ? ? 'expression tag'        -20 4  
1 7KJQ HIS A 5  ? UNP C5CSP2 ? ? 'expression tag'        -19 5  
1 7KJQ HIS A 6  ? UNP C5CSP2 ? ? 'expression tag'        -18 6  
1 7KJQ HIS A 7  ? UNP C5CSP2 ? ? 'expression tag'        -17 7  
1 7KJQ SER A 8  ? UNP C5CSP2 ? ? 'expression tag'        -16 8  
1 7KJQ SER A 9  ? UNP C5CSP2 ? ? 'expression tag'        -15 9  
1 7KJQ GLY A 10 ? UNP C5CSP2 ? ? 'expression tag'        -14 10 
1 7KJQ VAL A 11 ? UNP C5CSP2 ? ? 'expression tag'        -13 11 
1 7KJQ ASP A 12 ? UNP C5CSP2 ? ? 'expression tag'        -12 12 
1 7KJQ LEU A 13 ? UNP C5CSP2 ? ? 'expression tag'        -11 13 
1 7KJQ GLY A 14 ? UNP C5CSP2 ? ? 'expression tag'        -10 14 
1 7KJQ THR A 15 ? UNP C5CSP2 ? ? 'expression tag'        -9  15 
1 7KJQ GLU A 16 ? UNP C5CSP2 ? ? 'expression tag'        -8  16 
1 7KJQ ASN A 17 ? UNP C5CSP2 ? ? 'expression tag'        -7  17 
1 7KJQ LEU A 18 ? UNP C5CSP2 ? ? 'expression tag'        -6  18 
1 7KJQ TYR A 19 ? UNP C5CSP2 ? ? 'expression tag'        -5  19 
1 7KJQ PHE A 20 ? UNP C5CSP2 ? ? 'expression tag'        -4  20 
1 7KJQ GLN A 21 ? UNP C5CSP2 ? ? 'expression tag'        -3  21 
1 7KJQ SER A 22 ? UNP C5CSP2 ? ? 'expression tag'        -2  22 
1 7KJQ ASN A 23 ? UNP C5CSP2 ? ? 'expression tag'        -1  23 
1 7KJQ ALA A 24 ? UNP C5CSP2 ? ? 'expression tag'        0   24 
# 
loop_
_chem_comp.id 
_chem_comp.type 
_chem_comp.mon_nstd_flag 
_chem_comp.name 
_chem_comp.pdbx_synonyms 
_chem_comp.formula 
_chem_comp.formula_weight 
ALA 'L-peptide linking' y ALANINE         ?                                                   'C3 H7 N O2'      89.093  
ARG 'L-peptide linking' y ARGININE        ?                                                   'C6 H15 N4 O2 1'  175.209 
ASN 'L-peptide linking' y ASPARAGINE      ?                                                   'C4 H8 N2 O3'     132.118 
ASP 'L-peptide linking' y 'ASPARTIC ACID' ?                                                   'C4 H7 N O4'      133.103 
GLN 'L-peptide linking' y GLUTAMINE       ?                                                   'C5 H10 N2 O3'    146.144 
GLU 'L-peptide linking' y 'GLUTAMIC ACID' ?                                                   'C5 H9 N O4'      147.129 
GLY 'peptide linking'   y GLYCINE         ?                                                   'C2 H5 N O2'      75.067  
HIS 'L-peptide linking' y HISTIDINE       ?                                                   'C6 H10 N3 O2 1'  156.162 
HOH non-polymer         . WATER           ?                                                   'H2 O'            18.015  
ILE 'L-peptide linking' y ISOLEUCINE      ?                                                   'C6 H13 N O2'     131.173 
LEU 'L-peptide linking' y LEUCINE         ?                                                   'C6 H13 N O2'     131.173 
LYS 'L-peptide linking' y LYSINE          ?                                                   'C6 H15 N2 O2 1'  147.195 
MET 'L-peptide linking' y METHIONINE      ?                                                   'C5 H11 N O2 S'   149.211 
PHE 'L-peptide linking' y PHENYLALANINE   ?                                                   'C9 H11 N O2'     165.189 
PRO 'L-peptide linking' y PROLINE         ?                                                   'C5 H9 N O2'      115.130 
SER 'L-peptide linking' y SERINE          ?                                                   'C3 H7 N O3'      105.093 
SO4 non-polymer         . 'SULFATE ION'   ?                                                   'O4 S -2'         96.063  
THR 'L-peptide linking' y THREONINE       ?                                                   'C4 H9 N O3'      119.119 
TRP 'L-peptide linking' y TRYPTOPHAN      ?                                                   'C11 H12 N2 O2'   204.225 
TYR 'L-peptide linking' y TYROSINE        ?                                                   'C9 H11 N O3'     181.189 
VAL 'L-peptide linking' y VALINE          ?                                                   'C5 H11 N O2'     117.146 
WOM non-polymer         . Picloram        '4-amino-3,5,6-trichloropyridine-2-carboxylic acid' 'C6 H3 Cl3 N2 O2' 241.459 
# 
_exptl.absorpt_coefficient_mu     ? 
_exptl.absorpt_correction_T_max   ? 
_exptl.absorpt_correction_T_min   ? 
_exptl.absorpt_correction_type    ? 
_exptl.absorpt_process_details    ? 
_exptl.entry_id                   7KJQ 
_exptl.crystals_number            1 
_exptl.details                    ? 
_exptl.method                     'X-RAY DIFFRACTION' 
_exptl.method_details             ? 
# 
_exptl_crystal.colour                      ? 
_exptl_crystal.density_diffrn              ? 
_exptl_crystal.density_Matthews            2.17 
_exptl_crystal.density_method              ? 
_exptl_crystal.density_percent_sol         43.32 
_exptl_crystal.description                 ? 
_exptl_crystal.F_000                       ? 
_exptl_crystal.id                          1 
_exptl_crystal.preparation                 ? 
_exptl_crystal.size_max                    ? 
_exptl_crystal.size_mid                    ? 
_exptl_crystal.size_min                    ? 
_exptl_crystal.size_rad                    ? 
_exptl_crystal.colour_lustre               ? 
_exptl_crystal.colour_modifier             ? 
_exptl_crystal.colour_primary              ? 
_exptl_crystal.density_meas                ? 
_exptl_crystal.density_meas_esd            ? 
_exptl_crystal.density_meas_gt             ? 
_exptl_crystal.density_meas_lt             ? 
_exptl_crystal.density_meas_temp           ? 
_exptl_crystal.density_meas_temp_esd       ? 
_exptl_crystal.density_meas_temp_gt        ? 
_exptl_crystal.density_meas_temp_lt        ? 
_exptl_crystal.pdbx_crystal_image_url      ? 
_exptl_crystal.pdbx_crystal_image_format   ? 
_exptl_crystal.pdbx_mosaicity              ? 
_exptl_crystal.pdbx_mosaicity_esd          ? 
# 
_exptl_crystal_grow.apparatus       ? 
_exptl_crystal_grow.atmosphere      ? 
_exptl_crystal_grow.crystal_id      1 
_exptl_crystal_grow.details         ? 
_exptl_crystal_grow.method          'VAPOR DIFFUSION, SITTING DROP' 
_exptl_crystal_grow.method_ref      ? 
_exptl_crystal_grow.pH              ? 
_exptl_crystal_grow.pressure        ? 
_exptl_crystal_grow.pressure_esd    ? 
_exptl_crystal_grow.seeding         ? 
_exptl_crystal_grow.seeding_ref     ? 
_exptl_crystal_grow.temp            293 
_exptl_crystal_grow.temp_details    ? 
_exptl_crystal_grow.temp_esd        ? 
_exptl_crystal_grow.time            ? 
_exptl_crystal_grow.pdbx_details    '0.2 M Ammonium Sulfate, 0.1 M HEPES: NaOH, pH 7.5, 25 % (w/v) PEG 3350' 
_exptl_crystal_grow.pdbx_pH_range   ? 
# 
_diffrn.ambient_environment              ? 
_diffrn.ambient_temp                     100 
_diffrn.ambient_temp_details             ? 
_diffrn.ambient_temp_esd                 ? 
_diffrn.crystal_id                       1 
_diffrn.crystal_support                  ? 
_diffrn.crystal_treatment                ? 
_diffrn.details                          ? 
_diffrn.id                               1 
_diffrn.ambient_pressure                 ? 
_diffrn.ambient_pressure_esd             ? 
_diffrn.ambient_pressure_gt              ? 
_diffrn.ambient_pressure_lt              ? 
_diffrn.ambient_temp_gt                  ? 
_diffrn.ambient_temp_lt                  ? 
_diffrn.pdbx_serial_crystal_experiment   N 
# 
_diffrn_detector.details                      ? 
_diffrn_detector.detector                     PIXEL 
_diffrn_detector.diffrn_id                    1 
_diffrn_detector.type                         'DECTRIS PILATUS3 6M' 
_diffrn_detector.area_resol_mean              ? 
_diffrn_detector.dtime                        ? 
_diffrn_detector.pdbx_frames_total            ? 
_diffrn_detector.pdbx_collection_time_total   ? 
_diffrn_detector.pdbx_collection_date         2020-03-04 
_diffrn_detector.pdbx_frequency               ? 
# 
_diffrn_radiation.collimation                      ? 
_diffrn_radiation.diffrn_id                        1 
_diffrn_radiation.filter_edge                      ? 
_diffrn_radiation.inhomogeneity                    ? 
_diffrn_radiation.monochromator                    ? 
_diffrn_radiation.polarisn_norm                    ? 
_diffrn_radiation.polarisn_ratio                   ? 
_diffrn_radiation.probe                            ? 
_diffrn_radiation.type                             ? 
_diffrn_radiation.xray_symbol                      ? 
_diffrn_radiation.wavelength_id                    1 
_diffrn_radiation.pdbx_monochromatic_or_laue_m_l   M 
_diffrn_radiation.pdbx_wavelength_list             ? 
_diffrn_radiation.pdbx_wavelength                  ? 
_diffrn_radiation.pdbx_diffrn_protocol             'SINGLE WAVELENGTH' 
_diffrn_radiation.pdbx_analyzer                    ? 
_diffrn_radiation.pdbx_scattering_type             x-ray 
# 
_diffrn_radiation_wavelength.id           1 
_diffrn_radiation_wavelength.wavelength   1.03318 
_diffrn_radiation_wavelength.wt           1.0 
# 
_diffrn_source.current                     ? 
_diffrn_source.details                     ? 
_diffrn_source.diffrn_id                   1 
_diffrn_source.power                       ? 
_diffrn_source.size                        ? 
_diffrn_source.source                      SYNCHROTRON 
_diffrn_source.target                      ? 
_diffrn_source.type                        'APS BEAMLINE 23-ID-D' 
_diffrn_source.voltage                     ? 
_diffrn_source.take-off_angle              ? 
_diffrn_source.pdbx_wavelength_list        1.03318 
_diffrn_source.pdbx_wavelength             ? 
_diffrn_source.pdbx_synchrotron_beamline   23-ID-D 
_diffrn_source.pdbx_synchrotron_site       APS 
# 
_reflns.B_iso_Wilson_estimate            19.32 
_reflns.entry_id                         7KJQ 
_reflns.data_reduction_details           ? 
_reflns.data_reduction_method            ? 
_reflns.d_resolution_high                1.35 
_reflns.d_resolution_low                 45.61 
_reflns.details                          ? 
_reflns.limit_h_max                      ? 
_reflns.limit_h_min                      ? 
_reflns.limit_k_max                      ? 
_reflns.limit_k_min                      ? 
_reflns.limit_l_max                      ? 
_reflns.limit_l_min                      ? 
_reflns.number_all                       ? 
_reflns.number_obs                       39735 
_reflns.observed_criterion               ? 
_reflns.observed_criterion_F_max         ? 
_reflns.observed_criterion_F_min         ? 
_reflns.observed_criterion_I_max         ? 
_reflns.observed_criterion_I_min         ? 
_reflns.observed_criterion_sigma_F       ? 
_reflns.observed_criterion_sigma_I       ? 
_reflns.percent_possible_obs             98.94 
_reflns.R_free_details                   ? 
_reflns.Rmerge_F_all                     ? 
_reflns.Rmerge_F_obs                     ? 
_reflns.Friedel_coverage                 ? 
_reflns.number_gt                        ? 
_reflns.threshold_expression             ? 
_reflns.pdbx_redundancy                  2.0 
_reflns.pdbx_Rmerge_I_obs                ? 
_reflns.pdbx_Rmerge_I_all                ? 
_reflns.pdbx_Rsym_value                  ? 
_reflns.pdbx_netI_over_av_sigmaI         ? 
_reflns.pdbx_netI_over_sigmaI            21.52 
_reflns.pdbx_res_netI_over_av_sigmaI_2   ? 
_reflns.pdbx_res_netI_over_sigmaI_2      ? 
_reflns.pdbx_chi_squared                 ? 
_reflns.pdbx_scaling_rejects             ? 
_reflns.pdbx_d_res_high_opt              ? 
_reflns.pdbx_d_res_low_opt               ? 
_reflns.pdbx_d_res_opt_method            ? 
_reflns.phase_calculation_details        ? 
_reflns.pdbx_Rrim_I_all                  ? 
_reflns.pdbx_Rpim_I_all                  ? 
_reflns.pdbx_d_opt                       ? 
_reflns.pdbx_number_measured_all         ? 
_reflns.pdbx_diffrn_id                   1 
_reflns.pdbx_ordinal                     1 
_reflns.pdbx_CC_half                     1 
_reflns.pdbx_CC_star                     ? 
_reflns.pdbx_R_split                     ? 
# 
_reflns_shell.d_res_high                  1.35 
_reflns_shell.d_res_low                   1.398 
_reflns_shell.meanI_over_sigI_all         ? 
_reflns_shell.meanI_over_sigI_obs         ? 
_reflns_shell.number_measured_all         ? 
_reflns_shell.number_measured_obs         ? 
_reflns_shell.number_possible             ? 
_reflns_shell.number_unique_all           ? 
_reflns_shell.number_unique_obs           3894 
_reflns_shell.percent_possible_all        ? 
_reflns_shell.percent_possible_obs        ? 
_reflns_shell.Rmerge_F_all                ? 
_reflns_shell.Rmerge_F_obs                ? 
_reflns_shell.Rmerge_I_all                ? 
_reflns_shell.Rmerge_I_obs                ? 
_reflns_shell.meanI_over_sigI_gt          ? 
_reflns_shell.meanI_over_uI_all           ? 
_reflns_shell.meanI_over_uI_gt            ? 
_reflns_shell.number_measured_gt          ? 
_reflns_shell.number_unique_gt            ? 
_reflns_shell.percent_possible_gt         ? 
_reflns_shell.Rmerge_F_gt                 ? 
_reflns_shell.Rmerge_I_gt                 ? 
_reflns_shell.pdbx_redundancy             ? 
_reflns_shell.pdbx_Rsym_value             ? 
_reflns_shell.pdbx_chi_squared            ? 
_reflns_shell.pdbx_netI_over_sigmaI_all   ? 
_reflns_shell.pdbx_netI_over_sigmaI_obs   ? 
_reflns_shell.pdbx_Rrim_I_all             ? 
_reflns_shell.pdbx_Rpim_I_all             ? 
_reflns_shell.pdbx_rejects                ? 
_reflns_shell.pdbx_ordinal                1 
_reflns_shell.pdbx_diffrn_id              1 
_reflns_shell.pdbx_CC_half                0.801 
_reflns_shell.pdbx_CC_star                ? 
_reflns_shell.pdbx_R_split                ? 
# 
_refine.aniso_B[1][1]                            ? 
_refine.aniso_B[1][2]                            ? 
_refine.aniso_B[1][3]                            ? 
_refine.aniso_B[2][2]                            ? 
_refine.aniso_B[2][3]                            ? 
_refine.aniso_B[3][3]                            ? 
_refine.B_iso_max                                ? 
_refine.B_iso_mean                               27.81 
_refine.B_iso_min                                ? 
_refine.correlation_coeff_Fo_to_Fc               ? 
_refine.correlation_coeff_Fo_to_Fc_free          ? 
_refine.details                                  ? 
_refine.diff_density_max                         ? 
_refine.diff_density_max_esd                     ? 
_refine.diff_density_min                         ? 
_refine.diff_density_min_esd                     ? 
_refine.diff_density_rms                         ? 
_refine.diff_density_rms_esd                     ? 
_refine.entry_id                                 7KJQ 
_refine.pdbx_refine_id                           'X-RAY DIFFRACTION' 
_refine.ls_abs_structure_details                 ? 
_refine.ls_abs_structure_Flack                   ? 
_refine.ls_abs_structure_Flack_esd               ? 
_refine.ls_abs_structure_Rogers                  ? 
_refine.ls_abs_structure_Rogers_esd              ? 
_refine.ls_d_res_high                            1.35 
_refine.ls_d_res_low                             40.64 
_refine.ls_extinction_coef                       ? 
_refine.ls_extinction_coef_esd                   ? 
_refine.ls_extinction_expression                 ? 
_refine.ls_extinction_method                     ? 
_refine.ls_goodness_of_fit_all                   ? 
_refine.ls_goodness_of_fit_all_esd               ? 
_refine.ls_goodness_of_fit_obs                   ? 
_refine.ls_goodness_of_fit_obs_esd               ? 
_refine.ls_hydrogen_treatment                    ? 
_refine.ls_matrix_type                           ? 
_refine.ls_number_constraints                    ? 
_refine.ls_number_parameters                     ? 
_refine.ls_number_reflns_all                     ? 
_refine.ls_number_reflns_obs                     39734 
_refine.ls_number_reflns_R_free                  2003 
_refine.ls_number_reflns_R_work                  37731 
_refine.ls_number_restraints                     ? 
_refine.ls_percent_reflns_obs                    98.95 
_refine.ls_percent_reflns_R_free                 5.04 
_refine.ls_R_factor_all                          ? 
_refine.ls_R_factor_obs                          0.1753 
_refine.ls_R_factor_R_free                       0.1857 
_refine.ls_R_factor_R_free_error                 ? 
_refine.ls_R_factor_R_free_error_details         ? 
_refine.ls_R_factor_R_work                       0.1747 
_refine.ls_R_Fsqd_factor_obs                     ? 
_refine.ls_R_I_factor_obs                        ? 
_refine.ls_redundancy_reflns_all                 ? 
_refine.ls_redundancy_reflns_obs                 ? 
_refine.ls_restrained_S_all                      ? 
_refine.ls_restrained_S_obs                      ? 
_refine.ls_shift_over_esd_max                    ? 
_refine.ls_shift_over_esd_mean                   ? 
_refine.ls_structure_factor_coef                 ? 
_refine.ls_weighting_details                     ? 
_refine.ls_weighting_scheme                      ? 
_refine.ls_wR_factor_all                         ? 
_refine.ls_wR_factor_obs                         ? 
_refine.ls_wR_factor_R_free                      ? 
_refine.ls_wR_factor_R_work                      ? 
_refine.occupancy_max                            ? 
_refine.occupancy_min                            ? 
_refine.solvent_model_details                    'FLAT BULK SOLVENT MODEL' 
_refine.solvent_model_param_bsol                 ? 
_refine.solvent_model_param_ksol                 ? 
_refine.pdbx_R_complete                          ? 
_refine.ls_R_factor_gt                           ? 
_refine.ls_goodness_of_fit_gt                    ? 
_refine.ls_goodness_of_fit_ref                   ? 
_refine.ls_shift_over_su_max                     ? 
_refine.ls_shift_over_su_max_lt                  ? 
_refine.ls_shift_over_su_mean                    ? 
_refine.ls_shift_over_su_mean_lt                 ? 
_refine.pdbx_ls_sigma_I                          ? 
_refine.pdbx_ls_sigma_F                          1.34 
_refine.pdbx_ls_sigma_Fsqd                       ? 
_refine.pdbx_data_cutoff_high_absF               ? 
_refine.pdbx_data_cutoff_high_rms_absF           ? 
_refine.pdbx_data_cutoff_low_absF                ? 
_refine.pdbx_isotropic_thermal_model             ? 
_refine.pdbx_ls_cross_valid_method               'FREE R-VALUE' 
_refine.pdbx_method_to_determine_struct          'MOLECULAR REPLACEMENT' 
_refine.pdbx_starting_model                      7KFO 
_refine.pdbx_stereochemistry_target_values       'GeoStd + Monomer Library + CDL v1.2' 
_refine.pdbx_R_Free_selection_details            ? 
_refine.pdbx_stereochem_target_val_spec_case     ? 
_refine.pdbx_overall_ESU_R                       ? 
_refine.pdbx_overall_ESU_R_Free                  ? 
_refine.pdbx_solvent_vdw_probe_radii             1.1100 
_refine.pdbx_solvent_ion_probe_radii             ? 
_refine.pdbx_solvent_shrinkage_radii             0.9000 
_refine.pdbx_real_space_R                        ? 
_refine.pdbx_density_correlation                 ? 
_refine.pdbx_pd_number_of_powder_patterns        ? 
_refine.pdbx_pd_number_of_points                 ? 
_refine.pdbx_pd_meas_number_of_points            ? 
_refine.pdbx_pd_proc_ls_prof_R_factor            ? 
_refine.pdbx_pd_proc_ls_prof_wR_factor           ? 
_refine.pdbx_pd_Marquardt_correlation_coeff      ? 
_refine.pdbx_pd_Fsqrd_R_factor                   ? 
_refine.pdbx_pd_ls_matrix_band_width             ? 
_refine.pdbx_overall_phase_error                 20.4179 
_refine.pdbx_overall_SU_R_free_Cruickshank_DPI   ? 
_refine.pdbx_overall_SU_R_free_Blow_DPI          ? 
_refine.pdbx_overall_SU_R_Blow_DPI               ? 
_refine.pdbx_TLS_residual_ADP_flag               ? 
_refine.pdbx_diffrn_id                           1 
_refine.overall_SU_B                             ? 
_refine.overall_SU_ML                            0.1478 
_refine.overall_SU_R_Cruickshank_DPI             ? 
_refine.overall_SU_R_free                        ? 
_refine.overall_FOM_free_R_set                   ? 
_refine.overall_FOM_work_R_set                   ? 
_refine.pdbx_average_fsc_overall                 ? 
_refine.pdbx_average_fsc_work                    ? 
_refine.pdbx_average_fsc_free                    ? 
# 
_refine_hist.pdbx_refine_id                   'X-RAY DIFFRACTION' 
_refine_hist.cycle_id                         LAST 
_refine_hist.details                          ? 
_refine_hist.d_res_high                       1.35 
_refine_hist.d_res_low                        40.64 
_refine_hist.number_atoms_solvent             150 
_refine_hist.number_atoms_total               1313 
_refine_hist.number_reflns_all                ? 
_refine_hist.number_reflns_obs                ? 
_refine_hist.number_reflns_R_free             ? 
_refine_hist.number_reflns_R_work             ? 
_refine_hist.R_factor_all                     ? 
_refine_hist.R_factor_obs                     ? 
_refine_hist.R_factor_R_free                  ? 
_refine_hist.R_factor_R_work                  ? 
_refine_hist.pdbx_number_residues_total       ? 
_refine_hist.pdbx_B_iso_mean_ligand           ? 
_refine_hist.pdbx_B_iso_mean_solvent          ? 
_refine_hist.pdbx_number_atoms_protein        1135 
_refine_hist.pdbx_number_atoms_nucleic_acid   0 
_refine_hist.pdbx_number_atoms_ligand         28 
_refine_hist.pdbx_number_atoms_lipid          ? 
_refine_hist.pdbx_number_atoms_carb           ? 
_refine_hist.pdbx_pseudo_atom_details         ? 
# 
loop_
_refine_ls_restr.pdbx_refine_id 
_refine_ls_restr.criterion 
_refine_ls_restr.dev_ideal 
_refine_ls_restr.dev_ideal_target 
_refine_ls_restr.number 
_refine_ls_restr.rejects 
_refine_ls_restr.type 
_refine_ls_restr.weight 
_refine_ls_restr.pdbx_restraint_function 
'X-RAY DIFFRACTION' ? 0.0062  ? 1387 ? f_bond_d           ? ? 
'X-RAY DIFFRACTION' ? 0.8130  ? 1900 ? f_angle_d          ? ? 
'X-RAY DIFFRACTION' ? 0.0662  ? 205  ? f_chiral_restr     ? ? 
'X-RAY DIFFRACTION' ? 0.0048  ? 258  ? f_plane_restr      ? ? 
'X-RAY DIFFRACTION' ? 31.0853 ? 204  ? f_dihedral_angle_d ? ? 
# 
loop_
_refine_ls_shell.pdbx_refine_id 
_refine_ls_shell.d_res_high 
_refine_ls_shell.d_res_low 
_refine_ls_shell.number_reflns_all 
_refine_ls_shell.number_reflns_obs 
_refine_ls_shell.number_reflns_R_free 
_refine_ls_shell.number_reflns_R_work 
_refine_ls_shell.percent_reflns_obs 
_refine_ls_shell.percent_reflns_R_free 
_refine_ls_shell.R_factor_all 
_refine_ls_shell.R_factor_obs 
_refine_ls_shell.R_factor_R_free 
_refine_ls_shell.R_factor_R_free_error 
_refine_ls_shell.R_factor_R_work 
_refine_ls_shell.redundancy_reflns_all 
_refine_ls_shell.redundancy_reflns_obs 
_refine_ls_shell.wR_factor_all 
_refine_ls_shell.wR_factor_obs 
_refine_ls_shell.wR_factor_R_free 
_refine_ls_shell.wR_factor_R_work 
_refine_ls_shell.pdbx_R_complete 
_refine_ls_shell.pdbx_total_number_of_bins_used 
_refine_ls_shell.pdbx_phase_error 
_refine_ls_shell.pdbx_fsc_work 
_refine_ls_shell.pdbx_fsc_free 
'X-RAY DIFFRACTION' 1.35 1.38  . . 135 2663 97.53 . . . 0.2844 . 0.2723 . . . . . . . . . . . 
'X-RAY DIFFRACTION' 1.38 1.42  . . 142 2642 99.29 . . . 0.2665 . 0.2499 . . . . . . . . . . . 
'X-RAY DIFFRACTION' 1.42 1.46  . . 144 2677 99.47 . . . 0.2653 . 0.2256 . . . . . . . . . . . 
'X-RAY DIFFRACTION' 1.46 1.51  . . 140 2691 99.47 . . . 0.2330 . 0.2083 . . . . . . . . . . . 
'X-RAY DIFFRACTION' 1.51 1.56  . . 144 2681 99.54 . . . 0.2085 . 0.1916 . . . . . . . . . . . 
'X-RAY DIFFRACTION' 1.56 1.63  . . 143 2696 99.16 . . . 0.2215 . 0.1907 . . . . . . . . . . . 
'X-RAY DIFFRACTION' 1.63 1.70  . . 145 2655 99.12 . . . 0.2206 . 0.1953 . . . . . . . . . . . 
'X-RAY DIFFRACTION' 1.70 1.79  . . 139 2695 99.44 . . . 0.2035 . 0.1933 . . . . . . . . . . . 
'X-RAY DIFFRACTION' 1.79 1.90  . . 142 2715 99.41 . . . 0.2126 . 0.1875 . . . . . . . . . . . 
'X-RAY DIFFRACTION' 1.90 2.05  . . 143 2707 98.99 . . . 0.1827 . 0.1798 . . . . . . . . . . . 
'X-RAY DIFFRACTION' 2.05 2.26  . . 142 2681 99.09 . . . 0.2200 . 0.1718 . . . . . . . . . . . 
'X-RAY DIFFRACTION' 2.26 2.58  . . 146 2724 98.83 . . . 0.1960 . 0.1697 . . . . . . . . . . . 
'X-RAY DIFFRACTION' 2.58 3.25  . . 148 2714 98.38 . . . 0.1943 . 0.1726 . . . . . . . . . . . 
'X-RAY DIFFRACTION' 3.25 40.64 . . 150 2790 97.74 . . . 0.1430 . 0.1559 . . . . . . . . . . . 
# 
_struct.entry_id                     7KJQ 
_struct.title                        
'Crystal structure of the MarR family transcriptional regulator from Variovorax paradoxus bound to Picloram' 
_struct.pdbx_model_details           ? 
_struct.pdbx_formula_weight          ? 
_struct.pdbx_formula_weight_method   ? 
_struct.pdbx_model_type_details      ? 
_struct.pdbx_CASP_flag               N 
# 
_struct_keywords.entry_id        7KJQ 
_struct_keywords.text            'Transcriptional Regulator, Ligand Binding, DNA BINDING PROTEIN' 
_struct_keywords.pdbx_keywords   'DNA BINDING PROTEIN' 
# 
loop_
_struct_asym.id 
_struct_asym.pdbx_blank_PDB_chainid_flag 
_struct_asym.pdbx_modified 
_struct_asym.entity_id 
_struct_asym.details 
A N N 1 ? 
B N N 2 ? 
C N N 3 ? 
D N N 3 ? 
E N N 3 ? 
F N N 4 ? 
# 
loop_
_struct_conf.conf_type_id 
_struct_conf.id 
_struct_conf.pdbx_PDB_helix_id 
_struct_conf.beg_label_comp_id 
_struct_conf.beg_label_asym_id 
_struct_conf.beg_label_seq_id 
_struct_conf.pdbx_beg_PDB_ins_code 
_struct_conf.end_label_comp_id 
_struct_conf.end_label_asym_id 
_struct_conf.end_label_seq_id 
_struct_conf.pdbx_end_PDB_ins_code 
_struct_conf.beg_auth_comp_id 
_struct_conf.beg_auth_asym_id 
_struct_conf.beg_auth_seq_id 
_struct_conf.end_auth_comp_id 
_struct_conf.end_auth_asym_id 
_struct_conf.end_auth_seq_id 
_struct_conf.pdbx_PDB_helix_class 
_struct_conf.details 
_struct_conf.pdbx_PDB_helix_length 
HELX_P HELX_P1 AA1 ARG A 34  ? ASP A 38  ? ARG A 10  ASP A 14  5 ? 5  
HELX_P HELX_P2 AA2 TYR A 39  ? HIS A 62  ? TYR A 15  HIS A 38  1 ? 24 
HELX_P HELX_P3 AA3 SER A 65  ? ALA A 76  ? SER A 41  ALA A 52  1 ? 12 
HELX_P HELX_P4 AA4 ILE A 83  ? THR A 90  ? ILE A 59  THR A 66  1 ? 8  
HELX_P HELX_P5 AA5 LYS A 93  ? ARG A 107 ? LYS A 69  ARG A 83  1 ? 15 
HELX_P HELX_P6 AA6 THR A 127 ? GLU A 150 ? THR A 103 GLU A 126 1 ? 24 
HELX_P HELX_P7 AA7 PHE A 152 ? VAL A 172 ? PHE A 128 VAL A 148 1 ? 21 
# 
_struct_conf_type.id          HELX_P 
_struct_conf_type.criteria    ? 
_struct_conf_type.reference   ? 
# 
_struct_sheet.id               AA1 
_struct_sheet.type             ? 
_struct_sheet.number_strands   3 
_struct_sheet.details          ? 
# 
loop_
_struct_sheet_order.sheet_id 
_struct_sheet_order.range_id_1 
_struct_sheet_order.range_id_2 
_struct_sheet_order.offset 
_struct_sheet_order.sense 
AA1 1 2 ? anti-parallel 
AA1 2 3 ? anti-parallel 
# 
loop_
_struct_sheet_range.sheet_id 
_struct_sheet_range.id 
_struct_sheet_range.beg_label_comp_id 
_struct_sheet_range.beg_label_asym_id 
_struct_sheet_range.beg_label_seq_id 
_struct_sheet_range.pdbx_beg_PDB_ins_code 
_struct_sheet_range.end_label_comp_id 
_struct_sheet_range.end_label_asym_id 
_struct_sheet_range.end_label_seq_id 
_struct_sheet_range.pdbx_end_PDB_ins_code 
_struct_sheet_range.beg_auth_comp_id 
_struct_sheet_range.beg_auth_asym_id 
_struct_sheet_range.beg_auth_seq_id 
_struct_sheet_range.end_auth_comp_id 
_struct_sheet_range.end_auth_asym_id 
_struct_sheet_range.end_auth_seq_id 
AA1 1 ILE A 81  ? SER A 82  ? ILE A 57 SER A 58  
AA1 2 THR A 122 ? ILE A 126 ? THR A 98 ILE A 102 
AA1 3 VAL A 110 ? PRO A 114 ? VAL A 86 PRO A 90  
# 
loop_
_pdbx_struct_sheet_hbond.sheet_id 
_pdbx_struct_sheet_hbond.range_id_1 
_pdbx_struct_sheet_hbond.range_id_2 
_pdbx_struct_sheet_hbond.range_1_label_atom_id 
_pdbx_struct_sheet_hbond.range_1_label_comp_id 
_pdbx_struct_sheet_hbond.range_1_label_asym_id 
_pdbx_struct_sheet_hbond.range_1_label_seq_id 
_pdbx_struct_sheet_hbond.range_1_PDB_ins_code 
_pdbx_struct_sheet_hbond.range_1_auth_atom_id 
_pdbx_struct_sheet_hbond.range_1_auth_comp_id 
_pdbx_struct_sheet_hbond.range_1_auth_asym_id 
_pdbx_struct_sheet_hbond.range_1_auth_seq_id 
_pdbx_struct_sheet_hbond.range_2_label_atom_id 
_pdbx_struct_sheet_hbond.range_2_label_comp_id 
_pdbx_struct_sheet_hbond.range_2_label_asym_id 
_pdbx_struct_sheet_hbond.range_2_label_seq_id 
_pdbx_struct_sheet_hbond.range_2_PDB_ins_code 
_pdbx_struct_sheet_hbond.range_2_auth_atom_id 
_pdbx_struct_sheet_hbond.range_2_auth_comp_id 
_pdbx_struct_sheet_hbond.range_2_auth_asym_id 
_pdbx_struct_sheet_hbond.range_2_auth_seq_id 
AA1 1 2 N ILE A 81  ? N ILE A 57 O VAL A 124 ? O VAL A 100 
AA1 2 3 O LEU A 123 ? O LEU A 99 N LEU A 113 ? N LEU A 89  
# 
loop_
_struct_site.id 
_struct_site.pdbx_evidence_code 
_struct_site.pdbx_auth_asym_id 
_struct_site.pdbx_auth_comp_id 
_struct_site.pdbx_auth_seq_id 
_struct_site.pdbx_auth_ins_code 
_struct_site.pdbx_num_residues 
_struct_site.details 
AC1 Software A WOM 201 ? 14 'binding site for residue WOM A 201' 
AC2 Software A SO4 202 ? 12 'binding site for residue SO4 A 202' 
AC3 Software A SO4 203 ? 7  'binding site for residue SO4 A 203' 
AC4 Software A SO4 204 ? 6  'binding site for residue SO4 A 204' 
# 
loop_
_struct_site_gen.id 
_struct_site_gen.site_id 
_struct_site_gen.pdbx_num_res 
_struct_site_gen.label_comp_id 
_struct_site_gen.label_asym_id 
_struct_site_gen.label_seq_id 
_struct_site_gen.pdbx_auth_ins_code 
_struct_site_gen.auth_comp_id 
_struct_site_gen.auth_asym_id 
_struct_site_gen.auth_seq_id 
_struct_site_gen.label_atom_id 
_struct_site_gen.label_alt_id 
_struct_site_gen.symmetry 
_struct_site_gen.details 
1  AC1 14 VAL A 36  ? VAL A 12  . ? 2_565  ? 
2  AC1 14 PRO A 41  ? PRO A 17  . ? 2_565  ? 
3  AC1 14 ALA A 42  ? ALA A 18  . ? 2_565  ? 
4  AC1 14 ALA A 45  ? ALA A 21  . ? 2_565  ? 
5  AC1 14 SER A 52  ? SER A 28  . ? 1_555  ? 
6  AC1 14 HIS A 56  ? HIS A 32  . ? 1_555  ? 
7  AC1 14 TRP A 69  ? TRP A 45  . ? 1_555  ? 
8  AC1 14 ARG A 70  ? ARG A 46  . ? 1_555  ? 
9  AC1 14 ALA A 73  ? ALA A 49  . ? 1_555  ? 
10 AC1 14 SER A 74  ? SER A 50  . ? 1_555  ? 
11 AC1 14 VAL A 89  ? VAL A 65  . ? 1_555  ? 
12 AC1 14 THR A 90  ? THR A 66  . ? 1_555  ? 
13 AC1 14 VAL A 91  ? VAL A 67  . ? 1_555  ? 
14 AC1 14 HOH F .   ? HOH A 361 . ? 1_555  ? 
15 AC2 12 ARG A 125 ? ARG A 101 . ? 14_555 ? 
16 AC2 12 ARG A 125 ? ARG A 101 . ? 1_555  ? 
17 AC2 12 THR A 127 ? THR A 103 . ? 14_555 ? 
18 AC2 12 THR A 127 ? THR A 103 . ? 1_555  ? 
19 AC2 12 ARG A 128 ? ARG A 104 . ? 14_555 ? 
20 AC2 12 ARG A 128 ? ARG A 104 . ? 1_555  ? 
21 AC2 12 HOH F .   ? HOH A 311 . ? 14_555 ? 
22 AC2 12 HOH F .   ? HOH A 311 . ? 1_555  ? 
23 AC2 12 HOH F .   ? HOH A 319 . ? 1_555  ? 
24 AC2 12 HOH F .   ? HOH A 319 . ? 14_555 ? 
25 AC2 12 HOH F .   ? HOH A 388 . ? 14_555 ? 
26 AC2 12 HOH F .   ? HOH A 388 . ? 1_555  ? 
27 AC3 7  ARG A 60  ? ARG A 36  . ? 1_555  ? 
28 AC3 7  VAL A 66  ? VAL A 42  . ? 1_555  ? 
29 AC3 7  ARG A 103 ? ARG A 79  . ? 3_556  ? 
30 AC3 7  HOH F .   ? HOH A 312 . ? 1_555  ? 
31 AC3 7  HOH F .   ? HOH A 314 . ? 1_555  ? 
32 AC3 7  HOH F .   ? HOH A 350 . ? 1_555  ? 
33 AC3 7  HOH F .   ? HOH A 394 . ? 1_555  ? 
34 AC4 6  GLY A 63  ? GLY A 39  . ? 1_555  ? 
35 AC4 6  PHE A 64  ? PHE A 40  . ? 1_555  ? 
36 AC4 6  ARG A 107 ? ARG A 83  . ? 3_556  ? 
37 AC4 6  ARG A 107 ? ARG A 83  . ? 1_555  ? 
38 AC4 6  GLN A 109 ? GLN A 85  . ? 1_555  ? 
39 AC4 6  HOH F .   ? HOH A 335 . ? 1_555  ? 
# 
_atom_sites.entry_id                    7KJQ 
_atom_sites.Cartn_transf_matrix[1][1]   ? 
_atom_sites.Cartn_transf_matrix[1][2]   ? 
_atom_sites.Cartn_transf_matrix[1][3]   ? 
_atom_sites.Cartn_transf_matrix[2][1]   ? 
_atom_sites.Cartn_transf_matrix[2][2]   ? 
_atom_sites.Cartn_transf_matrix[2][3]   ? 
_atom_sites.Cartn_transf_matrix[3][1]   ? 
_atom_sites.Cartn_transf_matrix[3][2]   ? 
_atom_sites.Cartn_transf_matrix[3][3]   ? 
_atom_sites.Cartn_transf_vector[1]      ? 
_atom_sites.Cartn_transf_vector[2]      ? 
_atom_sites.Cartn_transf_vector[3]      ? 
_atom_sites.fract_transf_matrix[1][1]   0.00857302 
_atom_sites.fract_transf_matrix[1][2]   0.01124556 
_atom_sites.fract_transf_matrix[1][3]   -0.01137819 
_atom_sites.fract_transf_matrix[2][1]   0.00375605 
_atom_sites.fract_transf_matrix[2][2]   0.00399770 
_atom_sites.fract_transf_matrix[2][3]   0.00678114 
_atom_sites.fract_transf_matrix[3][1]   0.00667229 
_atom_sites.fract_transf_matrix[3][2]   -0.00552837 
_atom_sites.fract_transf_matrix[3][3]   -0.00043661 
_atom_sites.fract_transf_vector[1]      0.074681 
_atom_sites.fract_transf_vector[2]      0.407401 
_atom_sites.fract_transf_vector[3]      0.373720 
_atom_sites.solution_primary            ? 
_atom_sites.solution_secondary          ? 
_atom_sites.solution_hydrogens          ? 
_atom_sites.special_details             ? 
# 
loop_
_atom_type.symbol 
_atom_type.scat_dispersion_real 
_atom_type.scat_dispersion_imag 
_atom_type.scat_Cromer_Mann_a1 
_atom_type.scat_Cromer_Mann_a2 
_atom_type.scat_Cromer_Mann_a3 
_atom_type.scat_Cromer_Mann_a4 
_atom_type.scat_Cromer_Mann_b1 
_atom_type.scat_Cromer_Mann_b2 
_atom_type.scat_Cromer_Mann_b3 
_atom_type.scat_Cromer_Mann_b4 
_atom_type.scat_Cromer_Mann_c 
_atom_type.scat_source 
_atom_type.scat_dispersion_source 
C  ? ? 3.54356 2.42580 ? ? 25.62398 1.50364  ? ? 0.0 
;2-Gaussian fit: Grosse-Kunstleve RW, Sauter NK, Adams PD: Newsletter of the IUCr Commission on Crystallographic Computing 2004, 3, 22-31.
;
? 
CL ? ? 9.50761 7.44341 ? ? 1.04373  23.83732 ? ? 0.0 
;2-Gaussian fit: Grosse-Kunstleve RW, Sauter NK, Adams PD: Newsletter of the IUCr Commission on Crystallographic Computing 2004, 3, 22-31.
;
? 
H  ? ? 0.51345 0.48472 ? ? 24.73122 6.32584  ? ? 0.0 
;2-Gaussian fit: Grosse-Kunstleve RW, Sauter NK, Adams PD: Newsletter of the IUCr Commission on Crystallographic Computing 2004, 3, 22-31.
;
? 
N  ? ? 4.01032 2.96436 ? ? 19.97189 1.75589  ? ? 0.0 
;2-Gaussian fit: Grosse-Kunstleve RW, Sauter NK, Adams PD: Newsletter of the IUCr Commission on Crystallographic Computing 2004, 3, 22-31.
;
? 
O  ? ? 4.49882 3.47563 ? ? 15.80542 1.70748  ? ? 0.0 
;2-Gaussian fit: Grosse-Kunstleve RW, Sauter NK, Adams PD: Newsletter of the IUCr Commission on Crystallographic Computing 2004, 3, 22-31.
;
? 
S  ? ? 9.55732 6.39887 ? ? 1.23737  29.19336 ? ? 0.0 
;2-Gaussian fit: Grosse-Kunstleve RW, Sauter NK, Adams PD: Newsletter of the IUCr Commission on Crystallographic Computing 2004, 3, 22-31.
;
? 
# 
loop_
_atom_site.group_PDB 
_atom_site.id 
_atom_site.type_symbol 
_atom_site.label_atom_id 
_atom_site.label_alt_id 
_atom_site.label_comp_id 
_atom_site.label_asym_id 
_atom_site.label_entity_id 
_atom_site.label_seq_id 
_atom_site.pdbx_PDB_ins_code 
_atom_site.Cartn_x 
_atom_site.Cartn_y 
_atom_site.Cartn_z 
_atom_site.occupancy 
_atom_site.B_iso_or_equiv 
_atom_site.pdbx_formal_charge 
_atom_site.auth_seq_id 
_atom_site.auth_comp_id 
_atom_site.auth_asym_id 
_atom_site.auth_atom_id 
_atom_site.pdbx_PDB_model_num 
ATOM   1    N  N    A ARG A 1 34  ? -1.13477  9.76105   31.13134  0.578 42.50607  ? 10  ARG A N    1 
ATOM   2    N  N    B ARG A 1 34  ? -1.25925  9.85738   31.07686  0.422 42.41260  ? 10  ARG A N    1 
ATOM   3    C  CA   A ARG A 1 34  ? -0.10193  8.92404   30.53220  0.578 36.64107  ? 10  ARG A CA   1 
ATOM   4    C  CA   B ARG A 1 34  ? -0.17485  9.05013   30.52956  0.422 36.71920  ? 10  ARG A CA   1 
ATOM   5    C  C    A ARG A 1 34  ? 0.23553   9.40828   29.12022  0.578 27.96137  ? 10  ARG A C    1 
ATOM   6    C  C    B ARG A 1 34  ? 0.19829   9.51282   29.12000  0.422 28.06686  ? 10  ARG A C    1 
ATOM   7    O  O    A ARG A 1 34  ? -0.58921  9.32758   28.21870  0.578 27.05390  ? 10  ARG A O    1 
ATOM   8    O  O    B ARG A 1 34  ? -0.62996  9.50404   28.21448  0.422 27.73997  ? 10  ARG A O    1 
ATOM   9    C  CB   A ARG A 1 34  ? -0.55937  7.46602   30.50069  0.578 37.61454  ? 10  ARG A CB   1 
ATOM   10   C  CB   B ARG A 1 34  ? -0.56581  7.57289   30.52291  0.422 37.61803  ? 10  ARG A CB   1 
ATOM   11   C  CG   A ARG A 1 34  ? 0.56799   6.45621   30.43932  0.578 40.11844  ? 10  ARG A CG   1 
ATOM   12   C  CG   B ARG A 1 34  ? 0.46757   6.65590   29.90484  0.422 36.53496  ? 10  ARG A CG   1 
ATOM   13   C  CD   A ARG A 1 34  ? 0.08014   5.06706   30.83568  0.578 36.30497  ? 10  ARG A CD   1 
ATOM   14   C  CD   B ARG A 1 34  ? 0.52222   5.32944   30.64474  0.422 36.99838  ? 10  ARG A CD   1 
ATOM   15   N  NE   A ARG A 1 34  ? -1.13630  4.69322   30.12029  0.578 34.78744  ? 10  ARG A NE   1 
ATOM   16   N  NE   B ARG A 1 34  ? 1.27792   4.31785   29.91337  0.422 30.26165  ? 10  ARG A NE   1 
ATOM   17   C  CZ   A ARG A 1 34  ? -1.80942  3.56611   30.32758  0.578 39.75152  ? 10  ARG A CZ   1 
ATOM   18   C  CZ   B ARG A 1 34  ? 0.73214   3.25029   29.34115  0.422 29.16875  ? 10  ARG A CZ   1 
ATOM   19   N  NH1  A ARG A 1 34  ? -1.38366  2.69334   31.23241  0.578 40.21415  ? 10  ARG A NH1  1 
ATOM   20   N  NH1  B ARG A 1 34  ? 1.49455   2.37602   28.70221  0.422 27.66729  ? 10  ARG A NH1  1 
ATOM   21   N  NH2  A ARG A 1 34  ? -2.90813  3.31141   29.63025  0.578 38.71857  ? 10  ARG A NH2  1 
ATOM   22   N  NH2  B ARG A 1 34  ? -0.57826  3.05620   29.40497  0.422 38.75496  ? 10  ARG A NH2  1 
ATOM   23   N  N    . PHE A 1 35  ? 1.46032   9.91673   28.95885  1.000 28.85914  ? 11  PHE A N    1 
ATOM   24   C  CA   . PHE A 1 35  ? 1.94088   10.45695  27.68585  1.000 24.81389  ? 11  PHE A CA   1 
ATOM   25   C  C    . PHE A 1 35  ? 1.49963   9.60615   26.49005  1.000 20.75700  ? 11  PHE A C    1 
ATOM   26   O  O    . PHE A 1 35  ? 0.82742   10.07672  25.55241  1.000 24.62301  ? 11  PHE A O    1 
ATOM   27   C  CB   . PHE A 1 35  ? 3.47025   10.53349  27.77982  1.000 24.99969  ? 11  PHE A CB   1 
ATOM   28   C  CG   . PHE A 1 35  ? 4.16594   10.81159  26.47588  1.000 25.04005  ? 11  PHE A CG   1 
ATOM   29   C  CD1  . PHE A 1 35  ? 4.29237   12.10582  25.99859  1.000 26.36549  ? 11  PHE A CD1  1 
ATOM   30   C  CD2  . PHE A 1 35  ? 4.72471   9.77478   25.74363  1.000 22.34353  ? 11  PHE A CD2  1 
ATOM   31   C  CE1  . PHE A 1 35  ? 4.94235   12.35256  24.79663  1.000 25.08930  ? 11  PHE A CE1  1 
ATOM   32   C  CE2  . PHE A 1 35  ? 5.37363   10.02040  24.54336  1.000 21.12808  ? 11  PHE A CE2  1 
ATOM   33   C  CZ   . PHE A 1 35  ? 5.48581   11.31285  24.07765  1.000 22.38570  ? 11  PHE A CZ   1 
ATOM   34   N  N    . VAL A 1 36  ? 1.82986   8.31722   26.53783  1.000 20.45560  ? 12  VAL A N    1 
ATOM   35   C  CA   . VAL A 1 36  ? 1.63682   7.49569   25.35271  1.000 21.12874  ? 12  VAL A CA   1 
ATOM   36   C  C    . VAL A 1 36  ? 0.17417   7.36819   24.96180  1.000 21.84803  ? 12  VAL A C    1 
ATOM   37   O  O    . VAL A 1 36  ? -0.13285  7.11748   23.78834  1.000 20.47856  ? 12  VAL A O    1 
ATOM   38   C  CB   . VAL A 1 36  ? 2.32974   6.13028   25.53126  1.000 21.32097  ? 12  VAL A CB   1 
ATOM   39   C  CG1  . VAL A 1 36  ? 1.52361   5.21788   26.42754  1.000 24.74648  ? 12  VAL A CG1  1 
ATOM   40   C  CG2  . VAL A 1 36  ? 2.56265   5.47785   24.18808  1.000 23.82167  ? 12  VAL A CG2  1 
ATOM   41   N  N    . ASP A 1 37  ? -0.74524  7.56480   25.91190  1.000 21.63516  ? 13  ASP A N    1 
ATOM   42   C  CA   . ASP A 1 37  ? -2.15881  7.38948   25.61434  1.000 22.37623  ? 13  ASP A CA   1 
ATOM   43   C  C    . ASP A 1 37  ? -2.63598  8.35364   24.54462  1.000 20.27748  ? 13  ASP A C    1 
ATOM   44   O  O    . ASP A 1 37  ? -3.56193  8.02138   23.79726  1.000 24.28067  ? 13  ASP A O    1 
ATOM   45   C  CB   . ASP A 1 37  ? -3.00645  7.59322   26.87469  1.000 23.87234  ? 13  ASP A CB   1 
ATOM   46   C  CG   . ASP A 1 37  ? -2.86944  6.45385   27.87487  1.000 33.89612  ? 13  ASP A CG   1 
ATOM   47   O  OD1  . ASP A 1 37  ? -2.47682  5.33165   27.48717  1.000 33.98625  ? 13  ASP A OD1  1 
ATOM   48   O  OD2  . ASP A 1 37  ? -3.16827  6.68947   29.06393  1.000 36.58887  ? 13  ASP A OD2  1 
ATOM   49   N  N    A ASP A 1 38  ? -2.04550  9.54579   24.44375  0.552 19.77906  ? 14  ASP A N    1 
ATOM   50   N  N    B ASP A 1 38  ? -2.01790  9.54112   24.44568  0.448 19.98762  ? 14  ASP A N    1 
ATOM   51   C  CA   A ASP A 1 38  ? -2.53765  10.45691  23.41543  0.552 22.51104  ? 14  ASP A CA   1 
ATOM   52   C  CA   B ASP A 1 38  ? -2.49863  10.57411  23.53354  0.448 22.59054  ? 14  ASP A CA   1 
ATOM   53   C  C    A ASP A 1 38  ? -1.39516  11.08576  22.63138  0.552 21.98504  ? 14  ASP A C    1 
ATOM   54   C  C    B ASP A 1 38  ? -1.49087  10.95871  22.45820  0.448 20.60803  ? 14  ASP A C    1 
ATOM   55   O  O    A ASP A 1 38  ? -1.47557  12.23822  22.20226  0.552 22.01966  ? 14  ASP A O    1 
ATOM   56   O  O    B ASP A 1 38  ? -1.79185  11.81892  21.62210  0.448 19.64158  ? 14  ASP A O    1 
ATOM   57   C  CB   A ASP A 1 38  ? -3.49976  11.49872  23.98342  0.552 26.41214  ? 14  ASP A CB   1 
ATOM   58   C  CB   B ASP A 1 38  ? -2.92454  11.82542  24.31760  0.448 25.46373  ? 14  ASP A CB   1 
ATOM   59   C  CG   A ASP A 1 38  ? -2.78412  12.66652  24.59120  0.552 30.08688  ? 14  ASP A CG   1 
ATOM   60   C  CG   B ASP A 1 38  ? -4.36973  12.21150  24.06141  0.448 37.65764  ? 14  ASP A CG   1 
ATOM   61   O  OD1  A ASP A 1 38  ? -3.23704  13.81556  24.39344  0.552 39.45770  ? 14  ASP A OD1  1 
ATOM   62   O  OD1  B ASP A 1 38  ? -4.76314  12.31214  22.87982  0.448 32.95020  ? 14  ASP A OD1  1 
ATOM   63   O  OD2  A ASP A 1 38  ? -1.75949  12.42897  25.25684  0.552 27.07928  ? 14  ASP A OD2  1 
ATOM   64   O  OD2  B ASP A 1 38  ? -5.11288  12.41478  25.04462  0.448 41.42088  ? 14  ASP A OD2  1 
ATOM   65   N  N    . TYR A 1 39  ? -0.31946  10.33454  22.44403  1.000 18.54427  ? 15  TYR A N    1 
ATOM   66   C  CA   . TYR A 1 39  ? 0.80093   10.78603  21.63387  1.000 18.36774  ? 15  TYR A CA   1 
ATOM   67   C  C    . TYR A 1 39  ? 0.56393   10.37798  20.17845  1.000 17.70196  ? 15  TYR A C    1 
ATOM   68   O  O    . TYR A 1 39  ? 0.47493   9.18553   19.86602  1.000 16.56021  ? 15  TYR A O    1 
ATOM   69   C  CB   . TYR A 1 39  ? 2.06675   10.14622  22.20030  1.000 17.09900  ? 15  TYR A CB   1 
ATOM   70   C  CG   . TYR A 1 39  ? 3.32934   10.48490  21.45744  1.000 15.70968  ? 15  TYR A CG   1 
ATOM   71   C  CD1  . TYR A 1 39  ? 3.67141   11.80673  21.18275  1.000 16.94876  ? 15  TYR A CD1  1 
ATOM   72   C  CD2  . TYR A 1 39  ? 4.18974   9.47485   21.02811  1.000 16.38728  ? 15  TYR A CD2  1 
ATOM   73   C  CE1  . TYR A 1 39  ? 4.84157   12.11416  20.50383  1.000 15.71266  ? 15  TYR A CE1  1 
ATOM   74   C  CE2  . TYR A 1 39  ? 5.34237   9.76818   20.35459  1.000 16.82782  ? 15  TYR A CE2  1 
ATOM   75   C  CZ   . TYR A 1 39  ? 5.67677   11.07783  20.08779  1.000 14.63744  ? 15  TYR A CZ   1 
ATOM   76   O  OH   . TYR A 1 39  ? 6.82654   11.33152  19.38718  1.000 16.87241  ? 15  TYR A OH   1 
ATOM   77   N  N    . LEU A 1 40  ? 0.45109   11.36029  19.29172  1.000 17.00186  ? 16  LEU A N    1 
ATOM   78   C  CA   . LEU A 1 40  ? 0.02501   11.08260  17.91843  1.000 16.89972  ? 16  LEU A CA   1 
ATOM   79   C  C    . LEU A 1 40  ? 0.81739   9.97403   17.23544  1.000 14.85012  ? 16  LEU A C    1 
ATOM   80   O  O    . LEU A 1 40  ? 0.18714   9.11011   16.60639  1.000 14.86759  ? 16  LEU A O    1 
ATOM   81   C  CB   . LEU A 1 40  ? 0.02625   12.36423  17.07520  1.000 18.99039  ? 16  LEU A CB   1 
ATOM   82   C  CG   . LEU A 1 40  ? -0.31211  12.13488  15.59593  1.000 19.47701  ? 16  LEU A CG   1 
ATOM   83   C  CD1  . LEU A 1 40  ? -1.77261  11.72181  15.39262  1.000 23.09959  ? 16  LEU A CD1  1 
ATOM   84   C  CD2  . LEU A 1 40  ? 0.05109   13.36531  14.75781  1.000 21.77184  ? 16  LEU A CD2  1 
ATOM   85   N  N    . PRO A 1 41  ? 2.16025   9.96100   17.25559  1.000 14.40156  ? 17  PRO A N    1 
ATOM   86   C  CA   . PRO A 1 41  ? 2.87103   8.90034   16.52530  1.000 14.87320  ? 17  PRO A CA   1 
ATOM   87   C  C    . PRO A 1 41  ? 2.56410   7.52003   17.06819  1.000 14.52148  ? 17  PRO A C    1 
ATOM   88   O  O    . PRO A 1 41  ? 2.51295   6.54200   16.30751  1.000 14.67070  ? 17  PRO A O    1 
ATOM   89   C  CB   . PRO A 1 41  ? 4.35231   9.29535   16.67160  1.000 16.40558  ? 17  PRO A CB   1 
ATOM   90   C  CG   . PRO A 1 41  ? 4.31558   10.80107  16.90675  1.000 16.71932  ? 17  PRO A CG   1 
ATOM   91   C  CD   . PRO A 1 41  ? 3.09554   10.98328  17.77540  1.000 16.64128  ? 17  PRO A CD   1 
ATOM   92   N  N    . ALA A 1 42  ? 2.34640   7.39959   18.38012  1.000 14.90802  ? 18  ALA A N    1 
ATOM   93   C  CA   . ALA A 1 42  ? 1.96778   6.10549   18.93213  1.000 14.24084  ? 18  ALA A CA   1 
ATOM   94   C  C    . ALA A 1 42  ? 0.57056   5.70418   18.46759  1.000 14.32138  ? 18  ALA A C    1 
ATOM   95   O  O    . ALA A 1 42  ? 0.33004   4.53405   18.14332  1.000 14.90682  ? 18  ALA A O    1 
ATOM   96   C  CB   . ALA A 1 42  ? 2.04397   6.13588   20.45822  1.000 16.20489  ? 18  ALA A CB   1 
ATOM   97   N  N    . LEU A 1 43  ? -0.36037  6.67030   18.40468  1.000 14.75348  ? 19  LEU A N    1 
ATOM   98   C  CA   . LEU A 1 43  ? -1.71930  6.35341   17.96875  1.000 13.92295  ? 19  LEU A CA   1 
ATOM   99   C  C    . LEU A 1 43  ? -1.75016  5.93922   16.50316  1.000 14.56956  ? 19  LEU A C    1 
ATOM   100  O  O    . LEU A 1 43  ? -2.40447  4.94852   16.14426  1.000 15.02259  ? 19  LEU A O    1 
ATOM   101  C  CB   . LEU A 1 43  ? -2.62801  7.56630   18.17940  1.000 17.17333  ? 19  LEU A CB   1 
ATOM   102  C  CG   . LEU A 1 43  ? -2.85045  8.01194   19.62124  1.000 18.07383  ? 19  LEU A CG   1 
ATOM   103  C  CD1  . LEU A 1 43  ? -3.59777  9.35012   19.60934  1.000 21.47748  ? 19  LEU A CD1  1 
ATOM   104  C  CD2  . LEU A 1 43  ? -3.63390  6.96536   20.37962  1.000 21.17469  ? 19  LEU A CD2  1 
ATOM   105  N  N    . LEU A 1 44  ? -1.03991  6.67784   15.64762  1.000 14.32402  ? 20  LEU A N    1 
ATOM   106  C  CA   . LEU A 1 44  ? -0.98675  6.31411   14.23325  1.000 14.71687  ? 20  LEU A CA   1 
ATOM   107  C  C    . LEU A 1 44  ? -0.39773  4.92010   14.05386  1.000 14.09236  ? 20  LEU A C    1 
ATOM   108  O  O    . LEU A 1 44  ? -0.90512  4.11235   13.25365  1.000 15.29806  ? 20  LEU A O    1 
ATOM   109  C  CB   . LEU A 1 44  ? -0.13267  7.32436   13.46786  1.000 16.27468  ? 20  LEU A CB   1 
ATOM   110  C  CG   . LEU A 1 44  ? -0.75706  8.68399   13.17160  1.000 16.02928  ? 20  LEU A CG   1 
ATOM   111  C  CD1  . LEU A 1 44  ? 0.31553   9.65825   12.69097  1.000 17.80391  ? 20  LEU A CD1  1 
ATOM   112  C  CD2  . LEU A 1 44  ? -1.88741  8.55936   12.13536  1.000 16.83870  ? 20  LEU A CD2  1 
ATOM   113  N  N    . ALA A 1 45  ? 0.71043   4.62309   14.76355  1.000 13.90335  ? 21  ALA A N    1 
ATOM   114  C  CA   . ALA A 1 45  ? 1.39291   3.35644   14.55482  1.000 13.59171  ? 21  ALA A CA   1 
ATOM   115  C  C    . ALA A 1 45  ? 0.54375   2.18706   15.01807  1.000 13.74974  ? 21  ALA A C    1 
ATOM   116  O  O    . ALA A 1 45  ? 0.51136   1.14319   14.35898  1.000 14.18383  ? 21  ALA A O    1 
ATOM   117  C  CB   . ALA A 1 45  ? 2.73893   3.36956   15.27735  1.000 16.02414  ? 21  ALA A CB   1 
ATOM   118  N  N    . GLN A 1 46  ? -0.13330  2.32423   16.16751  1.000 13.90845  ? 22  GLN A N    1 
ATOM   119  C  CA   . GLN A 1 46  ? -0.96131  1.22036   16.64304  1.000 13.99302  ? 22  GLN A CA   1 
ATOM   120  C  C    . GLN A 1 46  ? -2.15860  1.00435   15.73372  1.000 13.27846  ? 22  GLN A C    1 
ATOM   121  O  O    . GLN A 1 46  ? -2.48332  -0.14478  15.39735  1.000 14.51503  ? 22  GLN A O    1 
ATOM   122  C  CB   . GLN A 1 46  ? -1.44474  1.51660   18.06226  1.000 14.85508  ? 22  GLN A CB   1 
ATOM   123  C  CG   . GLN A 1 46  ? -0.36118  1.50104   19.11661  1.000 15.40757  ? 22  GLN A CG   1 
ATOM   124  C  CD   . GLN A 1 46  ? -0.85853  2.07956   20.42094  1.000 18.49907  ? 22  GLN A CD   1 
ATOM   125  O  OE1  . GLN A 1 46  ? -0.56037  3.23097   20.75746  1.000 22.86765  ? 22  GLN A OE1  1 
ATOM   126  N  NE2  . GLN A 1 46  ? -1.63410  1.30115   21.14847  1.000 17.53353  ? 22  GLN A NE2  1 
ATOM   127  N  N    . ALA A 1 47  ? -2.85498  2.08889   15.34765  1.000 14.21145  ? 23  ALA A N    1 
ATOM   128  C  CA   . ALA A 1 47  ? -3.99268  1.89782   14.44634  1.000 13.46918  ? 23  ALA A CA   1 
ATOM   129  C  C    . ALA A 1 47  ? -3.55919  1.24884   13.13035  1.000 14.41585  ? 23  ALA A C    1 
ATOM   130  O  O    . ALA A 1 47  ? -4.21232  0.31409   12.62704  1.000 15.45017  ? 23  ALA A O    1 
ATOM   131  C  CB   . ALA A 1 47  ? -4.65938  3.23829   14.18498  1.000 16.53119  ? 23  ALA A CB   1 
ATOM   132  N  N    . SER A 1 48  ? -2.42448  1.70252   12.58563  1.000 13.72013  ? 24  SER A N    1 
ATOM   133  C  CA   . SER A 1 48  ? -1.94691  1.16824   11.31999  1.000 15.36461  ? 24  SER A CA   1 
ATOM   134  C  C    . SER A 1 48  ? -1.60494  -0.30767  11.46786  1.000 13.49722  ? 24  SER A C    1 
ATOM   135  O  O    . SER A 1 48  ? -2.02046  -1.13809  10.65285  1.000 15.03013  ? 24  SER A O    1 
ATOM   136  C  CB   . SER A 1 48  ? -0.72201  1.97386   10.89705  1.000 15.12780  ? 24  SER A CB   1 
ATOM   137  O  OG   . SER A 1 48  ? -0.08424  1.44379   9.75355   1.000 16.15237  ? 24  SER A OG   1 
ATOM   138  N  N    . GLN A 1 49  ? -0.86667  -0.66457  12.52819  1.000 14.09438  ? 25  GLN A N    1 
ATOM   139  C  CA   . GLN A 1 49  ? -0.48487  -2.06392  12.68983  1.000 14.71267  ? 25  GLN A CA   1 
ATOM   140  C  C    . GLN A 1 49  ? -1.70503  -2.95833  12.84296  1.000 14.12754  ? 25  GLN A C    1 
ATOM   141  O  O    . GLN A 1 49  ? -1.77855  -4.03108  12.23582  1.000 14.78742  ? 25  GLN A O    1 
ATOM   142  C  CB   . GLN A 1 49  ? 0.45828   -2.20069  13.88731  1.000 15.99547  ? 25  GLN A CB   1 
ATOM   143  C  CG   . GLN A 1 49  ? 0.88946   -3.64411  14.15305  1.000 19.36512  ? 25  GLN A CG   1 
ATOM   144  C  CD   . GLN A 1 49  ? -0.03343  -4.38109  15.10324  1.000 24.01102  ? 25  GLN A CD   1 
ATOM   145  O  OE1  . GLN A 1 49  ? -0.36105  -3.88386  16.18456  1.000 27.27152  ? 25  GLN A OE1  1 
ATOM   146  N  NE2  . GLN A 1 49  ? -0.44452  -5.57995  14.71762  1.000 29.50536  ? 25  GLN A NE2  1 
ATOM   147  N  N    . LEU A 1 50  ? -2.68321  -2.53614  13.64987  1.000 14.76125  ? 26  LEU A N    1 
ATOM   148  C  CA   . LEU A 1 50  ? -3.83296  -3.40116  13.91236  1.000 15.59346  ? 26  LEU A CA   1 
ATOM   149  C  C    . LEU A 1 50  ? -4.67445  -3.61425  12.65272  1.000 15.96888  ? 26  LEU A C    1 
ATOM   150  O  O    . LEU A 1 50  ? -5.06056  -4.75237  12.32143  1.000 16.66050  ? 26  LEU A O    1 
ATOM   151  C  CB   . LEU A 1 50  ? -4.67230  -2.81907  15.06308  1.000 17.65093  ? 26  LEU A CB   1 
ATOM   152  C  CG   . LEU A 1 50  ? -3.98510  -2.82238  16.43185  1.000 16.00202  ? 26  LEU A CG   1 
ATOM   153  C  CD1  . LEU A 1 50  ? -4.70572  -1.89126  17.41947  1.000 19.57364  ? 26  LEU A CD1  1 
ATOM   154  C  CD2  . LEU A 1 50  ? -3.93273  -4.24329  16.96584  1.000 20.65861  ? 26  LEU A CD2  1 
ATOM   155  N  N    A ILE A 1 51  ? -4.95002  -2.52732  11.92152  0.542 15.24594  ? 27  ILE A N    1 
ATOM   156  N  N    B ILE A 1 51  ? -4.95642  -2.54283  11.91169  0.458 15.31977  ? 27  ILE A N    1 
ATOM   157  C  CA   A ILE A 1 51  ? -5.78283  -2.62175  10.72023  0.542 15.85389  ? 27  ILE A CA   1 
ATOM   158  C  CA   B ILE A 1 51  ? -5.80686  -2.72332  10.73483  0.458 15.85927  ? 27  ILE A CA   1 
ATOM   159  C  C    A ILE A 1 51  ? -5.07549  -3.43073  9.62789   0.542 16.58405  ? 27  ILE A C    1 
ATOM   160  C  C    B ILE A 1 51  ? -5.06655  -3.47231  9.62463   0.458 16.64702  ? 27  ILE A C    1 
ATOM   161  O  O    A ILE A 1 51  ? -5.65784  -4.33835  8.99496   0.542 17.40556  ? 27  ILE A O    1 
ATOM   162  O  O    B ILE A 1 51  ? -5.62588  -4.37505  8.96348   0.458 17.67212  ? 27  ILE A O    1 
ATOM   163  C  CB   A ILE A 1 51  ? -6.15080  -1.20165  10.24786  0.542 16.32541  ? 27  ILE A CB   1 
ATOM   164  C  CB   B ILE A 1 51  ? -6.35344  -1.36943  10.26517  0.458 16.38885  ? 27  ILE A CB   1 
ATOM   165  C  CG1  A ILE A 1 51  ? -6.98453  -0.49297  11.31774  0.542 18.09334  ? 27  ILE A CG1  1 
ATOM   166  C  CG1  B ILE A 1 51  ? -7.26577  -0.77420  11.32877  0.458 16.05062  ? 27  ILE A CG1  1 
ATOM   167  C  CG2  A ILE A 1 51  ? -6.89795  -1.22993  8.92470   0.542 17.17058  ? 27  ILE A CG2  1 
ATOM   168  C  CG2  B ILE A 1 51  ? -7.08801  -1.50988  8.94804   0.458 19.38906  ? 27  ILE A CG2  1 
ATOM   169  C  CD1  A ILE A 1 51  ? -8.16061  -1.29386  11.75376  0.542 15.74434  ? 27  ILE A CD1  1 
ATOM   170  C  CD1  B ILE A 1 51  ? -7.53115  0.61706   11.03142  0.458 21.32997  ? 27  ILE A CD1  1 
ATOM   171  N  N    . SER A 1 52  ? -3.79558  -3.11845  9.39783   1.000 14.51147  ? 28  SER A N    1 
ATOM   172  C  CA   . SER A 1 52  ? -3.02590  -3.81192  8.37927   1.000 15.76882  ? 28  SER A CA   1 
ATOM   173  C  C    . SER A 1 52  ? -2.91615  -5.29106  8.69600   1.000 15.66497  ? 28  SER A C    1 
ATOM   174  O  O    . SER A 1 52  ? -3.07134  -6.12762  7.80329   1.000 16.62008  ? 28  SER A O    1 
ATOM   175  C  CB   . SER A 1 52  ? -1.62511  -3.21211  8.26131   1.000 16.20744  ? 28  SER A CB   1 
ATOM   176  O  OG   . SER A 1 52  ? -1.67941  -1.98514  7.56394   1.000 18.88513  ? 28  SER A OG   1 
ATOM   177  N  N    A SER A 1 53  ? -2.64555  -5.63592  9.95955   0.417 16.06273  ? 29  SER A N    1 
ATOM   178  N  N    B SER A 1 53  ? -2.63717  -5.63250  9.95728   0.350 16.07584  ? 29  SER A N    1 
ATOM   179  N  N    C SER A 1 53  ? -2.63563  -5.63486  9.95442   0.233 16.10145  ? 29  SER A N    1 
ATOM   180  C  CA   A SER A 1 53  ? -2.45739  -7.04114  10.30445  0.417 16.67935  ? 29  SER A CA   1 
ATOM   181  C  CA   B SER A 1 53  ? -2.46295  -7.03621  10.30859  0.350 16.70127  ? 29  SER A CA   1 
ATOM   182  C  CA   C SER A 1 53  ? -2.44687  -7.04440  10.27902  0.233 16.72485  ? 29  SER A CA   1 
ATOM   183  C  C    A SER A 1 53  ? -3.70819  -7.85409  10.00195  0.417 17.59219  ? 29  SER A C    1 
ATOM   184  C  C    B SER A 1 53  ? -3.70833  -7.84013  9.97073   0.350 17.61723  ? 29  SER A C    1 
ATOM   185  C  C    C SER A 1 53  ? -3.70714  -7.85730  10.01008  0.233 17.65295  ? 29  SER A C    1 
ATOM   186  O  O    A SER A 1 53  ? -3.61984  -9.01555  9.58396   0.417 17.69511  ? 29  SER A O    1 
ATOM   187  O  O    B SER A 1 53  ? -3.61638  -8.98236  9.50236   0.350 17.66550  ? 29  SER A O    1 
ATOM   188  O  O    C SER A 1 53  ? -3.61799  -9.02946  9.62535   0.233 17.70642  ? 29  SER A O    1 
ATOM   189  C  CB   A SER A 1 53  ? -2.05830  -7.17598  11.77086  0.417 17.72586  ? 29  SER A CB   1 
ATOM   190  C  CB   B SER A 1 53  ? -2.13895  -7.16602  11.79132  0.350 17.66699  ? 29  SER A CB   1 
ATOM   191  C  CB   C SER A 1 53  ? -1.98762  -7.20260  11.72339  0.233 17.75215  ? 29  SER A CB   1 
ATOM   192  O  OG   A SER A 1 53  ? -0.72648  -6.72972  11.97523  0.417 16.05564  ? 29  SER A OG   1 
ATOM   193  O  OG   B SER A 1 53  ? -2.17387  -8.52453  12.18118  0.350 19.62844  ? 29  SER A OG   1 
ATOM   194  O  OG   C SER A 1 53  ? -3.03372  -6.87369  12.61034  0.233 16.00139  ? 29  SER A OG   1 
ATOM   195  N  N    . GLU A 1 54  ? -4.88857  -7.26334  10.20652  1.000 16.57187  ? 30  GLU A N    1 
ATOM   196  C  CA   . GLU A 1 54  ? -6.11804  -7.95374  9.82182   1.000 16.81656  ? 30  GLU A CA   1 
ATOM   197  C  C    . GLU A 1 54  ? -6.10806  -8.27257  8.33223   1.000 16.67273  ? 30  GLU A C    1 
ATOM   198  O  O    . GLU A 1 54  ? -6.42175  -9.40593  7.92303   1.000 18.75952  ? 30  GLU A O    1 
ATOM   199  C  CB   . GLU A 1 54  ? -7.33853  -7.08208  10.14374  1.000 17.95923  ? 30  GLU A CB   1 
ATOM   200  C  CG   . GLU A 1 54  ? -7.62944  -6.98532  11.62342  1.000 17.88074  ? 30  GLU A CG   1 
ATOM   201  C  CD   . GLU A 1 54  ? -8.82067  -6.10359  11.93535  1.000 20.09472  ? 30  GLU A CD   1 
ATOM   202  O  OE1  . GLU A 1 54  ? -9.49056  -5.60419  11.00510  1.000 21.17024  ? 30  GLU A OE1  1 
ATOM   203  O  OE2  . GLU A 1 54  ? -9.06708  -5.92440  13.14441  1.000 21.13860  ? 30  GLU A OE2  1 
ATOM   204  N  N    . PHE A 1 55  ? -5.79234  -7.26556  7.49425   1.000 16.47467  ? 31  PHE A N    1 
ATOM   205  C  CA   . PHE A 1 55  ? -5.84927  -7.58077  6.06054   1.000 17.04922  ? 31  PHE A CA   1 
ATOM   206  C  C    . PHE A 1 55  ? -4.72172  -8.51602  5.59709   1.000 15.99515  ? 31  PHE A C    1 
ATOM   207  O  O    . PHE A 1 55  ? -4.89413  -9.29054  4.63080   1.000 16.57399  ? 31  PHE A O    1 
ATOM   208  C  CB   . PHE A 1 55  ? -5.93568  -6.36144  5.15273   1.000 17.31287  ? 31  PHE A CB   1 
ATOM   209  C  CG   . PHE A 1 55  ? -6.37374  -6.75204  3.76715   1.000 18.11008  ? 31  PHE A CG   1 
ATOM   210  C  CD1  . PHE A 1 55  ? -7.67764  -7.17621  3.55571   1.000 18.60778  ? 31  PHE A CD1  1 
ATOM   211  C  CD2  . PHE A 1 55  ? -5.46766  -6.80289  2.71174   1.000 20.17231  ? 31  PHE A CD2  1 
ATOM   212  C  CE1  . PHE A 1 55  ? -8.09923  -7.60532  2.30379   1.000 21.18266  ? 31  PHE A CE1  1 
ATOM   213  C  CE2  . PHE A 1 55  ? -5.87402  -7.23023  1.45049   1.000 18.41551  ? 31  PHE A CE2  1 
ATOM   214  C  CZ   . PHE A 1 55  ? -7.19417  -7.62067  1.24514   1.000 19.97434  ? 31  PHE A CZ   1 
ATOM   215  N  N    . HIS A 1 56  ? -3.56685  -8.46829  6.25354   1.000 15.91181  ? 32  HIS A N    1 
ATOM   216  C  CA   . HIS A 1 56  ? -2.46810  -9.33150  5.83529   1.000 15.49065  ? 32  HIS A CA   1 
ATOM   217  C  C    . HIS A 1 56  ? -2.84035  -10.80303 5.92317   1.000 17.94609  ? 32  HIS A C    1 
ATOM   218  O  O    . HIS A 1 56  ? -2.35433  -11.61311 5.12488   1.000 17.78040  ? 32  HIS A O    1 
ATOM   219  C  CB   . HIS A 1 56  ? -1.25186  -9.07529  6.71325   1.000 16.08909  ? 32  HIS A CB   1 
ATOM   220  C  CG   . HIS A 1 56  ? -0.66813  -7.71330  6.55447   1.000 16.01482  ? 32  HIS A CG   1 
ATOM   221  N  ND1  . HIS A 1 56  ? 0.28218   -7.21825  7.41728   1.000 18.79160  ? 32  HIS A ND1  1 
ATOM   222  C  CD2  . HIS A 1 56  ? -0.89134  -6.74732  5.63402   1.000 16.59538  ? 32  HIS A CD2  1 
ATOM   223  C  CE1  . HIS A 1 56  ? 0.61744   -5.99591  7.03898   1.000 17.60527  ? 32  HIS A CE1  1 
ATOM   224  N  NE2  . HIS A 1 56  ? -0.08175  -5.68577  5.96242   1.000 18.04497  ? 32  HIS A NE2  1 
ATOM   225  N  N    A GLU A 1 57  ? -3.67644  -11.17465 6.89455   0.394 17.14641  ? 33  GLU A N    1 
ATOM   226  N  N    B GLU A 1 57  ? -3.68603  -11.17659 6.88632   0.606 17.08000  ? 33  GLU A N    1 
ATOM   227  C  CA   A GLU A 1 57  ? -4.15599  -12.55237 6.96736   0.394 18.19569  ? 33  GLU A CA   1 
ATOM   228  C  CA   B GLU A 1 57  ? -4.14042  -12.56424 6.96070   0.606 18.01309  ? 33  GLU A CA   1 
ATOM   229  C  C    A GLU A 1 57  ? -4.86350  -12.95005 5.67776   0.394 19.39035  ? 33  GLU A C    1 
ATOM   230  C  C    B GLU A 1 57  ? -4.88176  -12.96443 5.68786   0.606 19.33596  ? 33  GLU A C    1 
ATOM   231  O  O    A GLU A 1 57  ? -4.63988  -14.04659 5.13791   0.394 20.52511  ? 33  GLU A O    1 
ATOM   232  O  O    B GLU A 1 57  ? -4.68588  -14.07311 5.15805   0.606 20.29299  ? 33  GLU A O    1 
ATOM   233  C  CB   A GLU A 1 57  ? -5.10329  -12.69354 8.15837   0.394 22.31852  ? 33  GLU A CB   1 
ATOM   234  C  CB   B GLU A 1 57  ? -5.01927  -12.75402 8.20044   0.606 22.36538  ? 33  GLU A CB   1 
ATOM   235  C  CG   A GLU A 1 57  ? -5.60471  -14.10362 8.38205   0.394 25.37075  ? 33  GLU A CG   1 
ATOM   236  C  CG   B GLU A 1 57  ? -4.29969  -12.46195 9.50754   0.606 21.90748  ? 33  GLU A CG   1 
ATOM   237  C  CD   A GLU A 1 57  ? -5.29982  -14.60748 9.77556   0.394 35.99664  ? 33  GLU A CD   1 
ATOM   238  C  CD   B GLU A 1 57  ? -5.04701  -12.96902 10.72660  0.606 38.85851  ? 33  GLU A CD   1 
ATOM   239  O  OE1  A GLU A 1 57  ? -6.25555  -14.85553 10.54252  0.394 45.30877  ? 33  GLU A OE1  1 
ATOM   240  O  OE1  B GLU A 1 57  ? -6.27791  -13.16470 10.64005  0.606 38.23204  ? 33  GLU A OE1  1 
ATOM   241  O  OE2  A GLU A 1 57  ? -4.10263  -14.75141 10.10228  0.394 37.97540  ? 33  GLU A OE2  1 
ATOM   242  O  OE2  B GLU A 1 57  ? -4.39896  -13.17007 11.77595  0.606 44.18984  ? 33  GLU A OE2  1 
ATOM   243  N  N    . VAL A 1 58  ? -5.70645  -12.05993 5.15753   1.000 18.21514  ? 34  VAL A N    1 
ATOM   244  C  CA   . VAL A 1 58  ? -6.41534  -12.33521 3.91259   1.000 18.00371  ? 34  VAL A CA   1 
ATOM   245  C  C    . VAL A 1 58  ? -5.43215  -12.43467 2.75637   1.000 19.31017  ? 34  VAL A C    1 
ATOM   246  O  O    . VAL A 1 58  ? -5.51594  -13.34511 1.91272   1.000 18.61518  ? 34  VAL A O    1 
ATOM   247  C  CB   . VAL A 1 58  ? -7.47536  -11.25258 3.65136   1.000 17.95812  ? 34  VAL A CB   1 
ATOM   248  C  CG1  . VAL A 1 58  ? -8.22390  -11.54899 2.37128   1.000 20.15839  ? 34  VAL A CG1  1 
ATOM   249  C  CG2  . VAL A 1 58  ? -8.43942  -11.14802 4.84087   1.000 21.44758  ? 34  VAL A CG2  1 
ATOM   250  N  N    . ALA A 1 59  ? -4.48913  -11.49014 2.69117   1.000 17.75956  ? 35  ALA A N    1 
ATOM   251  C  CA   . ALA A 1 59  ? -3.51665  -11.50872 1.60293   1.000 17.39595  ? 35  ALA A CA   1 
ATOM   252  C  C    . ALA A 1 59  ? -2.76994  -12.83476 1.56971   1.000 17.63085  ? 35  ALA A C    1 
ATOM   253  O  O    . ALA A 1 59  ? -2.60806  -13.43949 0.49952   1.000 17.92641  ? 35  ALA A O    1 
ATOM   254  C  CB   . ALA A 1 59  ? -2.55479  -10.32393 1.71204   1.000 17.03596  ? 35  ALA A CB   1 
ATOM   255  N  N    A ARG A 1 60  ? -2.32983  -13.31691 2.73392   0.394 16.45529  ? 36  ARG A N    1 
ATOM   256  N  N    B ARG A 1 60  ? -2.32105  -13.31271 2.73077   0.606 16.39417  ? 36  ARG A N    1 
ATOM   257  C  CA   A ARG A 1 60  ? -1.56324  -14.55984 2.76809   0.394 17.69402  ? 36  ARG A CA   1 
ATOM   258  C  CA   B ARG A 1 60  ? -1.59099  -14.57769 2.76139   0.606 17.71352  ? 36  ARG A CA   1 
ATOM   259  C  C    A ARG A 1 60  ? -2.43289  -15.77711 2.48532   0.394 19.22575  ? 36  ARG A C    1 
ATOM   260  C  C    B ARG A 1 60  ? -2.47991  -15.74061 2.34596   0.606 19.26264  ? 36  ARG A C    1 
ATOM   261  O  O    A ARG A 1 60  ? -1.92828  -16.78835 1.97613   0.394 17.27496  ? 36  ARG A O    1 
ATOM   262  O  O    B ARG A 1 60  ? -2.03890  -16.62494 1.59497   0.606 18.15673  ? 36  ARG A O    1 
ATOM   263  C  CB   A ARG A 1 60  ? -0.83460  -14.71140 4.09985   0.394 18.54738  ? 36  ARG A CB   1 
ATOM   264  C  CB   B ARG A 1 60  ? -0.98503  -14.82350 4.13960   0.606 18.53200  ? 36  ARG A CB   1 
ATOM   265  C  CG   A ARG A 1 60  ? 0.33051   -13.75446 4.25483   0.394 17.86246  ? 36  ARG A CG   1 
ATOM   266  C  CG   B ARG A 1 60  ? 0.08593   -13.81974 4.50927   0.606 17.08125  ? 36  ARG A CG   1 
ATOM   267  C  CD   A ARG A 1 60  ? 1.15329   -14.08956 5.47946   0.394 20.81149  ? 36  ARG A CD   1 
ATOM   268  C  CD   B ARG A 1 60  ? 0.81837   -14.22500 5.77014   0.606 18.75803  ? 36  ARG A CD   1 
ATOM   269  N  NE   A ARG A 1 60  ? 0.42240   -13.82240 6.71471   0.394 19.87255  ? 36  ARG A NE   1 
ATOM   270  N  NE   B ARG A 1 60  ? 1.57015   -13.08889 6.30150   0.606 19.51888  ? 36  ARG A NE   1 
ATOM   271  C  CZ   A ARG A 1 60  ? 0.50680   -12.68446 7.39997   0.394 19.81934  ? 36  ARG A CZ   1 
ATOM   272  C  CZ   B ARG A 1 60  ? 1.10858   -12.25516 7.22942   0.606 22.87573  ? 36  ARG A CZ   1 
ATOM   273  N  NH1  A ARG A 1 60  ? -0.20444  -12.52520 8.50703   0.394 22.02855  ? 36  ARG A NH1  1 
ATOM   274  N  NH1  B ARG A 1 60  ? 1.84275   -11.22398 7.62105   0.606 21.78409  ? 36  ARG A NH1  1 
ATOM   275  N  NH2  A ARG A 1 60  ? 1.29342   -11.70174 6.97331   0.394 21.32684  ? 36  ARG A NH2  1 
ATOM   276  N  NH2  B ARG A 1 60  ? -0.08313  -12.45183 7.77723   0.606 20.74261  ? 36  ARG A NH2  1 
ATOM   277  N  N    A GLN A 1 61  ? -3.72603  -15.71905 2.82228   0.394 19.46713  ? 37  GLN A N    1 
ATOM   278  N  N    B GLN A 1 61  ? -3.72763  -15.77348 2.83550   0.606 19.35084  ? 37  GLN A N    1 
ATOM   279  C  CA   A GLN A 1 61  ? -4.61441  -16.80356 2.42338   0.394 22.65981  ? 37  GLN A CA   1 
ATOM   280  C  CA   B GLN A 1 61  ? -4.64640  -16.82125 2.40876   0.606 22.65871  ? 37  GLN A CA   1 
ATOM   281  C  C    A GLN A 1 61  ? -4.82496  -16.83935 0.91535   0.394 20.76060  ? 37  GLN A C    1 
ATOM   282  C  C    B GLN A 1 61  ? -4.80481  -16.85215 0.89827   0.606 20.75506  ? 37  GLN A C    1 
ATOM   283  O  O    A GLN A 1 61  ? -5.21730  -17.88208 0.37641   0.394 24.51848  ? 37  GLN A O    1 
ATOM   284  O  O    B GLN A 1 61  ? -5.14931  -17.90129 0.33758   0.606 24.53636  ? 37  GLN A O    1 
ATOM   285  C  CB   A GLN A 1 61  ? -5.94950  -16.69043 3.16085   0.394 24.31122  ? 37  GLN A CB   1 
ATOM   286  C  CB   B GLN A 1 61  ? -6.01051  -16.61401 3.06467   0.606 24.29137  ? 37  GLN A CB   1 
ATOM   287  C  CG   A GLN A 1 61  ? -5.84941  -17.00259 4.64562   0.394 30.93152  ? 37  GLN A CG   1 
ATOM   288  C  CG   B GLN A 1 61  ? -6.03418  -16.95686 4.53691   0.606 30.85965  ? 37  GLN A CG   1 
ATOM   289  C  CD   A GLN A 1 61  ? -5.10329  -18.29775 4.92162   0.394 29.87948  ? 37  GLN A CD   1 
ATOM   290  C  CD   B GLN A 1 61  ? -7.33920  -16.57907 5.20879   0.606 38.36561  ? 37  GLN A CD   1 
ATOM   291  O  OE1  A GLN A 1 61  ? -5.25102  -19.27731 4.19328   0.394 32.21905  ? 37  GLN A OE1  1 
ATOM   292  O  OE1  B GLN A 1 61  ? -8.19853  -15.92576 4.61063   0.606 37.76766  ? 37  GLN A OE1  1 
ATOM   293  N  NE2  A GLN A 1 61  ? -4.28988  -18.30439 5.97181   0.394 28.71517  ? 37  GLN A NE2  1 
ATOM   294  N  NE2  B GLN A 1 61  ? -7.48853  -16.97678 6.46819   0.606 40.95351  ? 37  GLN A NE2  1 
ATOM   295  N  N    . HIS A 1 62  ? -4.57130  -15.72919 0.22466   1.000 19.58636  ? 38  HIS A N    1 
ATOM   296  C  CA   . HIS A 1 62  ? -4.63007  -15.66761 -1.22761  1.000 19.33633  ? 38  HIS A CA   1 
ATOM   297  C  C    . HIS A 1 62  ? -3.25637  -15.79300 -1.88458  1.000 19.51593  ? 38  HIS A C    1 
ATOM   298  O  O    . HIS A 1 62  ? -3.12020  -15.50247 -3.08132  1.000 21.92457  ? 38  HIS A O    1 
ATOM   299  C  CB   . HIS A 1 62  ? -5.35268  -14.39073 -1.67058  1.000 22.08369  ? 38  HIS A CB   1 
ATOM   300  C  CG   . HIS A 1 62  ? -6.82845  -14.44280 -1.44552  1.000 21.83611  ? 38  HIS A CG   1 
ATOM   301  N  ND1  . HIS A 1 62  ? -7.40112  -14.32428 -0.19639  1.000 24.44282  ? 38  HIS A ND1  1 
ATOM   302  C  CD2  . HIS A 1 62  ? -7.84504  -14.68380 -2.30694  1.000 25.15262  ? 38  HIS A CD2  1 
ATOM   303  C  CE1  . HIS A 1 62  ? -8.71408  -14.44768 -0.30609  1.000 26.32279  ? 38  HIS A CE1  1 
ATOM   304  N  NE2  . HIS A 1 62  ? -9.00823  -14.66081 -1.57548  1.000 30.10581  ? 38  HIS A NE2  1 
ATOM   305  N  N    . GLY A 1 63  ? -2.24321  -16.22272 -1.13551  1.000 19.12210  ? 39  GLY A N    1 
ATOM   306  C  CA   . GLY A 1 63  ? -0.93179  -16.49123 -1.69973  1.000 19.79124  ? 39  GLY A CA   1 
ATOM   307  C  C    . GLY A 1 63  ? -0.00820  -15.30216 -1.84639  1.000 21.19469  ? 39  GLY A C    1 
ATOM   308  O  O    . GLY A 1 63  ? 1.02402   -15.42524 -2.51305  1.000 22.99729  ? 39  GLY A O    1 
ATOM   309  N  N    . PHE A 1 64  ? -0.32531  -14.15775 -1.24956  1.000 17.85634  ? 40  PHE A N    1 
ATOM   310  C  CA   . PHE A 1 64  ? 0.51590   -12.97272 -1.34456  1.000 18.59952  ? 40  PHE A CA   1 
ATOM   311  C  C    . PHE A 1 64  ? 1.28608   -12.76371 -0.05381  1.000 16.51937  ? 40  PHE A C    1 
ATOM   312  O  O    . PHE A 1 64  ? 0.73328   -12.90958 1.04346   1.000 18.26119  ? 40  PHE A O    1 
ATOM   313  C  CB   . PHE A 1 64  ? -0.33611  -11.71546 -1.54004  1.000 18.14651  ? 40  PHE A CB   1 
ATOM   314  C  CG   . PHE A 1 64  ? -0.80023  -11.49441 -2.94022  1.000 19.10388  ? 40  PHE A CG   1 
ATOM   315  C  CD1  . PHE A 1 64  ? -1.77053  -12.30441 -3.50106  1.000 22.21556  ? 40  PHE A CD1  1 
ATOM   316  C  CD2  . PHE A 1 64  ? -0.30599  -10.43146 -3.68199  1.000 23.25901  ? 40  PHE A CD2  1 
ATOM   317  C  CE1  . PHE A 1 64  ? -2.21324  -12.08817 -4.80154  1.000 26.80283  ? 40  PHE A CE1  1 
ATOM   318  C  CE2  . PHE A 1 64  ? -0.73901  -10.20546 -4.97578  1.000 26.45410  ? 40  PHE A CE2  1 
ATOM   319  C  CZ   . PHE A 1 64  ? -1.69391  -11.03810 -5.53671  1.000 25.54412  ? 40  PHE A CZ   1 
ATOM   320  N  N    . SER A 1 65  ? 2.55377   -12.37313 -0.18661  1.000 17.22672  ? 41  SER A N    1 
ATOM   321  C  CA   . SER A 1 65  ? 3.25881   -11.77308 0.93244   1.000 17.80464  ? 41  SER A CA   1 
ATOM   322  C  C    . SER A 1 65  ? 2.80397   -10.32507 1.12318   1.000 15.90359  ? 41  SER A C    1 
ATOM   323  O  O    . SER A 1 65  ? 2.20679   -9.71787  0.23368   1.000 16.83638  ? 41  SER A O    1 
ATOM   324  C  CB   . SER A 1 65  ? 4.76996   -11.82744 0.69456   1.000 18.45627  ? 41  SER A CB   1 
ATOM   325  O  OG   . SER A 1 65  ? 5.14841   -10.82178 -0.23958  1.000 21.20302  ? 41  SER A OG   1 
ATOM   326  N  N    . VAL A 1 66  ? 3.10716   -9.77322  2.29720   1.000 16.66865  ? 42  VAL A N    1 
ATOM   327  C  CA   . VAL A 1 66  ? 2.75505   -8.37713  2.55454   1.000 16.50675  ? 42  VAL A CA   1 
ATOM   328  C  C    . VAL A 1 66  ? 3.38143   -7.45480  1.50853   1.000 16.45599  ? 42  VAL A C    1 
ATOM   329  O  O    . VAL A 1 66  ? 2.71523   -6.56959  0.95633   1.000 16.90075  ? 42  VAL A O    1 
ATOM   330  C  CB   . VAL A 1 66  ? 3.14419   -7.97861  3.98659   1.000 16.60747  ? 42  VAL A CB   1 
ATOM   331  C  CG1  . VAL A 1 66  ? 2.99079   -6.47246  4.19721   1.000 18.89842  ? 42  VAL A CG1  1 
ATOM   332  C  CG2  . VAL A 1 66  ? 2.30166   -8.74284  4.99963   1.000 21.26622  ? 42  VAL A CG2  1 
ATOM   333  N  N    A SER A 1 67  ? 4.67663   -7.65451  1.22426   0.622 18.14971  ? 43  SER A N    1 
ATOM   334  N  N    B SER A 1 67  ? 4.67369   -7.63457  1.22339   0.378 18.21014  ? 43  SER A N    1 
ATOM   335  C  CA   A SER A 1 67  ? 5.37615   -6.76332  0.29985   0.622 17.53211  ? 43  SER A CA   1 
ATOM   336  C  CA   B SER A 1 67  ? 5.32707   -6.70484  0.30299   0.378 17.50745  ? 43  SER A CA   1 
ATOM   337  C  C    A SER A 1 67  ? 4.84007   -6.88878  -1.11910  0.622 16.98252  ? 43  SER A C    1 
ATOM   338  C  C    B SER A 1 67  ? 4.82666   -6.88090  -1.12908  0.378 17.11394  ? 43  SER A C    1 
ATOM   339  O  O    A SER A 1 67  ? 4.72104   -5.88700  -1.83364  0.622 17.73340  ? 43  SER A O    1 
ATOM   340  O  O    B SER A 1 67  ? 4.69100   -5.89795  -1.86773  0.378 17.75179  ? 43  SER A O    1 
ATOM   341  C  CB   A SER A 1 67  ? 6.88054   -7.04061  0.33593   0.622 20.56138  ? 43  SER A CB   1 
ATOM   342  C  CB   B SER A 1 67  ? 6.84594   -6.83905  0.38948   0.378 20.40352  ? 43  SER A CB   1 
ATOM   343  O  OG   A SER A 1 67  ? 7.43207   -6.60244  1.55966   0.622 23.07101  ? 43  SER A OG   1 
ATOM   344  O  OG   B SER A 1 67  ? 7.23566   -8.15081  0.05582   0.378 21.18857  ? 43  SER A OG   1 
ATOM   345  N  N    A GLU A 1 68  ? 4.51541   -8.10846  -1.55123  0.622 16.63218  ? 44  GLU A N    1 
ATOM   346  N  N    B GLU A 1 68  ? 4.54528   -8.12005  -1.54408  0.378 16.77753  ? 44  GLU A N    1 
ATOM   347  C  CA   A GLU A 1 68  ? 3.95008   -8.28955  -2.88316  0.622 18.35989  ? 44  GLU A CA   1 
ATOM   348  C  CA   B GLU A 1 68  ? 3.94014   -8.34008  -2.85636  0.378 18.48979  ? 44  GLU A CA   1 
ATOM   349  C  C    A GLU A 1 68  ? 2.58905   -7.62108  -2.99225  0.622 16.94369  ? 44  GLU A C    1 
ATOM   350  C  C    B GLU A 1 68  ? 2.61390   -7.60438  -2.96704  0.378 16.98073  ? 44  GLU A C    1 
ATOM   351  O  O    A GLU A 1 68  ? 2.27492   -6.98882  -4.00904  0.622 17.38661  ? 44  GLU A O    1 
ATOM   352  O  O    B GLU A 1 68  ? 2.33753   -6.93245  -3.96864  0.378 17.49184  ? 44  GLU A O    1 
ATOM   353  C  CB   A GLU A 1 68  ? 3.84313   -9.78134  -3.19313  0.622 19.23135  ? 44  GLU A CB   1 
ATOM   354  C  CB   B GLU A 1 68  ? 3.70951   -9.83564  -3.08019  0.378 18.65487  ? 44  GLU A CB   1 
ATOM   355  C  CG   A GLU A 1 68  ? 5.20644   -10.47010 -3.26685  0.622 21.03662  ? 44  GLU A CG   1 
ATOM   356  C  CG   B GLU A 1 68  ? 4.91620   -10.61091 -3.58094  0.378 18.84815  ? 44  GLU A CG   1 
ATOM   357  C  CD   A GLU A 1 68  ? 5.13921   -11.95960 -2.97643  0.622 25.26794  ? 44  GLU A CD   1 
ATOM   358  C  CD   B GLU A 1 68  ? 4.70103   -12.11346 -3.52027  0.378 21.16609  ? 44  GLU A CD   1 
ATOM   359  O  OE1  A GLU A 1 68  ? 4.00811   -12.50192 -2.89276  0.622 24.90241  ? 44  GLU A OE1  1 
ATOM   360  O  OE1  B GLU A 1 68  ? 4.84605   -12.78242 -4.56638  0.378 25.85503  ? 44  GLU A OE1  1 
ATOM   361  O  OE2  A GLU A 1 68  ? 6.22212   -12.58679 -2.83414  0.622 28.54753  ? 44  GLU A OE2  1 
ATOM   362  O  OE2  B GLU A 1 68  ? 4.38564   -12.62894 -2.42107  0.378 19.15754  ? 44  GLU A OE2  1 
ATOM   363  N  N    . TRP A 1 69  ? 1.76260   -7.76366  -1.95225  1.000 16.48896  ? 45  TRP A N    1 
ATOM   364  C  CA   . TRP A 1 69  ? 0.47890   -7.07326  -1.91305  1.000 16.39294  ? 45  TRP A CA   1 
ATOM   365  C  C    . TRP A 1 69  ? 0.66962   -5.56177  -1.99743  1.000 16.22791  ? 45  TRP A C    1 
ATOM   366  O  O    . TRP A 1 69  ? 0.02512   -4.89234  -2.80061  1.000 16.17242  ? 45  TRP A O    1 
ATOM   367  C  CB   . TRP A 1 69  ? -0.26202  -7.46601  -0.63139  1.000 17.36360  ? 45  TRP A CB   1 
ATOM   368  C  CG   . TRP A 1 69  ? -1.30592  -6.46028  -0.17514  1.000 16.22615  ? 45  TRP A CG   1 
ATOM   369  C  CD1  . TRP A 1 69  ? -1.26025  -5.71924  0.95295   1.000 16.69912  ? 45  TRP A CD1  1 
ATOM   370  C  CD2  . TRP A 1 69  ? -2.50913  -6.07938  -0.86185  1.000 16.51870  ? 45  TRP A CD2  1 
ATOM   371  N  NE1  . TRP A 1 69  ? -2.37312  -4.91403  1.04537   1.000 18.52519  ? 45  TRP A NE1  1 
ATOM   372  C  CE2  . TRP A 1 69  ? -3.15244  -5.11394  -0.06628  1.000 17.23106  ? 45  TRP A CE2  1 
ATOM   373  C  CE3  . TRP A 1 69  ? -3.11152  -6.47026  -2.06413  1.000 17.36248  ? 45  TRP A CE3  1 
ATOM   374  C  CZ2  . TRP A 1 69  ? -4.36557  -4.51839  -0.43799  1.000 17.41137  ? 45  TRP A CZ2  1 
ATOM   375  C  CZ3  . TRP A 1 69  ? -4.32261  -5.88734  -2.42320  1.000 17.77529  ? 45  TRP A CZ3  1 
ATOM   376  C  CH2  . TRP A 1 69  ? -4.93172  -4.92292  -1.61724  1.000 18.08830  ? 45  TRP A CH2  1 
ATOM   377  N  N    . ARG A 1 70  ? 1.57081   -5.00822  -1.17924  1.000 15.18374  ? 46  ARG A N    1 
ATOM   378  C  CA   . ARG A 1 70  ? 1.76718   -3.55603  -1.19942  1.000 15.44596  ? 46  ARG A CA   1 
ATOM   379  C  C    . ARG A 1 70  ? 2.20207   -3.06577  -2.57210  1.000 16.00324  ? 46  ARG A C    1 
ATOM   380  O  O    . ARG A 1 70  ? 1.68245   -2.06351  -3.07097  1.000 16.68588  ? 46  ARG A O    1 
ATOM   381  C  CB   . ARG A 1 70  ? 2.78403   -3.13260  -0.14062  1.000 15.82907  ? 46  ARG A CB   1 
ATOM   382  C  CG   . ARG A 1 70  ? 2.27639   -3.27901  1.27958   1.000 15.61293  ? 46  ARG A CG   1 
ATOM   383  C  CD   . ARG A 1 70  ? 3.37774   -2.96868  2.27604   1.000 19.15916  ? 46  ARG A CD   1 
ATOM   384  N  NE   . ARG A 1 70  ? 2.88701   -3.01962  3.65526   1.000 17.98617  ? 46  ARG A NE   1 
ATOM   385  C  CZ   . ARG A 1 70  ? 3.67334   -3.00048  4.72980   1.000 22.35322  ? 46  ARG A CZ   1 
ATOM   386  N  NH1  . ARG A 1 70  ? 4.99669   -2.96679  4.59797   1.000 29.82062  ? 46  ARG A NH1  1 
ATOM   387  N  NH2  . ARG A 1 70  ? 3.13391   -3.04072  5.93576   1.000 24.65887  ? 46  ARG A NH2  1 
ATOM   388  N  N    . VAL A 1 71  ? 3.15111   -3.76355  -3.20265  1.000 15.93702  ? 47  VAL A N    1 
ATOM   389  C  CA   . VAL A 1 71  ? 3.65300   -3.31772  -4.50469  1.000 17.51417  ? 47  VAL A CA   1 
ATOM   390  C  C    . VAL A 1 71  ? 2.56900   -3.42110  -5.57231  1.000 17.42660  ? 47  VAL A C    1 
ATOM   391  O  O    . VAL A 1 71  ? 2.31413   -2.46575  -6.32264  1.000 18.37266  ? 47  VAL A O    1 
ATOM   392  C  CB   . VAL A 1 71  ? 4.92312   -4.10058  -4.88962  1.000 17.02559  ? 47  VAL A CB   1 
ATOM   393  C  CG1  . VAL A 1 71  ? 5.22935   -3.90268  -6.37453  1.000 21.26167  ? 47  VAL A CG1  1 
ATOM   394  C  CG2  . VAL A 1 71  ? 6.08917   -3.63951  -4.02615  1.000 19.92201  ? 47  VAL A CG2  1 
ATOM   395  N  N    . MET A 1 72  ? 1.91184   -4.58223  -5.66829  1.000 17.82854  ? 48  MET A N    1 
ATOM   396  C  CA   . MET A 1 72  ? 0.92343   -4.73400  -6.73372  1.000 19.32703  ? 48  MET A CA   1 
ATOM   397  C  C    . MET A 1 72  ? -0.26414  -3.80450  -6.53443  1.000 18.15957  ? 48  MET A C    1 
ATOM   398  O  O    . MET A 1 72  ? -0.74535  -3.19400  -7.49977  1.000 20.27068  ? 48  MET A O    1 
ATOM   399  C  CB   . MET A 1 72  ? 0.47902   -6.18650  -6.86597  1.000 20.33171  ? 48  MET A CB   1 
ATOM   400  C  CG   . MET A 1 72  ? 1.27401   -6.92689  -7.93557  1.000 25.89554  ? 48  MET A CG   1 
ATOM   401  S  SD   . MET A 1 72  ? 0.79723   -8.65255  -8.15367  1.000 24.77181  ? 48  MET A SD   1 
ATOM   402  C  CE   . MET A 1 72  ? 1.73368   -9.38878  -6.82321  1.000 27.75790  ? 48  MET A CE   1 
ATOM   403  N  N    . ALA A 1 73  ? -0.75870  -3.67531  -5.29404  1.000 16.71868  ? 49  ALA A N    1 
ATOM   404  C  CA   . ALA A 1 73  ? -1.86638  -2.76618  -5.03427  1.000 16.91734  ? 49  ALA A CA   1 
ATOM   405  C  C    . ALA A 1 73  ? -1.47271  -1.32526  -5.32835  1.000 17.51357  ? 49  ALA A C    1 
ATOM   406  O  O    . ALA A 1 73  ? -2.29949  -0.54757  -5.82076  1.000 20.81797  ? 49  ALA A O    1 
ATOM   407  C  CB   . ALA A 1 73  ? -2.34049  -2.92583  -3.58354  1.000 18.44500  ? 49  ALA A CB   1 
ATOM   408  N  N    . SER A 1 74  ? -0.21153  -0.94932  -5.05824  1.000 17.98194  ? 50  SER A N    1 
ATOM   409  C  CA   . SER A 1 74  ? 0.21507   0.42796   -5.28514  1.000 18.46316  ? 50  SER A CA   1 
ATOM   410  C  C    . SER A 1 74  ? 0.36465   0.74002   -6.76248  1.000 20.70801  ? 50  SER A C    1 
ATOM   411  O  O    . SER A 1 74  ? 0.19204   1.89604   -7.17228  1.000 22.57054  ? 50  SER A O    1 
ATOM   412  C  CB   . SER A 1 74  ? 1.54837   0.67073   -4.59198  1.000 19.85197  ? 50  SER A CB   1 
ATOM   413  O  OG   . SER A 1 74  ? 1.38927   0.69068   -3.18471  1.000 20.49409  ? 50  SER A OG   1 
ATOM   414  N  N    . LEU A 1 75  ? 0.69447   -0.26158  -7.57066  1.000 18.82353  ? 51  LEU A N    1 
ATOM   415  C  CA   . LEU A 1 75  ? 0.88556   -0.03252  -8.99646  1.000 20.02577  ? 51  LEU A CA   1 
ATOM   416  C  C    . LEU A 1 75  ? -0.39751  -0.21482  -9.79551  1.000 23.34023  ? 51  LEU A C    1 
ATOM   417  O  O    . LEU A 1 75  ? -0.48445  0.27347   -10.93253 1.000 23.07838  ? 51  LEU A O    1 
ATOM   418  C  CB   . LEU A 1 75  ? 1.98859   -0.96286  -9.51116  1.000 18.93546  ? 51  LEU A CB   1 
ATOM   419  C  CG   . LEU A 1 75  ? 3.39077   -0.68893  -8.97072  1.000 19.57494  ? 51  LEU A CG   1 
ATOM   420  C  CD1  . LEU A 1 75  ? 4.33012   -1.78168  -9.38696  1.000 20.21065  ? 51  LEU A CD1  1 
ATOM   421  C  CD2  . LEU A 1 75  ? 3.88273   0.67029   -9.45429  1.000 22.05173  ? 51  LEU A CD2  1 
ATOM   422  N  N    . ALA A 1 76  ? -1.39582  -0.88459  -9.22625  1.000 21.52760  ? 52  ALA A N    1 
ATOM   423  C  CA   . ALA A 1 76  ? -2.63180  -1.15649  -9.94996  1.000 24.67381  ? 52  ALA A CA   1 
ATOM   424  C  C    . ALA A 1 76  ? -3.31192  0.13964   -10.37648 1.000 26.34479  ? 52  ALA A C    1 
ATOM   425  O  O    . ALA A 1 76  ? -3.56714  1.02946   -9.55942  1.000 25.48064  ? 52  ALA A O    1 
ATOM   426  C  CB   . ALA A 1 76  ? -3.57058  -1.97981  -9.06806  1.000 23.69751  ? 52  ALA A CB   1 
ATOM   427  N  N    . GLY A 1 77  ? -3.61069  0.24407   -11.66939 1.000 26.71547  ? 53  GLY A N    1 
ATOM   428  C  CA   . GLY A 1 77  ? -4.27118  1.43238   -12.16991 1.000 30.22275  ? 53  GLY A CA   1 
ATOM   429  C  C    . GLY A 1 77  ? -3.41632  2.67425   -12.19071 1.000 33.16369  ? 53  GLY A C    1 
ATOM   430  O  O    . GLY A 1 77  ? -3.94978  3.77949   -12.31298 1.000 39.58706  ? 53  GLY A O    1 
ATOM   431  N  N    . SER A 1 78  ? -2.10071  2.53008   -12.07413 1.000 29.55853  ? 54  SER A N    1 
ATOM   432  C  CA   . SER A 1 78  ? -1.19126  3.66133   -12.03596 1.000 27.70099  ? 54  SER A CA   1 
ATOM   433  C  C    . SER A 1 78  ? -0.34161  3.69869   -13.30036 1.000 28.50981  ? 54  SER A C    1 
ATOM   434  O  O    . SER A 1 78  ? -0.05280  2.66632   -13.91141 1.000 30.85175  ? 54  SER A O    1 
ATOM   435  C  CB   . SER A 1 78  ? -0.26382  3.55688   -10.80961 1.000 30.04017  ? 54  SER A CB   1 
ATOM   436  O  OG   . SER A 1 78  ? 0.68616   4.61140   -10.74582 1.000 29.55777  ? 54  SER A OG   1 
ATOM   437  N  N    A GLU A 1 79  ? 0.03918   4.90753   -13.69523 0.509 31.93043  ? 55  GLU A N    1 
ATOM   438  N  N    B GLU A 1 79  ? 0.04424   4.90821   -13.69947 0.491 31.94392  ? 55  GLU A N    1 
ATOM   439  C  CA   A GLU A 1 79  ? 1.10011   5.07937   -14.66581 0.509 30.92607  ? 55  GLU A CA   1 
ATOM   440  C  CA   B GLU A 1 79  ? 1.09997   5.06280   -14.68120 0.491 30.90709  ? 55  GLU A CA   1 
ATOM   441  C  C    A GLU A 1 79  ? 2.41960   4.65701   -14.02252 0.509 30.13296  ? 55  GLU A C    1 
ATOM   442  C  C    B GLU A 1 79  ? 2.40914   4.62664   -14.03189 0.491 30.11714  ? 55  GLU A C    1 
ATOM   443  O  O    A GLU A 1 79  ? 2.51084   4.55015   -12.79703 0.509 30.94213  ? 55  GLU A O    1 
ATOM   444  O  O    B GLU A 1 79  ? 2.48786   4.48200   -12.80977 0.491 30.93588  ? 55  GLU A O    1 
ATOM   445  C  CB   A GLU A 1 79  ? 1.18352   6.54816   -15.07136 0.509 37.04423  ? 55  GLU A CB   1 
ATOM   446  C  CB   B GLU A 1 79  ? 1.20117   6.52186   -15.12454 0.491 37.03134  ? 55  GLU A CB   1 
ATOM   447  C  CG   A GLU A 1 79  ? 1.00552   7.52389   -13.90767 0.509 35.37408  ? 55  GLU A CG   1 
ATOM   448  C  CG   B GLU A 1 79  ? -0.05129  7.07406   -15.79044 0.491 38.70973  ? 55  GLU A CG   1 
ATOM   449  C  CD   A GLU A 1 79  ? -0.45372  7.73314   -13.51910 0.509 44.75047  ? 55  GLU A CD   1 
ATOM   450  C  CD   B GLU A 1 79  ? -0.35680  6.40025   -17.11240 0.491 38.96516  ? 55  GLU A CD   1 
ATOM   451  O  OE1  A GLU A 1 79  ? -1.22842  8.23264   -14.36155 0.509 52.37420  ? 55  GLU A OE1  1 
ATOM   452  O  OE1  B GLU A 1 79  ? 0.59679   6.06229   -17.84581 0.491 38.60621  ? 55  GLU A OE1  1 
ATOM   453  O  OE2  A GLU A 1 79  ? -0.82651  7.39425   -12.37367 0.509 36.69083  ? 55  GLU A OE2  1 
ATOM   454  O  OE2  B GLU A 1 79  ? -1.55226  6.20765   -17.41743 0.491 42.58189  ? 55  GLU A OE2  1 
ATOM   455  N  N    . PRO A 1 80  ? 3.45773   4.40346   -14.82010 1.000 28.15517  ? 56  PRO A N    1 
ATOM   456  C  CA   . PRO A 1 80  ? 4.73667   3.99152   -14.22836 1.000 30.21430  ? 56  PRO A CA   1 
ATOM   457  C  C    . PRO A 1 80  ? 5.23702   5.05013   -13.25699 1.000 29.20270  ? 56  PRO A C    1 
ATOM   458  O  O    . PRO A 1 80  ? 5.13011   6.25110   -13.50993 1.000 31.63194  ? 56  PRO A O    1 
ATOM   459  C  CB   . PRO A 1 80  ? 5.66341   3.85033   -15.44205 1.000 27.39949  ? 56  PRO A CB   1 
ATOM   460  C  CG   . PRO A 1 80  ? 4.72317   3.60931   -16.59822 1.000 29.13599  ? 56  PRO A CG   1 
ATOM   461  C  CD   . PRO A 1 80  ? 3.52010   4.45952   -16.29099 1.000 29.78193  ? 56  PRO A CD   1 
ATOM   462  N  N    . ILE A 1 81  ? 5.76817   4.59418   -12.12147 1.000 25.15039  ? 57  ILE A N    1 
ATOM   463  C  CA   . ILE A 1 81  ? 6.30214   5.47705   -11.09143 1.000 25.06889  ? 57  ILE A CA   1 
ATOM   464  C  C    . ILE A 1 81  ? 7.74613   5.09186   -10.79302 1.000 23.45355  ? 57  ILE A C    1 
ATOM   465  O  O    . ILE A 1 81  ? 8.19525   3.99136   -11.10761 1.000 23.21526  ? 57  ILE A O    1 
ATOM   466  C  CB   . ILE A 1 81  ? 5.44208   5.48061   -9.80221  1.000 24.95339  ? 57  ILE A CB   1 
ATOM   467  C  CG1  . ILE A 1 81  ? 5.42629   4.09444   -9.14648  1.000 23.57328  ? 57  ILE A CG1  1 
ATOM   468  C  CG2  . ILE A 1 81  ? 4.02174   5.94930   -10.10153 1.000 28.60695  ? 57  ILE A CG2  1 
ATOM   469  C  CD1  . ILE A 1 81  ? 4.69946   4.09465   -7.78982  1.000 23.51223  ? 57  ILE A CD1  1 
ATOM   470  N  N    . SER A 1 82  ? 8.47690   6.01466   -10.17514 1.000 24.69527  ? 58  SER A N    1 
ATOM   471  C  CA   . SER A 1 82  ? 9.87081   5.74226   -9.87518  1.000 22.58763  ? 58  SER A CA   1 
ATOM   472  C  C    . SER A 1 82  ? 9.98927   4.73842   -8.72699  1.000 23.50021  ? 58  SER A C    1 
ATOM   473  O  O    . SER A 1 82  ? 9.07029   4.56698   -7.91765  1.000 22.92691  ? 58  SER A O    1 
ATOM   474  C  CB   . SER A 1 82  ? 10.60765  7.03203   -9.52017  1.000 27.34180  ? 58  SER A CB   1 
ATOM   475  O  OG   . SER A 1 82  ? 10.24440  7.48251   -8.22337  1.000 26.47934  ? 58  SER A OG   1 
ATOM   476  N  N    . ILE A 1 83  ? 11.14274  4.06741   -8.66427  1.000 22.99692  ? 59  ILE A N    1 
ATOM   477  C  CA   . ILE A 1 83  ? 11.42559  3.17147   -7.54269  1.000 23.27878  ? 59  ILE A CA   1 
ATOM   478  C  C    . ILE A 1 83  ? 11.30563  3.91842   -6.22151  1.000 25.63358  ? 59  ILE A C    1 
ATOM   479  O  O    . ILE A 1 83  ? 10.79022  3.38192   -5.23297  1.000 22.19453  ? 59  ILE A O    1 
ATOM   480  C  CB   . ILE A 1 83  ? 12.80968  2.51076   -7.69844  1.000 24.58424  ? 59  ILE A CB   1 
ATOM   481  C  CG1  . ILE A 1 83  ? 12.95329  1.86225   -9.07535  1.000 33.38446  ? 59  ILE A CG1  1 
ATOM   482  C  CG2  . ILE A 1 83  ? 13.03019  1.47960   -6.60217  1.000 30.34420  ? 59  ILE A CG2  1 
ATOM   483  C  CD1  . ILE A 1 83  ? 11.81390  0.95845   -9.44054  1.000 35.10246  ? 59  ILE A CD1  1 
ATOM   484  N  N    . GLY A 1 84  ? 11.79453  5.16063   -6.17300  1.000 24.07000  ? 60  GLY A N    1 
ATOM   485  C  CA   . GLY A 1 84  ? 11.72970  5.92253   -4.93326  1.000 24.02019  ? 60  GLY A CA   1 
ATOM   486  C  C    . GLY A 1 84  ? 10.30545  6.24079   -4.51871  1.000 22.32501  ? 60  GLY A C    1 
ATOM   487  O  O    . GLY A 1 84  ? 9.96139   6.16410   -3.33142  1.000 21.47687  ? 60  GLY A O    1 
ATOM   488  N  N    . GLN A 1 85  ? 9.44799   6.57338   -5.49083  1.000 20.41015  ? 61  GLN A N    1 
ATOM   489  C  CA   . GLN A 1 85  ? 8.03534   6.76923   -5.18968  1.000 21.75579  ? 61  GLN A CA   1 
ATOM   490  C  C    . GLN A 1 85  ? 7.40202   5.47556   -4.69060  1.000 20.77663  ? 61  GLN A C    1 
ATOM   491  O  O    . GLN A 1 85  ? 6.60079   5.49144   -3.74109  1.000 19.96628  ? 61  GLN A O    1 
ATOM   492  C  CB   . GLN A 1 85  ? 7.29732   7.25293   -6.43901  1.000 23.44449  ? 61  GLN A CB   1 
ATOM   493  C  CG   . GLN A 1 85  ? 7.64417   8.66568   -6.87993  1.000 33.01019  ? 61  GLN A CG   1 
ATOM   494  C  CD   . GLN A 1 85  ? 6.97588   9.02916   -8.19350  1.000 39.48106  ? 61  GLN A CD   1 
ATOM   495  O  OE1  . GLN A 1 85  ? 7.34823   8.52937   -9.25590  1.000 34.67393  ? 61  GLN A OE1  1 
ATOM   496  N  NE2  . GLN A 1 85  ? 5.96743   9.88908   -8.12276  1.000 55.83216  ? 61  GLN A NE2  1 
ATOM   497  N  N    . LEU A 1 86  ? 7.72792   4.34652   -5.33519  1.000 19.18570  ? 62  LEU A N    1 
ATOM   498  C  CA   . LEU A 1 86  ? 7.16188   3.07183   -4.90586  1.000 17.32419  ? 62  LEU A CA   1 
ATOM   499  C  C    . LEU A 1 86  ? 7.58345   2.75385   -3.47904  1.000 18.03731  ? 62  LEU A C    1 
ATOM   500  O  O    . LEU A 1 86  ? 6.76593   2.30352   -2.66910  1.000 16.77809  ? 62  LEU A O    1 
ATOM   501  C  CB   . LEU A 1 86  ? 7.57779   1.94424   -5.85563  1.000 17.55193  ? 62  LEU A CB   1 
ATOM   502  C  CG   . LEU A 1 86  ? 6.97693   0.57792   -5.54245  1.000 16.91333  ? 62  LEU A CG   1 
ATOM   503  C  CD1  . LEU A 1 86  ? 5.48029   0.58423   -5.65739  1.000 18.32071  ? 62  LEU A CD1  1 
ATOM   504  C  CD2  . LEU A 1 86  ? 7.60354   -0.46656  -6.45238  1.000 18.91416  ? 62  LEU A CD2  1 
ATOM   505  N  N    . ALA A 1 87  ? 8.85259   3.00024   -3.15039  1.000 17.36491  ? 63  ALA A N    1 
ATOM   506  C  CA   . ALA A 1 87  ? 9.34958   2.75490   -1.79955  1.000 17.20382  ? 63  ALA A CA   1 
ATOM   507  C  C    . ALA A 1 87  ? 8.60549   3.61364   -0.78594  1.000 17.75611  ? 63  ALA A C    1 
ATOM   508  O  O    . ALA A 1 87  ? 8.25645   3.14558   0.30925   1.000 17.71975  ? 63  ALA A O    1 
ATOM   509  C  CB   . ALA A 1 87  ? 10.85435  3.03493   -1.73703  1.000 17.75385  ? 63  ALA A CB   1 
ATOM   510  N  N    . GLN A 1 88  ? 8.35464   4.87718   -1.12670  1.000 18.04803  ? 64  GLN A N    1 
ATOM   511  C  CA   . GLN A 1 88  ? 7.64183   5.73805   -0.18792  1.000 18.31186  ? 64  GLN A CA   1 
ATOM   512  C  C    . GLN A 1 88  ? 6.21226   5.25619   0.03824   1.000 18.48038  ? 64  GLN A C    1 
ATOM   513  O  O    . GLN A 1 88  ? 5.77411   5.10642   1.18904   1.000 18.11790  ? 64  GLN A O    1 
ATOM   514  C  CB   . GLN A 1 88  ? 7.67490   7.19615   -0.65429  1.000 21.49514  ? 64  GLN A CB   1 
ATOM   515  C  CG   . GLN A 1 88  ? 7.03388   8.14574   0.37023   1.000 23.25950  ? 64  GLN A CG   1 
ATOM   516  C  CD   . GLN A 1 88  ? 5.55138   8.35660   0.11473   1.000 22.92586  ? 64  GLN A CD   1 
ATOM   517  O  OE1  . GLN A 1 88  ? 5.13410   8.57017   -1.02067  1.000 26.46253  ? 64  GLN A OE1  1 
ATOM   518  N  NE2  . GLN A 1 88  ? 4.74192   8.27289   1.16744   1.000 21.25758  ? 64  GLN A NE2  1 
ATOM   519  N  N    A VAL A 1 89  ? 5.46808   4.98917   -1.04011  0.632 16.51389  ? 65  VAL A N    1 
ATOM   520  N  N    B VAL A 1 89  ? 5.46450   5.02572   -1.03887  0.368 16.55774  ? 65  VAL A N    1 
ATOM   521  C  CA   A VAL A 1 89  ? 4.05195   4.64992   -0.87984  0.632 17.72268  ? 65  VAL A CA   1 
ATOM   522  C  CA   B VAL A 1 89  ? 4.06579   4.64540   -0.87321  0.368 17.74393  ? 65  VAL A CA   1 
ATOM   523  C  C    A VAL A 1 89  ? 3.85272   3.28327   -0.22577  0.632 16.52207  ? 65  VAL A C    1 
ATOM   524  C  C    B VAL A 1 89  ? 3.94823   3.33607   -0.09909  0.368 15.91202  ? 65  VAL A C    1 
ATOM   525  O  O    A VAL A 1 89  ? 2.82209   3.04692   0.42955   0.632 16.07785  ? 65  VAL A O    1 
ATOM   526  O  O    B VAL A 1 89  ? 3.11141   3.20706   0.80247   0.368 16.41244  ? 65  VAL A O    1 
ATOM   527  C  CB   A VAL A 1 89  ? 3.26957   4.79940   -2.19962  0.632 16.30508  ? 65  VAL A CB   1 
ATOM   528  C  CB   B VAL A 1 89  ? 3.34835   4.61492   -2.23476  0.368 16.50010  ? 65  VAL A CB   1 
ATOM   529  C  CG1  A VAL A 1 89  ? 3.64056   3.70428   -3.20745  0.632 18.87747  ? 65  VAL A CG1  1 
ATOM   530  C  CG1  B VAL A 1 89  ? 1.92673   4.08588   -2.08642  0.368 18.24620  ? 65  VAL A CG1  1 
ATOM   531  C  CG2  A VAL A 1 89  ? 1.78008   4.78680   -1.92604  0.632 19.82341  ? 65  VAL A CG2  1 
ATOM   532  C  CG2  B VAL A 1 89  ? 3.34417   6.01479   -2.84611  0.368 20.47753  ? 65  VAL A CG2  1 
ATOM   533  N  N    . THR A 1 90  ? 4.79551   2.35606   -0.42027  1.000 17.00874  ? 66  THR A N    1 
ATOM   534  C  CA   . THR A 1 90  ? 4.74411   1.02948   0.20036   1.000 15.79315  ? 66  THR A CA   1 
ATOM   535  C  C    . THR A 1 90  ? 5.45127   0.97349   1.54591   1.000 17.08668  ? 66  THR A C    1 
ATOM   536  O  O    . THR A 1 90  ? 5.53008   -0.11187  2.13309   1.000 17.33196  ? 66  THR A O    1 
ATOM   537  C  CB   . THR A 1 90  ? 5.36538   -0.04645  -0.72202  1.000 16.13858  ? 66  THR A CB   1 
ATOM   538  O  OG1  . THR A 1 90  ? 6.77600   0.18047   -0.87440  1.000 16.22674  ? 66  THR A OG1  1 
ATOM   539  C  CG2  . THR A 1 90  ? 4.67994   -0.08067  -2.09652  1.000 17.55509  ? 66  THR A CG2  1 
ATOM   540  N  N    A VAL A 1 91  ? 5.95528   2.10539   2.04673   0.577 15.77455  ? 67  VAL A N    1 
ATOM   541  N  N    B VAL A 1 91  ? 5.99253   2.09499   2.01482   0.423 15.71948  ? 67  VAL A N    1 
ATOM   542  C  CA   A VAL A 1 91  ? 6.70805   2.20429   3.30216   0.577 16.13690  ? 67  VAL A CA   1 
ATOM   543  C  CA   B VAL A 1 91  ? 6.67130   2.15301   3.30204   0.423 16.18624  ? 67  VAL A CA   1 
ATOM   544  C  C    A VAL A 1 91  ? 7.76513   1.11346   3.43083   0.577 17.50506  ? 67  VAL A C    1 
ATOM   545  C  C    B VAL A 1 91  ? 7.67404   1.01018   3.39114   0.423 17.51354  ? 67  VAL A C    1 
ATOM   546  O  O    A VAL A 1 91  ? 7.97046   0.54675   4.51223   0.577 19.52821  ? 67  VAL A O    1 
ATOM   547  O  O    B VAL A 1 91  ? 7.72513   0.27625   4.38683   0.423 19.95717  ? 67  VAL A O    1 
ATOM   548  C  CB   A VAL A 1 91  ? 5.81267   2.30515   4.56099   0.577 17.49143  ? 67  VAL A CB   1 
ATOM   549  C  CB   B VAL A 1 91  ? 5.65759   2.14548   4.46119   0.423 16.78552  ? 67  VAL A CB   1 
ATOM   550  C  CG1  A VAL A 1 91  ? 4.96734   3.58076   4.52839   0.577 17.15164  ? 67  VAL A CG1  1 
ATOM   551  C  CG1  B VAL A 1 91  ? 6.30350   2.68393   5.71743   0.423 19.36074  ? 67  VAL A CG1  1 
ATOM   552  C  CG2  A VAL A 1 91  ? 4.94323   1.06991   4.74573   0.577 16.85804  ? 67  VAL A CG2  1 
ATOM   553  C  CG2  B VAL A 1 91  ? 4.43081   2.98470   4.09332   0.423 17.86476  ? 67  VAL A CG2  1 
ATOM   554  N  N    . THR A 1 92  ? 8.47254   0.85084   2.34124   1.000 18.17050  ? 68  THR A N    1 
ATOM   555  C  CA   . THR A 1 92  ? 9.48902   -0.18561  2.27918   1.000 17.75422  ? 68  THR A CA   1 
ATOM   556  C  C    . THR A 1 92  ? 10.80488  0.45479   1.85948   1.000 18.92587  ? 68  THR A C    1 
ATOM   557  O  O    . THR A 1 92  ? 10.82540  1.30460   0.96696   1.000 22.27877  ? 68  THR A O    1 
ATOM   558  C  CB   . THR A 1 92  ? 9.04364   -1.24751  1.26339   1.000 19.02265  ? 68  THR A CB   1 
ATOM   559  O  OG1  . THR A 1 92  ? 7.76830   -1.78046  1.65962   1.000 22.71178  ? 68  THR A OG1  1 
ATOM   560  C  CG2  . THR A 1 92  ? 10.04270  -2.38731  1.19352   1.000 20.79028  ? 68  THR A CG2  1 
ATOM   561  N  N    . LYS A 1 93  ? 11.90892  0.04965   2.49422   1.000 19.22551  ? 69  LYS A N    1 
ATOM   562  C  CA   . LYS A 1 93  ? 13.19930  0.64118   2.15066   1.000 19.90544  ? 69  LYS A CA   1 
ATOM   563  C  C    . LYS A 1 93  ? 13.55601  0.35652   0.70031   1.000 20.89348  ? 69  LYS A C    1 
ATOM   564  O  O    . LYS A 1 93  ? 13.27750  -0.72333  0.17911   1.000 20.11755  ? 69  LYS A O    1 
ATOM   565  C  CB   . LYS A 1 93  ? 14.31926  0.13495   3.07277   1.000 25.44503  ? 69  LYS A CB   1 
ATOM   566  C  CG   . LYS A 1 93  ? 13.97800  0.17670   4.55832   1.000 31.12971  ? 69  LYS A CG   1 
ATOM   567  C  CD   . LYS A 1 93  ? 14.93832  -0.67596  5.38264   1.000 38.72179  ? 69  LYS A CD   1 
ATOM   568  C  CE   . LYS A 1 93  ? 15.05283  -0.12713  6.80011   1.000 49.10884  ? 69  LYS A CE   1 
ATOM   569  N  NZ   . LYS A 1 93  ? 15.00342  1.36352   6.82264   1.000 55.39631  ? 69  LYS A NZ   1 
ATOM   570  N  N    . GLN A 1 94  ? 14.19262  1.33309   0.05469   1.000 20.77372  ? 70  GLN A N    1 
ATOM   571  C  CA   . GLN A 1 94  ? 14.49590  1.19810   -1.36723  1.000 22.35280  ? 70  GLN A CA   1 
ATOM   572  C  C    . GLN A 1 94  ? 15.30306  -0.05196  -1.71528  1.000 23.01972  ? 70  GLN A C    1 
ATOM   573  O  O    . GLN A 1 94  ? 14.95400  -0.72137  -2.70365  1.000 21.85786  ? 70  GLN A O    1 
ATOM   574  C  CB   . GLN A 1 94  ? 15.14716  2.48480   -1.89081  1.000 25.47111  ? 70  GLN A CB   1 
ATOM   575  C  CG   . GLN A 1 94  ? 15.18657  2.58155   -3.40988  1.000 39.70407  ? 70  GLN A CG   1 
ATOM   576  C  CD   . GLN A 1 94  ? 15.12635  4.01730   -3.91406  1.000 39.36401  ? 70  GLN A CD   1 
ATOM   577  O  OE1  . GLN A 1 94  ? 14.79182  4.93765   -3.16705  1.000 44.07068  ? 70  GLN A OE1  1 
ATOM   578  N  NE2  . GLN A 1 94  ? 15.44103  4.20996   -5.19166  1.000 53.58957  ? 70  GLN A NE2  1 
ATOM   579  N  N    . PRO A 1 95  ? 16.36303  -0.41959  -0.99133  1.000 23.70077  ? 71  PRO A N    1 
ATOM   580  C  CA   . PRO A 1 95  ? 17.09210  -1.64853  -1.36732  1.000 22.24908  ? 71  PRO A CA   1 
ATOM   581  C  C    . PRO A 1 95  ? 16.22990  -2.89724  -1.27791  1.000 21.32114  ? 71  PRO A C    1 
ATOM   582  O  O    . PRO A 1 95  ? 16.34669  -3.82391  -2.10659  1.000 22.75089  ? 71  PRO A O    1 
ATOM   583  C  CB   . PRO A 1 95  ? 18.28103  -1.66944  -0.39362  1.000 25.89185  ? 71  PRO A CB   1 
ATOM   584  C  CG   . PRO A 1 95  ? 18.43200  -0.24596  0.06157   1.000 26.90712  ? 71  PRO A CG   1 
ATOM   585  C  CD   . PRO A 1 95  ? 17.03599  0.33699   0.07805   1.000 23.63717  ? 71  PRO A CD   1 
ATOM   586  N  N    . THR A 1 96  ? 15.32234  -2.92263  -0.29749  1.000 21.24336  ? 72  THR A N    1 
ATOM   587  C  CA   . THR A 1 96  ? 14.36824  -4.01376  -0.19053  1.000 20.67734  ? 72  THR A CA   1 
ATOM   588  C  C    . THR A 1 96  ? 13.42197  -4.02444  -1.38341  1.000 19.85537  ? 72  THR A C    1 
ATOM   589  O  O    . THR A 1 96  ? 13.14407  -5.08575  -1.95837  1.000 18.69804  ? 72  THR A O    1 
ATOM   590  C  CB   . THR A 1 96  ? 13.60732  -3.88643  1.13106   1.000 21.85981  ? 72  THR A CB   1 
ATOM   591  O  OG1  . THR A 1 96  ? 14.55025  -3.94444  2.21900   1.000 22.94606  ? 72  THR A OG1  1 
ATOM   592  C  CG2  . THR A 1 96  ? 12.58840  -4.99647  1.28171   1.000 20.94667  ? 72  THR A CG2  1 
ATOM   593  N  N    . VAL A 1 97  ? 12.94151  -2.84331  -1.78356  1.000 18.79967  ? 73  VAL A N    1 
ATOM   594  C  CA   . VAL A 1 97  ? 12.06674  -2.76404  -2.95117  1.000 20.29737  ? 73  VAL A CA   1 
ATOM   595  C  C    . VAL A 1 97  ? 12.78229  -3.26554  -4.19873  1.000 19.59589  ? 73  VAL A C    1 
ATOM   596  O  O    . VAL A 1 97  ? 12.19338  -3.97510  -5.01812  1.000 19.13172  ? 73  VAL A O    1 
ATOM   597  C  CB   . VAL A 1 97  ? 11.52527  -1.33570  -3.14687  1.000 20.06523  ? 73  VAL A CB   1 
ATOM   598  C  CG1  . VAL A 1 97  ? 10.79489  -1.23710  -4.48287  1.000 23.84017  ? 73  VAL A CG1  1 
ATOM   599  C  CG2  . VAL A 1 97  ? 10.59345  -0.96041  -1.99480  1.000 22.71475  ? 73  VAL A CG2  1 
ATOM   600  N  N    . THR A 1 98  ? 14.04585  -2.87691  -4.38787  1.000 18.95987  ? 74  THR A N    1 
ATOM   601  C  CA   . THR A 1 98  ? 14.74991  -3.31290  -5.59604  1.000 22.10754  ? 74  THR A CA   1 
ATOM   602  C  C    . THR A 1 98  ? 14.86891  -4.83235  -5.65435  1.000 19.28413  ? 74  THR A C    1 
ATOM   603  O  O    . THR A 1 98  ? 14.63760  -5.44340  -6.71119  1.000 19.64508  ? 74  THR A O    1 
ATOM   604  C  CB   . THR A 1 98  ? 16.11547  -2.64060  -5.67021  1.000 26.27944  ? 74  THR A CB   1 
ATOM   605  O  OG1  . THR A 1 98  ? 15.93460  -1.23360  -5.87498  1.000 32.90690  ? 74  THR A OG1  1 
ATOM   606  C  CG2  . THR A 1 98  ? 16.94554  -3.22740  -6.81366  1.000 28.17907  ? 74  THR A CG2  1 
ATOM   607  N  N    . ARG A 1 99  ? 15.20899  -5.46832  -4.52721  1.000 17.80681  ? 75  ARG A N    1 
ATOM   608  C  CA   . ARG A 1 99  ? 15.27700  -6.93781  -4.51674  1.000 18.59278  ? 75  ARG A CA   1 
ATOM   609  C  C    . ARG A 1 99  ? 13.91107  -7.58035  -4.78522  1.000 17.44282  ? 75  ARG A C    1 
ATOM   610  O  O    . ARG A 1 99  ? 13.79268  -8.58115  -5.52847  1.000 18.86093  ? 75  ARG A O    1 
ATOM   611  C  CB   . ARG A 1 99  ? 15.85367  -7.40923  -3.18220  1.000 20.51228  ? 75  ARG A CB   1 
ATOM   612  C  CG   . ARG A 1 99  ? 17.33458  -7.11557  -3.07063  1.000 23.60660  ? 75  ARG A CG   1 
ATOM   613  C  CD   . ARG A 1 99  ? 17.92541  -7.70643  -1.80661  1.000 32.53447  ? 75  ARG A CD   1 
ATOM   614  N  NE   . ARG A 1 99  ? 17.58667  -6.92053  -0.62748  1.000 37.09740  ? 75  ARG A NE   1 
ATOM   615  C  CZ   . ARG A 1 99  ? 18.21882  -5.81014  -0.25886  1.000 48.05171  ? 75  ARG A CZ   1 
ATOM   616  N  NH1  . ARG A 1 99  ? 17.83680  -5.16621  0.83857   1.000 38.27022  ? 75  ARG A NH1  1 
ATOM   617  N  NH2  . ARG A 1 99  ? 19.23306  -5.34645  -0.98293  1.000 38.88169  ? 75  ARG A NH2  1 
ATOM   618  N  N    . LEU A 1 100 ? 12.86416  -7.00488  -4.18789  1.000 17.91872  ? 76  LEU A N    1 
ATOM   619  C  CA   . LEU A 1 100 ? 11.50340  -7.46027  -4.43380  1.000 17.68539  ? 76  LEU A CA   1 
ATOM   620  C  C    . LEU A 1 100 ? 11.15718  -7.37498  -5.91409  1.000 16.82642  ? 76  LEU A C    1 
ATOM   621  O  O    . LEU A 1 100 ? 10.59046  -8.31032  -6.48602  1.000 18.15993  ? 76  LEU A O    1 
ATOM   622  C  CB   . LEU A 1 100 ? 10.56502  -6.58645  -3.60549  1.000 21.21589  ? 76  LEU A CB   1 
ATOM   623  C  CG   . LEU A 1 100 ? 9.08661   -6.87506  -3.72300  1.000 22.15205  ? 76  LEU A CG   1 
ATOM   624  C  CD1  . LEU A 1 100 ? 8.79373   -8.29947  -3.32093  1.000 24.08200  ? 76  LEU A CD1  1 
ATOM   625  C  CD2  . LEU A 1 100 ? 8.33596   -5.89287  -2.83747  1.000 26.41077  ? 76  LEU A CD2  1 
ATOM   626  N  N    . LEU A 1 101 ? 11.49764  -6.25630  -6.55018  1.000 18.23509  ? 77  LEU A N    1 
ATOM   627  C  CA   . LEU A 1 101 ? 11.19216  -6.11376  -7.96688  1.000 18.14268  ? 77  LEU A CA   1 
ATOM   628  C  C    . LEU A 1 101 ? 11.99384  -7.09333  -8.81011  1.000 18.30091  ? 77  LEU A C    1 
ATOM   629  O  O    . LEU A 1 101 ? 11.48644  -7.56562  -9.82443  1.000 20.35744  ? 77  LEU A O    1 
ATOM   630  C  CB   . LEU A 1 101 ? 11.44666  -4.68501  -8.42633  1.000 19.22081  ? 77  LEU A CB   1 
ATOM   631  C  CG   . LEU A 1 101 ? 10.52848  -3.62729  -7.80675  1.000 17.47157  ? 77  LEU A CG   1 
ATOM   632  C  CD1  . LEU A 1 101 ? 10.89813  -2.25560  -8.36087  1.000 20.45056  ? 77  LEU A CD1  1 
ATOM   633  C  CD2  . LEU A 1 101 ? 9.03999   -3.93042  -8.04468  1.000 20.54532  ? 77  LEU A CD2  1 
ATOM   634  N  N    . ASP A 1 102 ? 13.22484  -7.43225  -8.40411  1.000 16.91226  ? 78  ASP A N    1 
ATOM   635  C  CA   . ASP A 1 102 ? 13.96929  -8.45401  -9.14951  1.000 19.12865  ? 78  ASP A CA   1 
ATOM   636  C  C    . ASP A 1 102 ? 13.14114  -9.72883  -9.26771  1.000 18.28196  ? 78  ASP A C    1 
ATOM   637  O  O    . ASP A 1 102 ? 12.95245  -10.29021 -10.36806 1.000 21.23944  ? 78  ASP A O    1 
ATOM   638  C  CB   . ASP A 1 102 ? 15.30342  -8.76744  -8.45509  1.000 20.46921  ? 78  ASP A CB   1 
ATOM   639  C  CG   . ASP A 1 102 ? 16.31932  -7.63867  -8.56249  1.000 22.28507  ? 78  ASP A CG   1 
ATOM   640  O  OD1  . ASP A 1 102 ? 16.16919  -6.77359  -9.43889  1.000 24.13531  ? 78  ASP A OD1  1 
ATOM   641  O  OD2  . ASP A 1 102 ? 17.27300  -7.60843  -7.74555  1.000 24.32465  ? 78  ASP A OD2  1 
ATOM   642  N  N    . ARG A 1 103 ? 12.60419  -10.19218 -8.13575  1.000 17.97380  ? 79  ARG A N    1 
ATOM   643  C  CA   . ARG A 1 103 ? 11.84490  -11.44177 -8.20680  1.000 19.39852  ? 79  ARG A CA   1 
ATOM   644  C  C    . ARG A 1 103 ? 10.43430  -11.27622 -8.78630  1.000 18.70166  ? 79  ARG A C    1 
ATOM   645  O  O    . ARG A 1 103 ? 9.94659   -12.18880 -9.46556  1.000 20.12877  ? 79  ARG A O    1 
ATOM   646  C  CB   . ARG A 1 103 ? 11.82809  -12.17685 -6.87109  1.000 20.38565  ? 79  ARG A CB   1 
ATOM   647  C  CG   . ARG A 1 103 ? 11.50109  -11.31873 -5.69092  1.000 21.84648  ? 79  ARG A CG   1 
ATOM   648  C  CD   . ARG A 1 103 ? 11.68407  -12.17608 -4.46540  1.000 20.69827  ? 79  ARG A CD   1 
ATOM   649  N  NE   . ARG A 1 103 ? 11.48515  -11.48125 -3.20119  1.000 24.55799  ? 79  ARG A NE   1 
ATOM   650  C  CZ   . ARG A 1 103 ? 10.31916  -11.36470 -2.58049  1.000 24.42224  ? 79  ARG A CZ   1 
ATOM   651  N  NH1  . ARG A 1 103 ? 9.22301   -11.87262 -3.13128  1.000 23.45247  ? 79  ARG A NH1  1 
ATOM   652  N  NH2  . ARG A 1 103 ? 10.26687  -10.75277 -1.40761  1.000 29.61070  ? 79  ARG A NH2  1 
ATOM   653  N  N    . MET A 1 104 ? 9.76623   -10.14708 -8.53089  1.000 18.31894  ? 80  MET A N    1 
ATOM   654  C  CA   . MET A 1 104 ? 8.43683   -9.92964  -9.11063  1.000 18.53087  ? 80  MET A CA   1 
ATOM   655  C  C    . MET A 1 104 ? 8.51380   -9.76479  -10.62630 1.000 20.95115  ? 80  MET A C    1 
ATOM   656  O  O    . MET A 1 104 ? 7.60853   -10.20822 -11.34831 1.000 19.97907  ? 80  MET A O    1 
ATOM   657  C  CB   . MET A 1 104 ? 7.75870   -8.71949  -8.45420  1.000 18.69553  ? 80  MET A CB   1 
ATOM   658  C  CG   . MET A 1 104 ? 7.40526   -8.91455  -6.95572  1.000 19.67163  ? 80  MET A CG   1 
ATOM   659  S  SD   . MET A 1 104 ? 6.59731   -7.46822  -6.17586  1.000 21.50077  ? 80  MET A SD   1 
ATOM   660  C  CE   . MET A 1 104 ? 4.98114   -7.53905  -6.95215  1.000 21.46840  ? 80  MET A CE   1 
ATOM   661  N  N    . GLU A 1 105 ? 9.58069   -9.12807  -11.12735 1.000 19.33808  ? 81  GLU A N    1 
ATOM   662  C  CA   . GLU A 1 105 ? 9.77469   -9.01554  -12.56827 1.000 18.80616  ? 81  GLU A CA   1 
ATOM   663  C  C    . GLU A 1 105 ? 10.09096  -10.37602 -13.17575 1.000 21.36420  ? 81  GLU A C    1 
ATOM   664  O  O    . GLU A 1 105 ? 9.57775   -10.71717 -14.25098 1.000 21.80795  ? 81  GLU A O    1 
ATOM   665  C  CB   . GLU A 1 105 ? 10.87884  -7.99789  -12.86054 1.000 21.80252  ? 81  GLU A CB   1 
ATOM   666  C  CG   . GLU A 1 105 ? 11.00541  -7.61878  -14.32758 1.000 25.66949  ? 81  GLU A CG   1 
ATOM   667  C  CD   . GLU A 1 105 ? 11.75765  -6.31108  -14.52960 1.000 26.63324  ? 81  GLU A CD   1 
ATOM   668  O  OE1  . GLU A 1 105 ? 12.62359  -5.96494  -13.68569 1.000 30.70981  ? 81  GLU A OE1  1 
ATOM   669  O  OE2  . GLU A 1 105 ? 11.48489  -5.63700  -15.54494 1.000 31.63006  ? 81  GLU A OE2  1 
ATOM   670  N  N    . ALA A 1 106 ? 10.90300  -11.18959 -12.48130 1.000 20.65183  ? 82  ALA A N    1 
ATOM   671  C  CA   . ALA A 1 106 ? 11.13961  -12.55467 -12.95469 1.000 20.90365  ? 82  ALA A CA   1 
ATOM   672  C  C    . ALA A 1 106 ? 9.83857   -13.33832 -13.10155 1.000 21.67445  ? 82  ALA A C    1 
ATOM   673  O  O    . ALA A 1 106 ? 9.71446   -14.17917 -14.00782 1.000 25.15011  ? 82  ALA A O    1 
ATOM   674  C  CB   . ALA A 1 106 ? 12.09396  -13.28025 -12.00233 1.000 20.49619  ? 82  ALA A CB   1 
ATOM   675  N  N    . ARG A 1 107 ? 8.86393   -13.09377 -12.22158 1.000 21.08903  ? 83  ARG A N    1 
ATOM   676  C  CA   . ARG A 1 107 ? 7.56934   -13.75583 -12.28095 1.000 21.58527  ? 83  ARG A CA   1 
ATOM   677  C  C    . ARG A 1 107 ? 6.59195   -13.04946 -13.21049 1.000 22.15326  ? 83  ARG A C    1 
ATOM   678  O  O    . ARG A 1 107 ? 5.43125   -13.46597 -13.28976 1.000 25.30432  ? 83  ARG A O    1 
ATOM   679  C  CB   . ARG A 1 107 ? 6.96060   -13.88992 -10.88361 1.000 21.14649  ? 83  ARG A CB   1 
ATOM   680  C  CG   . ARG A 1 107 ? 7.77252   -14.80480 -9.96417  1.000 23.25585  ? 83  ARG A CG   1 
ATOM   681  C  CD   . ARG A 1 107 ? 7.20722   -14.85288 -8.56942  1.000 29.35760  ? 83  ARG A CD   1 
ATOM   682  N  NE   . ARG A 1 107 ? 5.79751   -15.22236 -8.55713  1.000 34.91263  ? 83  ARG A NE   1 
ATOM   683  C  CZ   . ARG A 1 107 ? 5.06032   -15.27820 -7.45342  1.000 45.48388  ? 83  ARG A CZ   1 
ATOM   684  N  NH1  . ARG A 1 107 ? 5.60704   -15.00791 -6.27030  1.000 40.57197  ? 83  ARG A NH1  1 
ATOM   685  N  NH2  . ARG A 1 107 ? 3.78245   -15.61837 -7.53016  1.000 54.20227  ? 83  ARG A NH2  1 
ATOM   686  N  N    . GLY A 1 108 ? 7.02844   -11.99460 -13.89830 1.000 20.50330  ? 84  GLY A N    1 
ATOM   687  C  CA   . GLY A 1 108 ? 6.16940   -11.35341 -14.87717 1.000 21.89942  ? 84  GLY A CA   1 
ATOM   688  C  C    . GLY A 1 108 ? 5.04920   -10.52400 -14.30001 1.000 24.41215  ? 84  GLY A C    1 
ATOM   689  O  O    . GLY A 1 108 ? 4.09542   -10.21802 -15.01633 1.000 22.78139  ? 84  GLY A O    1 
ATOM   690  N  N    . GLN A 1 109 ? 5.13611   -10.12896 -13.02728 1.000 20.43859  ? 85  GLN A N    1 
ATOM   691  C  CA   . GLN A 1 109 ? 4.06828   -9.36925  -12.38496 1.000 18.55458  ? 85  GLN A CA   1 
ATOM   692  C  C    . GLN A 1 109 ? 4.26101   -7.86708  -12.47037 1.000 17.14079  ? 85  GLN A C    1 
ATOM   693  O  O    . GLN A 1 109 ? 3.28588   -7.12140  -12.29990 1.000 19.51511  ? 85  GLN A O    1 
ATOM   694  C  CB   . GLN A 1 109 ? 3.96077   -9.72443  -10.89741 1.000 22.89020  ? 85  GLN A CB   1 
ATOM   695  C  CG   . GLN A 1 109 ? 3.76385   -11.18871 -10.62946 1.000 26.91135  ? 85  GLN A CG   1 
ATOM   696  C  CD   . GLN A 1 109 ? 3.88837   -11.50736 -9.15293  1.000 31.66982  ? 85  GLN A CD   1 
ATOM   697  O  OE1  . GLN A 1 109 ? 4.72186   -10.92679 -8.44349  1.000 31.61635  ? 85  GLN A OE1  1 
ATOM   698  N  NE2  . GLN A 1 109 ? 3.04867   -12.41720 -8.67549  1.000 35.52132  ? 85  GLN A NE2  1 
ATOM   699  N  N    . VAL A 1 110 ? 5.49460   -7.41233  -12.67651 1.000 17.48465  ? 86  VAL A N    1 
ATOM   700  C  CA   . VAL A 1 110 ? 5.83051   -6.00309  -12.81340 1.000 19.63716  ? 86  VAL A CA   1 
ATOM   701  C  C    . VAL A 1 110 ? 6.89170   -5.89383  -13.89835 1.000 21.32391  ? 86  VAL A C    1 
ATOM   702  O  O    . VAL A 1 110 ? 7.48923   -6.88627  -14.31536 1.000 20.54978  ? 86  VAL A O    1 
ATOM   703  C  CB   . VAL A 1 110 ? 6.37419   -5.38687  -11.50123 1.000 19.56495  ? 86  VAL A CB   1 
ATOM   704  C  CG1  . VAL A 1 110 ? 5.36343   -5.53253  -10.37608 1.000 19.87660  ? 86  VAL A CG1  1 
ATOM   705  C  CG2  . VAL A 1 110 ? 7.71906   -6.03086  -11.12330 1.000 19.34739  ? 86  VAL A CG2  1 
ATOM   706  N  N    . GLU A 1 111 ? 7.12358   -4.66046  -14.34006 1.000 20.12200  ? 87  GLU A N    1 
ATOM   707  C  CA   . GLU A 1 111 ? 8.16703   -4.37421  -15.31541 1.000 20.99207  ? 87  GLU A CA   1 
ATOM   708  C  C    . GLU A 1 111 ? 8.84337   -3.06577  -14.95587 1.000 22.22470  ? 87  GLU A C    1 
ATOM   709  O  O    . GLU A 1 111 ? 8.16677   -2.06476  -14.69694 1.000 21.88371  ? 87  GLU A O    1 
ATOM   710  C  CB   . GLU A 1 111 ? 7.60573   -4.28843  -16.74262 1.000 23.99789  ? 87  GLU A CB   1 
ATOM   711  C  CG   . GLU A 1 111 ? 8.70661   -4.08373  -17.78644 1.000 27.42773  ? 87  GLU A CG   1 
ATOM   712  C  CD   . GLU A 1 111 ? 8.17224   -3.81177  -19.19206 1.000 35.95142  ? 87  GLU A CD   1 
ATOM   713  O  OE1  . GLU A 1 111 ? 7.04006   -3.30800  -19.32739 1.000 29.75597  ? 87  GLU A OE1  1 
ATOM   714  O  OE2  . GLU A 1 111 ? 8.90462   -4.09281  -20.16489 1.000 42.03918  ? 87  GLU A OE2  1 
ATOM   715  N  N    . ARG A 1 112 ? 10.17735  -3.08261  -14.94223 1.000 22.52988  ? 88  ARG A N    1 
ATOM   716  C  CA   . ARG A 1 112 ? 10.96601  -1.87167  -14.80657 1.000 23.43413  ? 88  ARG A CA   1 
ATOM   717  C  C    . ARG A 1 112 ? 11.29326  -1.34026  -16.19835 1.000 25.46505  ? 88  ARG A C    1 
ATOM   718  O  O    . ARG A 1 112 ? 11.52545  -2.11222  -17.13369 1.000 29.00408  ? 88  ARG A O    1 
ATOM   719  C  CB   . ARG A 1 112 ? 12.24474  -2.15019  -14.01365 1.000 22.15067  ? 88  ARG A CB   1 
ATOM   720  C  CG   . ARG A 1 112 ? 12.00335  -2.11292  -12.50643 1.000 25.35009  ? 88  ARG A CG   1 
ATOM   721  C  CD   . ARG A 1 112 ? 13.21622  -2.53736  -11.71076 1.000 27.09132  ? 88  ARG A CD   1 
ATOM   722  N  NE   . ARG A 1 112 ? 13.48975  -3.95566  -11.89418 1.000 26.07891  ? 88  ARG A NE   1 
ATOM   723  C  CZ   . ARG A 1 112 ? 14.21556  -4.69004  -11.06084 1.000 24.81247  ? 88  ARG A CZ   1 
ATOM   724  N  NH1  . ARG A 1 112 ? 14.74951  -4.13235  -9.98384  1.000 27.49904  ? 88  ARG A NH1  1 
ATOM   725  N  NH2  . ARG A 1 112 ? 14.40092  -5.96902  -11.31588 1.000 26.85183  ? 88  ARG A NH2  1 
ATOM   726  N  N    A LEU A 1 113 ? 11.30253  -0.01666  -16.32623 0.606 27.25941  ? 89  LEU A N    1 
ATOM   727  N  N    B LEU A 1 113 ? 11.29741  -0.02211  -16.32782 0.394 27.33570  ? 89  LEU A N    1 
ATOM   728  C  CA   A LEU A 1 113 ? 11.55319  0.62452   -17.60921 0.606 31.73035  ? 89  LEU A CA   1 
ATOM   729  C  CA   B LEU A 1 113 ? 11.53004  0.64953   -17.59596 0.394 31.72279  ? 89  LEU A CA   1 
ATOM   730  C  C    A LEU A 1 113 ? 12.31729  1.92082   -17.39749 0.606 32.89113  ? 89  LEU A C    1 
ATOM   731  C  C    B LEU A 1 113 ? 12.40859  1.86461   -17.35593 0.394 32.90370  ? 89  LEU A C    1 
ATOM   732  O  O    A LEU A 1 113 ? 12.21883  2.53831   -16.33072 0.606 30.49358  ? 89  LEU A O    1 
ATOM   733  O  O    B LEU A 1 113 ? 12.50311  2.36008   -16.22605 0.394 33.06076  ? 89  LEU A O    1 
ATOM   734  C  CB   A LEU A 1 113 ? 10.25123  0.89721   -18.37436 0.606 33.21723  ? 89  LEU A CB   1 
ATOM   735  C  CB   B LEU A 1 113 ? 10.20900  1.09130   -18.24004 0.394 33.09337  ? 89  LEU A CB   1 
ATOM   736  C  CG   A LEU A 1 113 ? 9.16213   1.68061   -17.64612 0.606 34.23362  ? 89  LEU A CG   1 
ATOM   737  C  CG   B LEU A 1 113 ? 9.31446   -0.01677  -18.80423 0.394 33.72449  ? 89  LEU A CG   1 
ATOM   738  C  CD1  A LEU A 1 113 ? 9.28375   3.16288   -17.94823 0.606 39.84741  ? 89  LEU A CD1  1 
ATOM   739  C  CD1  B LEU A 1 113 ? 7.97616   0.54752   -19.25104 0.394 39.05160  ? 89  LEU A CD1  1 
ATOM   740  C  CD2  A LEU A 1 113 ? 7.78381   1.16084   -18.03269 0.606 37.69802  ? 89  LEU A CD2  1 
ATOM   741  C  CD2  B LEU A 1 113 ? 10.00584  -0.73885  -19.95208 0.394 38.35020  ? 89  LEU A CD2  1 
ATOM   742  N  N    . PRO A 1 114 ? 13.07512  2.36425   -18.39330 1.000 37.77414  ? 90  PRO A N    1 
ATOM   743  C  CA   . PRO A 1 114 ? 13.87814  3.57554   -18.22753 1.000 40.81481  ? 90  PRO A CA   1 
ATOM   744  C  C    . PRO A 1 114 ? 12.99758  4.81033   -18.16511 1.000 38.54273  ? 90  PRO A C    1 
ATOM   745  O  O    . PRO A 1 114 ? 11.92187  4.87120   -18.76659 1.000 42.52862  ? 90  PRO A O    1 
ATOM   746  C  CB   . PRO A 1 114 ? 14.73633  3.59445   -19.49717 1.000 39.25526  ? 90  PRO A CB   1 
ATOM   747  C  CG   . PRO A 1 114 ? 13.87356  2.91572   -20.51555 1.000 37.21108  ? 90  PRO A CG   1 
ATOM   748  C  CD   . PRO A 1 114 ? 13.17198  1.81267   -19.75652 1.000 41.97449  ? 90  PRO A CD   1 
ATOM   749  N  N    . HIS A 1 115 ? 13.46483  5.80131   -17.41198 1.000 38.77041  ? 91  HIS A N    1 
ATOM   750  C  CA   . HIS A 1 115 ? 12.80057  7.09472   -17.41864 1.000 50.00736  ? 91  HIS A CA   1 
ATOM   751  C  C    . HIS A 1 115 ? 13.05901  7.78329   -18.75187 1.000 63.19112  ? 91  HIS A C    1 
ATOM   752  O  O    . HIS A 1 115 ? 14.16102  7.71235   -19.30314 1.000 59.37686  ? 91  HIS A O    1 
ATOM   753  C  CB   . HIS A 1 115 ? 13.31005  7.96418   -16.26999 1.000 56.66748  ? 91  HIS A CB   1 
ATOM   754  C  CG   . HIS A 1 115 ? 12.61218  9.28508   -16.15904 1.000 75.98765  ? 91  HIS A CG   1 
ATOM   755  N  ND1  . HIS A 1 115 ? 13.03927  10.41217  -16.82777 1.000 77.49808  ? 91  HIS A ND1  1 
ATOM   756  C  CD2  . HIS A 1 115 ? 11.50888  9.65544   -15.46599 1.000 78.30347  ? 91  HIS A CD2  1 
ATOM   757  C  CE1  . HIS A 1 115 ? 12.23358  11.42091  -16.54675 1.000 77.91357  ? 91  HIS A CE1  1 
ATOM   758  N  NE2  . HIS A 1 115 ? 11.29605  10.98830  -15.72302 1.000 67.12728  ? 91  HIS A NE2  1 
ATOM   759  N  N    . GLU A 1 116 ? 12.03032  8.44646   -19.27496 1.000 62.21920  ? 92  GLU A N    1 
ATOM   760  C  CA   . GLU A 1 116 ? 12.10795  9.06376   -20.59364 1.000 81.56096  ? 92  GLU A CA   1 
ATOM   761  C  C    . GLU A 1 116 ? 13.13931  10.18443  -20.67739 1.000 78.79485  ? 92  GLU A C    1 
ATOM   762  O  O    . GLU A 1 116 ? 13.33254  10.73472  -21.76718 1.000 77.81799  ? 92  GLU A O    1 
ATOM   763  C  CB   . GLU A 1 116 ? 10.73131  9.58378   -21.01539 1.000 81.35172  ? 92  GLU A CB   1 
ATOM   764  C  CG   . GLU A 1 116 ? 9.58100   8.62099   -20.73660 1.000 88.45086  ? 92  GLU A CG   1 
ATOM   765  C  CD   . GLU A 1 116 ? 9.11330   8.65813   -19.28919 1.000 88.47472  ? 92  GLU A CD   1 
ATOM   766  O  OE1  . GLU A 1 116 ? 9.89673   9.09243   -18.41644 1.000 78.69303  ? 92  GLU A OE1  1 
ATOM   767  O  OE2  . GLU A 1 116 ? 7.96284   8.24894   -19.02561 1.000 86.06860  ? 92  GLU A OE2  1 
ATOM   768  N  N    . SER A 1 117 ? 13.80752  10.53126  -19.57678 1.000 74.59704  ? 93  SER A N    1 
ATOM   769  C  CA   . SER A 1 117 ? 14.73510  11.65592  -19.57653 1.000 74.64255  ? 93  SER A CA   1 
ATOM   770  C  C    . SER A 1 117 ? 15.98872  11.36974  -18.75790 1.000 75.74023  ? 93  SER A C    1 
ATOM   771  O  O    . SER A 1 117 ? 17.10816  11.50819  -19.26132 1.000 77.42944  ? 93  SER A O    1 
ATOM   772  C  CB   . SER A 1 117 ? 14.03869  12.91530  -19.05191 1.000 77.85519  ? 93  SER A CB   1 
ATOM   773  O  OG   . SER A 1 117 ? 14.96364  13.80175  -18.44275 1.000 78.52931  ? 93  SER A OG   1 
ATOM   774  N  N    . ASP A 1 118 ? 15.81480  10.96988  -17.50083 1.000 79.32110  ? 94  ASP A N    1 
ATOM   775  C  CA   . ASP A 1 118 ? 16.91195  10.87815  -16.54488 1.000 79.23270  ? 94  ASP A CA   1 
ATOM   776  C  C    . ASP A 1 118 ? 17.44048  9.44873   -16.48967 1.000 76.46245  ? 94  ASP A C    1 
ATOM   777  O  O    . ASP A 1 118 ? 16.68945  8.51369   -16.19051 1.000 70.08398  ? 94  ASP A O    1 
ATOM   778  C  CB   . ASP A 1 118 ? 16.44790  11.32695  -15.15850 1.000 73.61739  ? 94  ASP A CB   1 
ATOM   779  C  CG   . ASP A 1 118 ? 17.60132  11.71617  -14.25459 1.000 72.16267  ? 94  ASP A CG   1 
ATOM   780  O  OD1  . ASP A 1 118 ? 18.67707  11.09026  -14.35709 1.000 78.48705  ? 94  ASP A OD1  1 
ATOM   781  O  OD2  . ASP A 1 118 ? 17.43326  12.64999  -13.44239 1.000 74.58016  ? 94  ASP A OD2  1 
ATOM   782  N  N    . ARG A 1 119 ? 18.73579  9.28548   -16.77179 1.000 69.06894  ? 95  ARG A N    1 
ATOM   783  C  CA   . ARG A 1 119 ? 19.38182  7.99052   -16.59254 1.000 75.80451  ? 95  ARG A CA   1 
ATOM   784  C  C    . ARG A 1 119 ? 19.36945  7.55116   -15.13465 1.000 77.92638  ? 95  ARG A C    1 
ATOM   785  O  O    . ARG A 1 119 ? 19.48275  6.35257   -14.85455 1.000 75.67512  ? 95  ARG A O    1 
ATOM   786  C  CB   . ARG A 1 119 ? 20.82934  8.05576   -17.08407 1.000 84.41391  ? 95  ARG A CB   1 
ATOM   787  C  CG   . ARG A 1 119 ? 21.58404  9.30582   -16.63422 1.000 93.93888  ? 95  ARG A CG   1 
ATOM   788  C  CD   . ARG A 1 119 ? 23.01435  9.32705   -17.16377 1.000 94.87688  ? 95  ARG A CD   1 
ATOM   789  N  NE   . ARG A 1 119 ? 23.92978  10.02226  -16.26013 1.000 102.72645 ? 95  ARG A NE   1 
ATOM   790  C  CZ   . ARG A 1 119 ? 25.09884  9.53262   -15.85718 1.000 100.66909 ? 95  ARG A CZ   1 
ATOM   791  N  NH1  . ARG A 1 119 ? 25.50086  8.34118   -16.27879 1.000 87.81140  ? 95  ARG A NH1  1 
ATOM   792  N  NH2  . ARG A 1 119 ? 25.86855  10.23388  -15.03463 1.000 101.09115 ? 95  ARG A NH2  1 
ATOM   793  N  N    . ARG A 1 120 ? 19.23743  8.50055   -14.20474 1.000 76.51491  ? 96  ARG A N    1 
ATOM   794  C  CA   . ARG A 1 120 ? 19.24719  8.20800   -12.77597 1.000 77.71924  ? 96  ARG A CA   1 
ATOM   795  C  C    . ARG A 1 120 ? 17.98644  7.49144   -12.30691 1.000 74.72369  ? 96  ARG A C    1 
ATOM   796  O  O    . ARG A 1 120 ? 18.00423  6.87869   -11.23392 1.000 75.17282  ? 96  ARG A O    1 
ATOM   797  C  CB   . ARG A 1 120 ? 19.40107  9.52091   -12.00237 1.000 76.62000  ? 96  ARG A CB   1 
ATOM   798  C  CG   . ARG A 1 120 ? 19.48041  9.38863   -10.48724 1.000 87.32341  ? 96  ARG A CG   1 
ATOM   799  C  CD   . ARG A 1 120 ? 18.47343  10.32491  -9.81500  1.000 92.01320  ? 96  ARG A CD   1 
ATOM   800  N  NE   . ARG A 1 120 ? 18.67986  10.43009  -8.37215  1.000 102.77448 ? 96  ARG A NE   1 
ATOM   801  C  CZ   . ARG A 1 120 ? 17.82293  11.00071  -7.52935  1.000 88.98638  ? 96  ARG A CZ   1 
ATOM   802  N  NH1  . ARG A 1 120 ? 16.68596  11.51691  -7.97708  1.000 73.21660  ? 96  ARG A NH1  1 
ATOM   803  N  NH2  . ARG A 1 120 ? 18.10038  11.04807  -6.23351  1.000 80.56609  ? 96  ARG A NH2  1 
ATOM   804  N  N    . ILE A 1 121 ? 16.90281  7.54374   -13.07870 1.000 68.37044  ? 97  ILE A N    1 
ATOM   805  C  CA   . ILE A 1 121 ? 15.57531  7.16291   -12.60890 1.000 54.23049  ? 97  ILE A CA   1 
ATOM   806  C  C    . ILE A 1 121 ? 15.10902  5.91977   -13.35330 1.000 51.29311  ? 97  ILE A C    1 
ATOM   807  O  O    . ILE A 1 121 ? 15.12519  5.88355   -14.58984 1.000 48.16370  ? 97  ILE A O    1 
ATOM   808  C  CB   . ILE A 1 121 ? 14.57453  8.31648   -12.79056 1.000 50.39368  ? 97  ILE A CB   1 
ATOM   809  C  CG1  . ILE A 1 121 ? 15.01123  9.53022   -11.96727 1.000 59.30164  ? 97  ILE A CG1  1 
ATOM   810  C  CG2  . ILE A 1 121 ? 13.17468  7.87299   -12.39638 1.000 45.23073  ? 97  ILE A CG2  1 
ATOM   811  C  CD1  . ILE A 1 121 ? 13.93604  10.58148  -11.80921 1.000 65.77989  ? 97  ILE A CD1  1 
ATOM   812  N  N    . THR A 1 122 ? 14.68457  4.90867   -12.59860 1.000 39.69954  ? 98  THR A N    1 
ATOM   813  C  CA   . THR A 1 122 ? 14.02099  3.72996   -13.13853 1.000 34.41869  ? 98  THR A CA   1 
ATOM   814  C  C    . THR A 1 122 ? 12.55526  3.79472   -12.74741 1.000 28.53497  ? 98  THR A C    1 
ATOM   815  O  O    . THR A 1 122 ? 12.23753  4.05357   -11.58049 1.000 31.92464  ? 98  THR A O    1 
ATOM   816  C  CB   . THR A 1 122 ? 14.62410  2.45308   -12.55609 1.000 34.35033  ? 98  THR A CB   1 
ATOM   817  O  OG1  . THR A 1 122 ? 16.00797  2.36501   -12.91576 1.000 36.47923  ? 98  THR A OG1  1 
ATOM   818  C  CG2  . THR A 1 122 ? 13.88716  1.23307   -13.08542 1.000 35.83052  ? 98  THR A CG2  1 
ATOM   819  N  N    . LEU A 1 123 ? 11.66700  3.57770   -13.71260 1.000 28.02931  ? 99  LEU A N    1 
ATOM   820  C  CA   . LEU A 1 123 ? 10.23830  3.53178   -13.46789 1.000 24.50803  ? 99  LEU A CA   1 
ATOM   821  C  C    . LEU A 1 123 ? 9.79382   2.08022   -13.37238 1.000 21.95711  ? 99  LEU A C    1 
ATOM   822  O  O    . LEU A 1 123 ? 10.47730  1.16769   -13.83576 1.000 25.10778  ? 99  LEU A O    1 
ATOM   823  C  CB   . LEU A 1 123 ? 9.48197   4.21632   -14.60824 1.000 29.84100  ? 99  LEU A CB   1 
ATOM   824  C  CG   . LEU A 1 123 ? 9.85050   5.67247   -14.88903 1.000 29.96210  ? 99  LEU A CG   1 
ATOM   825  C  CD1  . LEU A 1 123 ? 9.06163   6.20250   -16.08040 1.000 33.86403  ? 99  LEU A CD1  1 
ATOM   826  C  CD2  . LEU A 1 123 ? 9.61076   6.53258   -13.65418 1.000 31.62982  ? 99  LEU A CD2  1 
ATOM   827  N  N    . VAL A 1 124 ? 8.62160   1.87562   -12.77497 1.000 22.27108  ? 100 VAL A N    1 
ATOM   828  C  CA   . VAL A 1 124 ? 8.07916   0.53324   -12.59450 1.000 20.32500  ? 100 VAL A CA   1 
ATOM   829  C  C    . VAL A 1 124 ? 6.57283   0.57579   -12.80799 1.000 18.65475  ? 100 VAL A C    1 
ATOM   830  O  O    . VAL A 1 124 ? 5.90783   1.55405   -12.44663 1.000 20.38397  ? 100 VAL A O    1 
ATOM   831  C  CB   . VAL A 1 124 ? 8.46166   -0.04955  -11.21193 1.000 24.16505  ? 100 VAL A CB   1 
ATOM   832  C  CG1  . VAL A 1 124 ? 7.91005   0.79763   -10.09044 1.000 27.12594  ? 100 VAL A CG1  1 
ATOM   833  C  CG2  . VAL A 1 124 ? 8.00846   -1.49968  -11.06697 1.000 22.21471  ? 100 VAL A CG2  1 
ATOM   834  N  N    A ARG A 1 125 ? 6.04065   -0.49002  -13.40238 0.464 20.44697  ? 101 ARG A N    1 
ATOM   835  N  N    B ARG A 1 125 ? 6.04149   -0.48543  -13.41605 0.536 20.44164  ? 101 ARG A N    1 
ATOM   836  C  CA   A ARG A 1 125 ? 4.60931   -0.62047  -13.62803 0.464 19.09128  ? 101 ARG A CA   1 
ATOM   837  C  CA   B ARG A 1 125 ? 4.61161   -0.62510  -13.65696 0.536 19.10541  ? 101 ARG A CA   1 
ATOM   838  C  C    A ARG A 1 125 ? 4.17657   -2.05035  -13.33390 0.464 19.42817  ? 101 ARG A C    1 
ATOM   839  C  C    B ARG A 1 125 ? 4.18115   -2.04939  -13.32868 0.536 19.40532  ? 101 ARG A C    1 
ATOM   840  O  O    A ARG A 1 125 ? 4.98640   -2.98093  -13.33150 0.464 19.54884  ? 101 ARG A O    1 
ATOM   841  O  O    B ARG A 1 125 ? 4.99366   -2.97811  -13.30536 0.536 19.52823  ? 101 ARG A O    1 
ATOM   842  C  CB   A ARG A 1 125 ? 4.23246   -0.26108  -15.07448 0.464 20.26090  ? 101 ARG A CB   1 
ATOM   843  C  CB   B ARG A 1 125 ? 4.25316   -0.33925  -15.12845 0.536 20.19844  ? 101 ARG A CB   1 
ATOM   844  C  CG   A ARG A 1 125 ? 5.02409   -1.03556  -16.11443 0.464 18.61671  ? 101 ARG A CG   1 
ATOM   845  C  CG   B ARG A 1 125 ? 4.74197   -1.43323  -16.06773 0.536 19.25460  ? 101 ARG A CG   1 
ATOM   846  C  CD   A ARG A 1 125 ? 4.53763   -0.72054  -17.52517 0.464 21.02058  ? 101 ARG A CD   1 
ATOM   847  C  CD   B ARG A 1 125 ? 4.32769   -1.25157  -17.53263 0.536 21.30106  ? 101 ARG A CD   1 
ATOM   848  N  NE   A ARG A 1 125 ? 3.19728   -1.25005  -17.77360 0.464 22.62086  ? 101 ARG A NE   1 
ATOM   849  N  NE   B ARG A 1 125 ? 4.84958   -2.37326  -18.30747 0.536 20.85187  ? 101 ARG A NE   1 
ATOM   850  C  CZ   A ARG A 1 125 ? 2.94853   -2.44658  -18.29817 0.464 19.05537  ? 101 ARG A CZ   1 
ATOM   851  C  CZ   B ARG A 1 125 ? 4.12669   -3.40332  -18.72981 0.536 20.70537  ? 101 ARG A CZ   1 
ATOM   852  N  NH1  A ARG A 1 125 ? 1.70161   -2.84300  -18.48394 0.464 17.88894  ? 101 ARG A NH1  1 
ATOM   853  N  NH1  B ARG A 1 125 ? 2.82245   -3.44188  -18.51052 0.536 16.60252  ? 101 ARG A NH1  1 
ATOM   854  N  NH2  A ARG A 1 125 ? 3.94545   -3.24578  -18.63877 0.464 19.52524  ? 101 ARG A NH2  1 
ATOM   855  N  NH2  B ARG A 1 125 ? 4.71608   -4.39159  -19.38532 0.536 22.61611  ? 101 ARG A NH2  1 
ATOM   856  N  N    . ILE A 1 126 ? 2.87927   -2.21470  -13.07883 1.000 18.77368  ? 102 ILE A N    1 
ATOM   857  C  CA   . ILE A 1 126 ? 2.28301   -3.54418  -12.98937 1.000 18.94209  ? 102 ILE A CA   1 
ATOM   858  C  C    . ILE A 1 126 ? 2.00625   -4.04553  -14.40430 1.000 19.66696  ? 102 ILE A C    1 
ATOM   859  O  O    . ILE A 1 126 ? 1.69826   -3.25685  -15.30949 1.000 21.65652  ? 102 ILE A O    1 
ATOM   860  C  CB   . ILE A 1 126 ? 1.00113   -3.50971  -12.12763 1.000 18.61905  ? 102 ILE A CB   1 
ATOM   861  C  CG1  . ILE A 1 126 ? 0.62128   -4.91067  -11.63326 1.000 20.11250  ? 102 ILE A CG1  1 
ATOM   862  C  CG2  . ILE A 1 126 ? -0.15674  -2.85975  -12.90281 1.000 23.07791  ? 102 ILE A CG2  1 
ATOM   863  C  CD1  . ILE A 1 126 ? -0.53893  -4.92896  -10.59968 1.000 20.49424  ? 102 ILE A CD1  1 
ATOM   864  N  N    . THR A 1 127 ? 2.11556   -5.34946  -14.60509 1.000 18.44651  ? 103 THR A N    1 
ATOM   865  C  CA   . THR A 1 127 ? 1.74213   -5.94583  -15.88562 1.000 18.24933  ? 103 THR A CA   1 
ATOM   866  C  C    . THR A 1 127 ? 0.30141   -6.43287  -15.81906 1.000 20.46390  ? 103 THR A C    1 
ATOM   867  O  O    . THR A 1 127 ? -0.30648  -6.50776  -14.75335 1.000 20.19089  ? 103 THR A O    1 
ATOM   868  C  CB   . THR A 1 127 ? 2.62597   -7.15457  -16.19369 1.000 18.68627  ? 103 THR A CB   1 
ATOM   869  O  OG1  . THR A 1 127 ? 2.36311   -8.16159  -15.20041 1.000 20.89823  ? 103 THR A OG1  1 
ATOM   870  C  CG2  . THR A 1 127 ? 4.11615   -6.78866  -16.22317 1.000 20.64620  ? 103 THR A CG2  1 
ATOM   871  N  N    . ARG A 1 128 ? -0.25678  -6.80406  -16.98138 1.000 19.18395  ? 104 ARG A N    1 
ATOM   872  C  CA   . ARG A 1 128 ? -1.57675  -7.42289  -16.97334 1.000 18.92772  ? 104 ARG A CA   1 
ATOM   873  C  C    . ARG A 1 128 ? -1.61698  -8.65532  -16.07323 1.000 20.10459  ? 104 ARG A C    1 
ATOM   874  O  O    . ARG A 1 128 ? -2.59283  -8.86017  -15.33630 1.000 20.55325  ? 104 ARG A O    1 
ATOM   875  C  CB   . ARG A 1 128 ? -2.00745  -7.77831  -18.39824 1.000 22.26476  ? 104 ARG A CB   1 
ATOM   876  C  CG   . ARG A 1 128 ? -3.40182  -8.37785  -18.44724 1.000 24.51060  ? 104 ARG A CG   1 
ATOM   877  C  CD   . ARG A 1 128 ? -3.73916  -8.87023  -19.84520 1.000 28.27126  ? 104 ARG A CD   1 
ATOM   878  N  NE   . ARG A 1 128 ? -5.16452  -9.12893  -20.01723 1.000 34.40441  ? 104 ARG A NE   1 
ATOM   879  C  CZ   . ARG A 1 128 ? -5.72925  -10.32210 -19.86971 1.000 37.03809  ? 104 ARG A CZ   1 
ATOM   880  N  NH1  . ARG A 1 128 ? -4.98918  -11.37258 -19.54502 1.000 38.16742  ? 104 ARG A NH1  1 
ATOM   881  N  NH2  . ARG A 1 128 ? -7.03681  -10.46234 -20.04859 1.000 45.00907  ? 104 ARG A NH2  1 
ATOM   882  N  N    . LYS A 1 129 ? -0.57401  -9.49374  -16.11889 1.000 20.26846  ? 105 LYS A N    1 
ATOM   883  C  CA   . LYS A 1 129 ? -0.53154  -10.66862 -15.24903 1.000 19.92647  ? 105 LYS A CA   1 
ATOM   884  C  C    . LYS A 1 129 ? -0.63238  -10.26572 -13.77690 1.000 20.64990  ? 105 LYS A C    1 
ATOM   885  O  O    . LYS A 1 129 ? -1.39917  -10.86049 -13.00664 1.000 22.68080  ? 105 LYS A O    1 
ATOM   886  C  CB   . LYS A 1 129 ? 0.75928   -11.44735 -15.50714 1.000 21.26995  ? 105 LYS A CB   1 
ATOM   887  C  CG   . LYS A 1 129 ? 0.89032   -12.73671 -14.70617 1.000 24.52432  ? 105 LYS A CG   1 
ATOM   888  C  CD   . LYS A 1 129 ? 2.25296   -13.38847 -14.91691 1.000 27.24249  ? 105 LYS A CD   1 
ATOM   889  C  CE   . LYS A 1 129 ? 2.40573   -14.61379 -14.02861 1.000 40.22000  ? 105 LYS A CE   1 
ATOM   890  N  NZ   . LYS A 1 129 ? 3.62550   -15.39803 -14.36681 1.000 38.20548  ? 105 LYS A NZ   1 
ATOM   891  N  N    . GLY A 1 130 ? 0.13435   -9.24783  -13.37259 1.000 19.52477  ? 106 GLY A N    1 
ATOM   892  C  CA   . GLY A 1 130 ? 0.06485   -8.79141  -11.98708 1.000 20.22175  ? 106 GLY A CA   1 
ATOM   893  C  C    . GLY A 1 130 ? -1.30203  -8.24489  -11.61824 1.000 22.46003  ? 106 GLY A C    1 
ATOM   894  O  O    . GLY A 1 130 ? -1.83267  -8.53726  -10.53541 1.000 22.12718  ? 106 GLY A O    1 
ATOM   895  N  N    . LEU A 1 131 ? -1.89777  -7.44832  -12.51253 1.000 20.00684  ? 107 LEU A N    1 
ATOM   896  C  CA   . LEU A 1 131 ? -3.22059  -6.89298  -12.24844 1.000 20.11112  ? 107 LEU A CA   1 
ATOM   897  C  C    . LEU A 1 131 ? -4.26380  -7.99442  -12.08161 1.000 21.95207  ? 107 LEU A C    1 
ATOM   898  O  O    . LEU A 1 131 ? -5.08958  -7.95890  -11.15410 1.000 22.99172  ? 107 LEU A O    1 
ATOM   899  C  CB   . LEU A 1 131 ? -3.60895  -5.92993  -13.37110 1.000 23.49744  ? 107 LEU A CB   1 
ATOM   900  C  CG   . LEU A 1 131 ? -4.90540  -5.16417  -13.12941 1.000 26.91974  ? 107 LEU A CG   1 
ATOM   901  C  CD1  . LEU A 1 131 ? -4.72112  -4.16395  -12.00566 1.000 27.20825  ? 107 LEU A CD1  1 
ATOM   902  C  CD2  . LEU A 1 131 ? -5.35116  -4.46476  -14.40205 1.000 32.06742  ? 107 LEU A CD2  1 
ATOM   903  N  N    . LYS A 1 132 ? -4.27265  -8.97029  -12.99362 1.000 22.77346  ? 108 LYS A N    1 
ATOM   904  C  CA   . LYS A 1 132 ? -5.21414  -10.07351 -12.85154 1.000 23.69808  ? 108 LYS A CA   1 
ATOM   905  C  C    . LYS A 1 132 ? -4.96439  -10.84983 -11.57003 1.000 24.03111  ? 108 LYS A C    1 
ATOM   906  O  O    . LYS A 1 132 ? -5.91131  -11.36458 -10.96367 1.000 26.34958  ? 108 LYS A O    1 
ATOM   907  C  CB   . LYS A 1 132 ? -5.13941  -11.01783 -14.06029 1.000 25.85642  ? 108 LYS A CB   1 
ATOM   908  C  CG   . LYS A 1 132 ? -5.65516  -10.42423 -15.37218 1.000 33.25523  ? 108 LYS A CG   1 
ATOM   909  C  CD   . LYS A 1 132 ? -7.15352  -10.15210 -15.32451 1.000 36.07743  ? 108 LYS A CD   1 
ATOM   910  C  CE   . LYS A 1 132 ? -7.61976  -9.44131  -16.59142 1.000 45.19248  ? 108 LYS A CE   1 
ATOM   911  N  NZ   . LYS A 1 132 ? -8.99932  -8.88970  -16.46477 1.000 46.10402  ? 108 LYS A NZ   1 
ATOM   912  N  N    . ALA A 1 133 ? -3.70376  -10.94775 -11.14037 1.000 21.82106  ? 109 ALA A N    1 
ATOM   913  C  CA   . ALA A 1 133 ? -3.40927  -11.70195 -9.92511  1.000 22.73346  ? 109 ALA A CA   1 
ATOM   914  C  C    . ALA A 1 133 ? -3.94436  -11.00369 -8.68223  1.000 23.21488  ? 109 ALA A C    1 
ATOM   915  O  O    . ALA A 1 133 ? -4.29990  -11.67866 -7.70637  1.000 23.87873  ? 109 ALA A O    1 
ATOM   916  C  CB   . ALA A 1 133 ? -1.90436  -11.90636 -9.78023  1.000 23.40696  ? 109 ALA A CB   1 
ATOM   917  N  N    . VAL A 1 134 ? -3.98551  -9.66968  -8.69581  1.000 20.71271  ? 110 VAL A N    1 
ATOM   918  C  CA   . VAL A 1 134 ? -4.30187  -8.90906  -7.48749  1.000 21.08615  ? 110 VAL A CA   1 
ATOM   919  C  C    . VAL A 1 134 ? -5.72773  -8.34506  -7.44704  1.000 21.97316  ? 110 VAL A C    1 
ATOM   920  O  O    . VAL A 1 134 ? -6.16541  -7.90549  -6.37027  1.000 21.66844  ? 110 VAL A O    1 
ATOM   921  C  CB   . VAL A 1 134 ? -3.24340  -7.80260  -7.24806  1.000 20.14954  ? 110 VAL A CB   1 
ATOM   922  C  CG1  . VAL A 1 134 ? -3.49048  -6.60356  -8.13632  1.000 21.15701  ? 110 VAL A CG1  1 
ATOM   923  C  CG2  . VAL A 1 134 ? -3.18394  -7.38109  -5.77082  1.000 22.35258  ? 110 VAL A CG2  1 
ATOM   924  N  N    A GLU A 1 135 ? -6.46016  -8.35154  -8.57073  0.508 23.20726  ? 111 GLU A N    1 
ATOM   925  N  N    B GLU A 1 135 ? -6.47020  -8.34329  -8.56283  0.492 23.23005  ? 111 GLU A N    1 
ATOM   926  C  CA   A GLU A 1 135 ? -7.74956  -7.65551  -8.64924  0.508 23.54384  ? 111 GLU A CA   1 
ATOM   927  C  CA   B GLU A 1 135 ? -7.73198  -7.59196  -8.58294  0.492 23.56408  ? 111 GLU A CA   1 
ATOM   928  C  C    A GLU A 1 135 ? -8.73849  -8.11775  -7.57527  0.508 22.37765  ? 111 GLU A C    1 
ATOM   929  C  C    B GLU A 1 135 ? -8.76415  -8.10887  -7.56967  0.492 22.38920  ? 111 GLU A C    1 
ATOM   930  O  O    A GLU A 1 135 ? -9.40000  -7.29701  -6.91413  0.508 22.81242  ? 111 GLU A O    1 
ATOM   931  O  O    B GLU A 1 135 ? -9.46609  -7.31047  -6.92422  0.492 22.70140  ? 111 GLU A O    1 
ATOM   932  C  CB   A GLU A 1 135 ? -8.34957  -7.85429  -10.04410 0.508 27.74937  ? 111 GLU A CB   1 
ATOM   933  C  CB   B GLU A 1 135 ? -8.31101  -7.51189  -9.99881  0.492 28.95704  ? 111 GLU A CB   1 
ATOM   934  C  CG   A GLU A 1 135 ? -8.14904  -6.67911  -10.98178 0.508 30.11860  ? 111 GLU A CG   1 
ATOM   935  C  CG   B GLU A 1 135 ? -8.46847  -8.83892  -10.70485 0.492 28.22687  ? 111 GLU A CG   1 
ATOM   936  C  CD   A GLU A 1 135 ? -8.65826  -6.95617  -12.38541 0.508 35.55635  ? 111 GLU A CD   1 
ATOM   937  C  CD   B GLU A 1 135 ? -8.84350  -8.67535  -12.17051 0.492 36.84280  ? 111 GLU A CD   1 
ATOM   938  O  OE1  A GLU A 1 135 ? -9.04649  -8.11051  -12.67202 0.508 38.77238  ? 111 GLU A OE1  1 
ATOM   939  O  OE1  B GLU A 1 135 ? -9.13819  -9.69576  -12.82449 0.492 36.34720  ? 111 GLU A OE1  1 
ATOM   940  O  OE2  A GLU A 1 135 ? -8.66924  -6.01465  -13.20115 0.508 33.33468  ? 111 GLU A OE2  1 
ATOM   941  O  OE2  B GLU A 1 135 ? -8.84499  -7.52709  -12.66709 0.492 38.10463  ? 111 GLU A OE2  1 
ATOM   942  N  N    . HIS A 1 136 ? -8.89707  -9.43060  -7.42308  1.000 22.34313  ? 112 HIS A N    1 
ATOM   943  C  CA   . HIS A 1 136 ? -9.86430  -9.93703  -6.44741  1.000 23.36813  ? 112 HIS A CA   1 
ATOM   944  C  C    . HIS A 1 136 ? -9.46226  -9.54638  -5.02697  1.000 22.55252  ? 112 HIS A C    1 
ATOM   945  O  O    . HIS A 1 136 ? -10.30426 -9.12841  -4.21590  1.000 21.85494  ? 112 HIS A O    1 
ATOM   946  C  CB   . HIS A 1 136 ? -10.02557 -11.45493 -6.58075  1.000 27.56001  ? 112 HIS A CB   1 
ATOM   947  C  CG   . HIS A 1 136 ? -10.92371 -12.06511 -5.54462  1.000 27.22554  ? 112 HIS A CG   1 
ATOM   948  N  ND1  . HIS A 1 136 ? -12.23973 -11.68735 -5.37784  1.000 34.32143  ? 112 HIS A ND1  1 
ATOM   949  C  CD2  . HIS A 1 136 ? -10.68864 -13.02131 -4.61583  1.000 31.46897  ? 112 HIS A CD2  1 
ATOM   950  C  CE1  . HIS A 1 136 ? -12.77635 -12.38771 -4.39349  1.000 30.24072  ? 112 HIS A CE1  1 
ATOM   951  N  NE2  . HIS A 1 136 ? -11.85746 -13.20450 -3.91446  1.000 32.16885  ? 112 HIS A NE2  1 
ATOM   952  N  N    . LEU A 1 137 ? -8.17983  -9.68175  -4.70748  1.000 21.93101  ? 113 LEU A N    1 
ATOM   953  C  CA   . LEU A 1 137 ? -7.70017  -9.24310  -3.40162  1.000 21.18558  ? 113 LEU A CA   1 
ATOM   954  C  C    . LEU A 1 137 ? -7.98291  -7.76188  -3.17183  1.000 20.79861  ? 113 LEU A C    1 
ATOM   955  O  O    . LEU A 1 137 ? -8.30603  -7.35617  -2.04981  1.000 18.85875  ? 113 LEU A O    1 
ATOM   956  C  CB   . LEU A 1 137 ? -6.21052  -9.53395  -3.29652  1.000 22.18379  ? 113 LEU A CB   1 
ATOM   957  C  CG   . LEU A 1 137 ? -5.56991  -9.48582  -1.91013  1.000 22.38706  ? 113 LEU A CG   1 
ATOM   958  C  CD1  . LEU A 1 137 ? -6.31406  -10.33800 -0.86501  1.000 22.24435  ? 113 LEU A CD1  1 
ATOM   959  C  CD2  . LEU A 1 137 ? -4.09536  -9.89062  -1.99966  1.000 22.35154  ? 113 LEU A CD2  1 
ATOM   960  N  N    . MET A 1 138 ? -7.85516  -6.92895  -4.20706  1.000 19.24656  ? 114 MET A N    1 
ATOM   961  C  CA   A MET A 1 138 ? -8.17840  -5.51827  -4.03831  0.767 21.34142  ? 114 MET A CA   1 
ATOM   962  C  CA   B MET A 1 138 ? -8.17816  -5.51528  -4.04659  0.233 21.33752  ? 114 MET A CA   1 
ATOM   963  C  C    . MET A 1 138 ? -9.64777  -5.32327  -3.68968  1.000 20.79848  ? 114 MET A C    1 
ATOM   964  O  O    . MET A 1 138 ? -9.98439  -4.46570  -2.86367  1.000 20.66313  ? 114 MET A O    1 
ATOM   965  C  CB   A MET A 1 138 ? -7.79200  -4.71242  -5.27622  0.767 23.26695  ? 114 MET A CB   1 
ATOM   966  C  CB   B MET A 1 138 ? -7.82471  -4.73820  -5.31377  0.233 23.20568  ? 114 MET A CB   1 
ATOM   967  C  CG   A MET A 1 138 ? -6.28898  -4.54748  -5.42075  0.767 19.58457  ? 114 MET A CG   1 
ATOM   968  C  CG   B MET A 1 138 ? -8.01617  -3.24006  -5.18166  0.233 28.42951  ? 114 MET A CG   1 
ATOM   969  S  SD   A MET A 1 138 ? -5.82028  -3.79615  -6.98597  0.767 23.47040  ? 114 MET A SD   1 
ATOM   970  S  SD   B MET A 1 138 ? -7.51752  -2.33590  -6.65707  0.233 33.45240  ? 114 MET A SD   1 
ATOM   971  C  CE   A MET A 1 138 ? -6.20515  -2.08471  -6.65864  0.767 27.12526  ? 114 MET A CE   1 
ATOM   972  C  CE   B MET A 1 138 ? -5.78952  -2.78500  -6.76868  0.233 21.27624  ? 114 MET A CE   1 
ATOM   973  N  N    A GLU A 1 139 ? -10.54286 -6.10303  -4.30073  0.554 21.36625  ? 115 GLU A N    1 
ATOM   974  N  N    B GLU A 1 139 ? -10.53619 -6.09819  -4.31954  0.446 21.37388  ? 115 GLU A N    1 
ATOM   975  C  CA   A GLU A 1 139 ? -11.94592 -5.97163  -3.89825  0.554 20.74580  ? 115 GLU A CA   1 
ATOM   976  C  CA   B GLU A 1 139 ? -11.94707 -6.03302  -3.93453  0.446 20.86096  ? 115 GLU A CA   1 
ATOM   977  C  C    A GLU A 1 139 ? -12.14722 -6.38745  -2.44034  0.554 20.75083  ? 115 GLU A C    1 
ATOM   978  C  C    B GLU A 1 139 ? -12.13167 -6.38594  -2.45891  0.446 20.73862  ? 115 GLU A C    1 
ATOM   979  O  O    A GLU A 1 139 ? -12.92273 -5.75769  -1.70180  0.554 21.37095  ? 115 GLU A O    1 
ATOM   980  O  O    B GLU A 1 139 ? -12.88078 -5.71323  -1.72987  0.446 21.49991  ? 115 GLU A O    1 
ATOM   981  C  CB   A GLU A 1 139 ? -12.88092 -6.74166  -4.82986  0.554 25.49898  ? 115 GLU A CB   1 
ATOM   982  C  CB   B GLU A 1 139 ? -12.78117 -6.96015  -4.82134  0.446 25.28794  ? 115 GLU A CB   1 
ATOM   983  C  CG   A GLU A 1 139 ? -14.35766 -6.57301  -4.46024  0.554 29.21875  ? 115 GLU A CG   1 
ATOM   984  C  CG   B GLU A 1 139 ? -12.60905 -6.72662  -6.31793  0.446 24.94153  ? 115 GLU A CG   1 
ATOM   985  C  CD   A GLU A 1 139 ? -14.74592 -5.11628  -4.20623  0.554 34.50708  ? 115 GLU A CD   1 
ATOM   986  C  CD   B GLU A 1 139 ? -13.43240 -5.56435  -6.84148  0.446 32.64324  ? 115 GLU A CD   1 
ATOM   987  O  OE1  A GLU A 1 139 ? -14.54025 -4.27487  -5.10785  0.554 34.67652  ? 115 GLU A OE1  1 
ATOM   988  O  OE1  B GLU A 1 139 ? -13.95335 -5.67099  -7.97354  0.446 38.49540  ? 115 GLU A OE1  1 
ATOM   989  O  OE2  A GLU A 1 139 ? -15.25261 -4.80995  -3.10000  0.554 36.71720  ? 115 GLU A OE2  1 
ATOM   990  O  OE2  B GLU A 1 139 ? -13.55816 -4.54385  -6.13080  0.446 36.02920  ? 115 GLU A OE2  1 
ATOM   991  N  N    . LEU A 1 140 ? -11.45797 -7.44225  -2.00310  1.000 18.69247  ? 116 LEU A N    1 
ATOM   992  C  CA   . LEU A 1 140 ? -11.55789 -7.83309  -0.59807  1.000 19.29028  ? 116 LEU A CA   1 
ATOM   993  C  C    . LEU A 1 140 ? -11.00360 -6.73897  0.31184   1.000 19.20054  ? 116 LEU A C    1 
ATOM   994  O  O    . LEU A 1 140 ? -11.54085 -6.48202  1.39690   1.000 18.95982  ? 116 LEU A O    1 
ATOM   995  C  CB   . LEU A 1 140 ? -10.83380 -9.15591  -0.35891  1.000 19.87398  ? 116 LEU A CB   1 
ATOM   996  C  CG   . LEU A 1 140 ? -11.38984 -10.37961 -1.10328  1.000 21.93339  ? 116 LEU A CG   1 
ATOM   997  C  CD1  . LEU A 1 140 ? -10.54812 -11.61630 -0.82418  1.000 22.63174  ? 116 LEU A CD1  1 
ATOM   998  C  CD2  . LEU A 1 140 ? -12.84995 -10.63249 -0.73682  1.000 26.11473  ? 116 LEU A CD2  1 
ATOM   999  N  N    . ALA A 1 141 ? -9.92971  -6.08026  -0.11797  1.000 17.59436  ? 117 ALA A N    1 
ATOM   1000 C  CA   . ALA A 1 141 ? -9.35641  -4.98629  0.65695   1.000 16.44462  ? 117 ALA A CA   1 
ATOM   1001 C  C    . ALA A 1 141 ? -10.35039 -3.84109  0.79936   1.000 17.59837  ? 117 ALA A C    1 
ATOM   1002 O  O    . ALA A 1 141 ? -10.46525 -3.23621  1.87331   1.000 17.52389  ? 117 ALA A O    1 
ATOM   1003 C  CB   . ALA A 1 141 ? -8.07290  -4.50246  -0.02207  1.000 16.71282  ? 117 ALA A CB   1 
ATOM   1004 N  N    . ARG A 1 142 ? -11.06122 -3.51069  -0.28508  1.000 17.18075  ? 118 ARG A N    1 
ATOM   1005 C  CA   . ARG A 1 142 ? -12.08372 -2.46772  -0.20568  1.000 19.52139  ? 118 ARG A CA   1 
ATOM   1006 C  C    . ARG A 1 142 ? -13.20229 -2.86529  0.75118   1.000 19.19020  ? 118 ARG A C    1 
ATOM   1007 O  O    . ARG A 1 142 ? -13.69442 -2.02810  1.52334   1.000 20.33959  ? 118 ARG A O    1 
ATOM   1008 C  CB   . ARG A 1 142 ? -12.65905 -2.18306  -1.59937  1.000 20.19335  ? 118 ARG A CB   1 
ATOM   1009 C  CG   . ARG A 1 142 ? -11.73123 -1.43936  -2.54235  1.000 24.27825  ? 118 ARG A CG   1 
ATOM   1010 C  CD   . ARG A 1 142 ? -12.42338 -1.20665  -3.89681  1.000 31.67658  ? 118 ARG A CD   1 
ATOM   1011 N  NE   . ARG A 1 142 ? -11.51380 -0.72421  -4.93563  1.000 35.55967  ? 118 ARG A NE   1 
ATOM   1012 C  CZ   . ARG A 1 142 ? -11.00889 -1.48070  -5.90823  1.000 43.20330  ? 118 ARG A CZ   1 
ATOM   1013 N  NH1  . ARG A 1 142 ? -11.32100 -2.76972  -5.99441  1.000 34.63845  ? 118 ARG A NH1  1 
ATOM   1014 N  NH2  . ARG A 1 142 ? -10.18947 -0.94436  -6.80297  1.000 45.12149  ? 118 ARG A NH2  1 
ATOM   1015 N  N    . GLU A 1 143 ? -13.61710 -4.13516  0.71569   1.000 18.98769  ? 119 GLU A N    1 
ATOM   1016 C  CA   . GLU A 1 143 ? -14.65598 -4.57502  1.65100   1.000 20.93665  ? 119 GLU A CA   1 
ATOM   1017 C  C    . GLU A 1 143 ? -14.18445 -4.46998  3.10276   1.000 21.38949  ? 119 GLU A C    1 
ATOM   1018 O  O    . GLU A 1 143 ? -14.92962 -4.00908  3.98572   1.000 21.93675  ? 119 GLU A O    1 
ATOM   1019 C  CB   . GLU A 1 143 ? -15.09865 -6.00047  1.32249   1.000 23.37543  ? 119 GLU A CB   1 
ATOM   1020 C  CG   . GLU A 1 143 ? -16.18864 -6.54034  2.24192   1.000 31.54892  ? 119 GLU A CG   1 
ATOM   1021 C  CD   . GLU A 1 143 ? -17.33145 -5.55317  2.45909   1.000 52.73679  ? 119 GLU A CD   1 
ATOM   1022 O  OE1  . GLU A 1 143 ? -17.73886 -4.87198  1.48843   1.000 45.18095  ? 119 GLU A OE1  1 
ATOM   1023 O  OE2  . GLU A 1 143 ? -17.82797 -5.46339  3.60510   1.000 56.16788  ? 119 GLU A OE2  1 
ATOM   1024 N  N    . HIS A 1 144 ? -12.94750 -4.89866  3.37213   1.000 18.54801  ? 120 HIS A N    1 
ATOM   1025 C  CA   . HIS A 1 144 ? -12.40923 -4.81323  4.72481   1.000 18.37587  ? 120 HIS A CA   1 
ATOM   1026 C  C    . HIS A 1 144 ? -12.32054 -3.36256  5.18387   1.000 17.36941  ? 120 HIS A C    1 
ATOM   1027 O  O    . HIS A 1 144 ? -12.70846 -3.03801  6.31379   1.000 17.93687  ? 120 HIS A O    1 
ATOM   1028 C  CB   . HIS A 1 144 ? -11.04050 -5.50125  4.77473   1.000 17.37604  ? 120 HIS A CB   1 
ATOM   1029 C  CG   . HIS A 1 144 ? -10.31918 -5.30596  6.06856   1.000 17.70078  ? 120 HIS A CG   1 
ATOM   1030 N  ND1  . HIS A 1 144 ? -9.16157  -4.56927  6.16147   1.000 17.51232  ? 120 HIS A ND1  1 
ATOM   1031 C  CD2  . HIS A 1 144 ? -10.60016 -5.73152  7.32385   1.000 20.93463  ? 120 HIS A CD2  1 
ATOM   1032 C  CE1  . HIS A 1 144 ? -8.75446  -4.55188  7.41808   1.000 18.97750  ? 120 HIS A CE1  1 
ATOM   1033 N  NE2  . HIS A 1 144 ? -9.61255  -5.24604  8.14605   1.000 18.86195  ? 120 HIS A NE2  1 
ATOM   1034 N  N    . GLU A 1 145 ? -11.84751 -2.46974  4.31278   1.000 16.72766  ? 121 GLU A N    1 
ATOM   1035 C  CA   . GLU A 1 145 ? -11.79661 -1.04902  4.64426   1.000 16.98849  ? 121 GLU A CA   1 
ATOM   1036 C  C    . GLU A 1 145 ? -13.18397 -0.50553  4.96047   1.000 18.65079  ? 121 GLU A C    1 
ATOM   1037 O  O    . GLU A 1 145 ? -13.35518 0.26272   5.91999   1.000 18.84942  ? 121 GLU A O    1 
ATOM   1038 C  CB   . GLU A 1 145 ? -11.17020 -0.27605  3.49200   1.000 19.10466  ? 121 GLU A CB   1 
ATOM   1039 C  CG   . GLU A 1 145 ? -11.09395 1.20800   3.71949   1.000 21.10064  ? 121 GLU A CG   1 
ATOM   1040 C  CD   . GLU A 1 145 ? -10.64005 1.92158   2.48317   1.000 23.67719  ? 121 GLU A CD   1 
ATOM   1041 O  OE1  . GLU A 1 145 ? -10.94311 1.44147   1.35642   1.000 29.58507  ? 121 GLU A OE1  1 
ATOM   1042 O  OE2  . GLU A 1 145 ? -9.98518  2.95503   2.60809   1.000 25.49283  ? 121 GLU A OE2  1 
ATOM   1043 N  N    A ARG A 1 146 ? -14.18781 -0.88047  4.15861   0.518 20.19641  ? 122 ARG A N    1 
ATOM   1044 N  N    B ARG A 1 146 ? -14.18516 -0.88124  4.15587   0.482 20.20053  ? 122 ARG A N    1 
ATOM   1045 C  CA   A ARG A 1 146 ? -15.54719 -0.42391  4.43066   0.518 21.77169  ? 122 ARG A CA   1 
ATOM   1046 C  CA   B ARG A 1 146 ? -15.55116 -0.44240  4.42179   0.482 21.82073  ? 122 ARG A CA   1 
ATOM   1047 C  C    A ARG A 1 146 ? -16.00695 -0.87923  5.80710   0.518 20.75196  ? 122 ARG A C    1 
ATOM   1048 C  C    B ARG A 1 146 ? -15.99966 -0.87912  5.80646   0.482 20.74865  ? 122 ARG A C    1 
ATOM   1049 O  O    A ARG A 1 146 ? -16.63653 -0.11012  6.54333   0.518 21.25831  ? 122 ARG A O    1 
ATOM   1050 O  O    B ARG A 1 146 ? -16.62033 -0.10124  6.54104   0.482 21.27590  ? 122 ARG A O    1 
ATOM   1051 C  CB   A ARG A 1 146 ? -16.49933 -0.92799  3.34579   0.518 23.50941  ? 122 ARG A CB   1 
ATOM   1052 C  CB   B ARG A 1 146 ? -16.48828 -1.01115  3.35783   0.482 23.44890  ? 122 ARG A CB   1 
ATOM   1053 C  CG   A ARG A 1 146 ? -17.88518 -0.29846  3.40016   0.518 24.59463  ? 122 ARG A CG   1 
ATOM   1054 C  CG   B ARG A 1 146 ? -16.68120 -0.10044  2.16685   0.482 29.21557  ? 122 ARG A CG   1 
ATOM   1055 C  CD   A ARG A 1 146 ? -18.90843 -1.15848  2.66552   0.518 26.88506  ? 122 ARG A CD   1 
ATOM   1056 C  CD   B ARG A 1 146 ? -17.85288 -0.55654  1.30682   0.482 28.84979  ? 122 ARG A CD   1 
ATOM   1057 N  NE   A ARG A 1 146 ? -19.09496 -2.45913  3.30287   0.518 37.15156  ? 122 ARG A NE   1 
ATOM   1058 N  NE   B ARG A 1 146 ? -17.58874 -1.84582  0.67461   0.482 38.98412  ? 122 ARG A NE   1 
ATOM   1059 C  CZ   A ARG A 1 146 ? -19.70613 -2.64034  4.46975   0.518 37.67371  ? 122 ARG A CZ   1 
ATOM   1060 C  CZ   B ARG A 1 146 ? -16.95909 -1.99353  -0.48677  0.482 37.79580  ? 122 ARG A CZ   1 
ATOM   1061 N  NH1  A ARG A 1 146 ? -20.19338 -1.60270  5.13471   0.518 38.68110  ? 122 ARG A NH1  1 
ATOM   1062 N  NH1  B ARG A 1 146 ? -16.75984 -3.20520  -0.98288  0.482 33.44156  ? 122 ARG A NH1  1 
ATOM   1063 N  NH2  A ARG A 1 146 ? -19.82705 -3.85973  4.97470   0.518 40.98842  ? 122 ARG A NH2  1 
ATOM   1064 N  NH2  B ARG A 1 146 ? -16.52845 -0.92954  -1.15034  0.482 39.49774  ? 122 ARG A NH2  1 
ATOM   1065 N  N    . ARG A 1 147 ? -15.69944 -2.12124  6.18009   1.000 20.40616  ? 123 ARG A N    1 
ATOM   1066 C  CA   A ARG A 1 147 ? -16.08686 -2.59308  7.50584   0.505 20.62566  ? 123 ARG A CA   1 
ATOM   1067 C  CA   B ARG A 1 147 ? -16.07502 -2.60510  7.50699   0.495 20.59928  ? 123 ARG A CA   1 
ATOM   1068 C  C    . ARG A 1 147 ? -15.36016 -1.82656  8.60908   1.000 22.61736  ? 123 ARG A C    1 
ATOM   1069 O  O    . ARG A 1 147 ? -15.95612 -1.50596  9.64921   1.000 22.98084  ? 123 ARG A O    1 
ATOM   1070 C  CB   A ARG A 1 147 ? -15.87166 -4.10119  7.62150   0.505 26.77359  ? 123 ARG A CB   1 
ATOM   1071 C  CB   B ARG A 1 147 ? -15.78377 -4.10082  7.61849   0.495 26.83074  ? 123 ARG A CB   1 
ATOM   1072 C  CG   A ARG A 1 147 ? -16.79240 -4.91267  6.71825   0.505 24.13366  ? 123 ARG A CG   1 
ATOM   1073 C  CG   B ARG A 1 147 ? -16.45108 -4.79305  8.79338   0.495 32.52676  ? 123 ARG A CG   1 
ATOM   1074 C  CD   A ARG A 1 147 ? -16.65085 -6.40086  6.96114   0.505 35.33533  ? 123 ARG A CD   1 
ATOM   1075 C  CD   B ARG A 1 147 ? -16.03532 -6.25575  8.85631   0.495 40.31160  ? 123 ARG A CD   1 
ATOM   1076 N  NE   A ARG A 1 147 ? -15.71655 -7.00994  6.02059   0.505 43.90182  ? 123 ARG A NE   1 
ATOM   1077 N  NE   B ARG A 1 147 ? -16.77753 -7.00574  9.86547   0.495 47.23790  ? 123 ARG A NE   1 
ATOM   1078 C  CZ   A ARG A 1 147 ? -14.54588 -7.53259  6.36752   0.505 38.90443  ? 123 ARG A CZ   1 
ATOM   1079 C  CZ   B ARG A 1 147 ? -16.45747 -7.04013  11.15473  0.495 46.08560  ? 123 ARG A CZ   1 
ATOM   1080 N  NH1  A ARG A 1 147 ? -14.16714 -7.52338  7.63753   0.505 43.67651  ? 123 ARG A NH1  1 
ATOM   1081 N  NH1  B ARG A 1 147 ? -15.40665 -6.36260  11.59703  0.495 47.94885  ? 123 ARG A NH1  1 
ATOM   1082 N  NH2  A ARG A 1 147 ? -13.75292 -8.06354  5.44620   0.505 33.18704  ? 123 ARG A NH2  1 
ATOM   1083 N  NH2  B ARG A 1 147 ? -17.18650 -7.75230  12.00411  0.495 47.42088  ? 123 ARG A NH2  1 
ATOM   1084 N  N    . VAL A 1 148 ? -14.07762 -1.51204  8.40502   1.000 18.67599  ? 124 VAL A N    1 
ATOM   1085 C  CA   . VAL A 1 148 ? -13.32366 -0.75934  9.40639   1.000 18.93511  ? 124 VAL A CA   1 
ATOM   1086 C  C    . VAL A 1 148 ? -13.93162 0.62359   9.60470   1.000 20.19265  ? 124 VAL A C    1 
ATOM   1087 O  O    . VAL A 1 148 ? -14.01554 1.13317   10.73200  1.000 19.44997  ? 124 VAL A O    1 
ATOM   1088 C  CB   . VAL A 1 148 ? -11.83755 -0.66852  9.00009   1.000 17.77141  ? 124 VAL A CB   1 
ATOM   1089 C  CG1  . VAL A 1 148 ? -11.10533 0.36136   9.86978   1.000 18.57453  ? 124 VAL A CG1  1 
ATOM   1090 C  CG2  . VAL A 1 148 ? -11.17230 -2.03460  9.08937   1.000 18.59285  ? 124 VAL A CG2  1 
ATOM   1091 N  N    . LEU A 1 149 ? -14.35327 1.25314   8.51701   1.000 19.14980  ? 125 LEU A N    1 
ATOM   1092 C  CA   . LEU A 1 149 ? -14.82252 2.63449   8.57234   1.000 18.07405  ? 125 LEU A CA   1 
ATOM   1093 C  C    . LEU A 1 149 ? -16.31115 2.76466   8.88605   1.000 19.88991  ? 125 LEU A C    1 
ATOM   1094 O  O    . LEU A 1 149 ? -16.74556 3.84609   9.30060   1.000 21.60875  ? 125 LEU A O    1 
ATOM   1095 C  CB   . LEU A 1 149 ? -14.50469 3.35894   7.26114   1.000 20.27297  ? 125 LEU A CB   1 
ATOM   1096 C  CG   . LEU A 1 149 ? -13.00890 3.65218   7.08965   1.000 20.47761  ? 125 LEU A CG   1 
ATOM   1097 C  CD1  . LEU A 1 149 ? -12.71073 4.11663   5.67410   1.000 23.55007  ? 125 LEU A CD1  1 
ATOM   1098 C  CD2  . LEU A 1 149 ? -12.53408 4.66115   8.12181   1.000 21.08893  ? 125 LEU A CD2  1 
ATOM   1099 N  N    . GLU A 1 150 ? -17.08636 1.69523   8.72903   1.000 19.66985  ? 126 GLU A N    1 
ATOM   1100 C  CA   . GLU A 1 150 ? -18.53324 1.81259   8.89916   1.000 22.24851  ? 126 GLU A CA   1 
ATOM   1101 C  C    . GLU A 1 150 ? -18.95834 2.35138   10.26012  1.000 23.41456  ? 126 GLU A C    1 
ATOM   1102 O  O    . GLU A 1 150 ? -19.88876 3.18053   10.30190  1.000 23.29190  ? 126 GLU A O    1 
ATOM   1103 C  CB   . GLU A 1 150 ? -19.19741 0.47163   8.57861   1.000 25.11210  ? 126 GLU A CB   1 
ATOM   1104 C  CG   . GLU A 1 150 ? -20.71299 0.53756   8.70207   1.000 31.05555  ? 126 GLU A CG   1 
ATOM   1105 C  CD   . GLU A 1 150 ? -21.43442 -0.30231  7.67181   1.000 67.84047  ? 126 GLU A CD   1 
ATOM   1106 O  OE1  . GLU A 1 150 ? -21.53816 -1.53263  7.86634   1.000 77.21648  ? 126 GLU A OE1  1 
ATOM   1107 O  OE2  . GLU A 1 150 ? -21.90128 0.27457   6.66512   1.000 79.28230  ? 126 GLU A OE2  1 
ATOM   1108 N  N    . PRO A 1 151 ? -18.36558 1.93760   11.38199  1.000 20.03078  ? 127 PRO A N    1 
ATOM   1109 C  CA   . PRO A 1 151 ? -18.80588 2.47483   12.68314  1.000 22.71625  ? 127 PRO A CA   1 
ATOM   1110 C  C    . PRO A 1 151 ? -18.61652 3.96544   12.80920  1.000 23.23675  ? 127 PRO A C    1 
ATOM   1111 O  O    . PRO A 1 151 ? -19.29079 4.59766   13.63454  1.000 23.49416  ? 127 PRO A O    1 
ATOM   1112 C  CB   . PRO A 1 151 ? -17.92682 1.72656   13.69461  1.000 24.83723  ? 127 PRO A CB   1 
ATOM   1113 C  CG   . PRO A 1 151 ? -17.41747 0.53161   12.95544  1.000 26.62856  ? 127 PRO A CG   1 
ATOM   1114 C  CD   . PRO A 1 151 ? -17.30266 0.92777   11.52681  1.000 22.08133  ? 127 PRO A CD   1 
ATOM   1115 N  N    . PHE A 1 152 ? -17.72185 4.55745   12.02440  1.000 21.22213  ? 128 PHE A N    1 
ATOM   1116 C  CA   . PHE A 1 152 ? -17.40877 5.96904   12.14851  1.000 22.26251  ? 128 PHE A CA   1 
ATOM   1117 C  C    . PHE A 1 152 ? -18.33053 6.86612   11.33933  1.000 27.34194  ? 128 PHE A C    1 
ATOM   1118 O  O    . PHE A 1 152 ? -18.43932 8.06087   11.64426  1.000 27.97473  ? 128 PHE A O    1 
ATOM   1119 C  CB   . PHE A 1 152 ? -15.92826 6.18594   11.81363  1.000 21.98945  ? 128 PHE A CB   1 
ATOM   1120 C  CG   . PHE A 1 152 ? -15.03149 5.52144   12.79481  1.000 20.24836  ? 128 PHE A CG   1 
ATOM   1121 C  CD1  . PHE A 1 152 ? -14.72459 6.16416   13.97886  1.000 21.31019  ? 128 PHE A CD1  1 
ATOM   1122 C  CD2  . PHE A 1 152 ? -14.55663 4.22721   12.58040  1.000 20.15317  ? 128 PHE A CD2  1 
ATOM   1123 C  CE1  . PHE A 1 152 ? -13.94018 5.55331   14.93849  1.000 22.99700  ? 128 PHE A CE1  1 
ATOM   1124 C  CE2  . PHE A 1 152 ? -13.76423 3.60797   13.54174  1.000 20.76436  ? 128 PHE A CE2  1 
ATOM   1125 C  CZ   . PHE A 1 152 ? -13.44778 4.27477   14.71716  1.000 20.74588  ? 128 PHE A CZ   1 
ATOM   1126 N  N    . GLY A 1 153 ? -19.00159 6.32369   10.34025  1.000 25.50752  ? 129 GLY A N    1 
ATOM   1127 C  CA   . GLY A 1 153 ? -19.82060 7.14315   9.47894   1.000 26.74147  ? 129 GLY A CA   1 
ATOM   1128 C  C    . GLY A 1 153 ? -19.01023 7.80987   8.38133   1.000 32.31155  ? 129 GLY A C    1 
ATOM   1129 O  O    . GLY A 1 153 ? -17.79076 7.96720   8.46583   1.000 27.74717  ? 129 GLY A O    1 
ATOM   1130 N  N    A LEU A 1 154 ? -19.72132 8.21506   7.32708   0.474 26.60215  ? 130 LEU A N    1 
ATOM   1131 N  N    B LEU A 1 154 ? -19.72484 8.21074   7.32600   0.526 26.64226  ? 130 LEU A N    1 
ATOM   1132 C  CA   A LEU A 1 154 ? -19.05728 8.76139   6.14897   0.474 28.90648  ? 130 LEU A CA   1 
ATOM   1133 C  CA   B LEU A 1 154 ? -19.07629 8.77091   6.14536   0.526 28.90626  ? 130 LEU A CA   1 
ATOM   1134 C  C    A LEU A 1 154 ? -18.32715 10.06297  6.46486   0.474 29.46231  ? 130 LEU A C    1 
ATOM   1135 C  C    B LEU A 1 154 ? -18.32914 10.05803  6.47132   0.526 29.46384  ? 130 LEU A C    1 
ATOM   1136 O  O    A LEU A 1 154 ? -17.22090 10.29752  5.96463   0.474 28.78814  ? 130 LEU A O    1 
ATOM   1137 O  O    B LEU A 1 154 ? -17.21846 10.28154  5.97673   0.526 28.78977  ? 130 LEU A O    1 
ATOM   1138 C  CB   A LEU A 1 154 ? -20.07096 8.96019   5.01980   0.474 32.13719  ? 130 LEU A CB   1 
ATOM   1139 C  CB   B LEU A 1 154 ? -20.11615 9.02006   5.05023   0.526 32.09646  ? 130 LEU A CB   1 
ATOM   1140 C  CG   A LEU A 1 154 ? -20.78775 7.71038   4.49847   0.474 35.49539  ? 130 LEU A CG   1 
ATOM   1141 C  CG   B LEU A 1 154 ? -19.58926 9.66357   3.76480   0.526 29.90131  ? 130 LEU A CG   1 
ATOM   1142 C  CD1  A LEU A 1 154 ? -19.85369 6.50857   4.44892   0.474 35.71474  ? 130 LEU A CD1  1 
ATOM   1143 C  CD1  B LEU A 1 154 ? -18.80107 8.65429   2.94698   0.526 37.80226  ? 130 LEU A CD1  1 
ATOM   1144 C  CD2  A LEU A 1 154 ? -22.02148 7.40477   5.33554   0.474 38.31248  ? 130 LEU A CD2  1 
ATOM   1145 C  CD2  B LEU A 1 154 ? -20.72565 10.26899  2.94278   0.526 37.60916  ? 130 LEU A CD2  1 
ATOM   1146 N  N    . ARG A 1 155 ? -18.92183 10.92371  7.29528   1.000 26.95729  ? 131 ARG A N    1 
ATOM   1147 C  CA   . ARG A 1 155 ? -18.27958 12.19688  7.60331   1.000 26.85572  ? 131 ARG A CA   1 
ATOM   1148 C  C    . ARG A 1 155 ? -16.93660 11.98571  8.29718   1.000 25.48208  ? 131 ARG A C    1 
ATOM   1149 O  O    . ARG A 1 155 ? -15.90854 12.53753  7.87547   1.000 26.68346  ? 131 ARG A O    1 
ATOM   1150 C  CB   . ARG A 1 155 ? -19.19826 13.07424  8.45455   1.000 31.21175  ? 131 ARG A CB   1 
ATOM   1151 C  CG   . ARG A 1 155 ? -18.61312 14.45577  8.73509   1.000 41.23484  ? 131 ARG A CG   1 
ATOM   1152 C  CD   . ARG A 1 155 ? -19.42880 15.24317  9.75991   1.000 49.20729  ? 131 ARG A CD   1 
ATOM   1153 N  NE   . ARG A 1 155 ? -19.43589 14.61670  11.08093  1.000 55.89036  ? 131 ARG A NE   1 
ATOM   1154 C  CZ   . ARG A 1 155 ? -18.42320 14.66115  11.94351  1.000 59.79300  ? 131 ARG A CZ   1 
ATOM   1155 N  NH1  . ARG A 1 155 ? -17.30343 15.29962  11.63036  1.000 57.63443  ? 131 ARG A NH1  1 
ATOM   1156 N  NH2  . ARG A 1 155 ? -18.52946 14.06300  13.12328  1.000 56.17606  ? 131 ARG A NH2  1 
ATOM   1157 N  N    . ARG A 1 156 ? -16.93500 11.20763  9.38154   1.000 23.88639  ? 132 ARG A N    1 
ATOM   1158 C  CA   . ARG A 1 156 ? -15.69809 10.98847  10.12622  1.000 22.38601  ? 132 ARG A CA   1 
ATOM   1159 C  C    . ARG A 1 156 ? -14.67973 10.19908  9.31019   1.000 24.42178  ? 132 ARG A C    1 
ATOM   1160 O  O    . ARG A 1 156 ? -13.46933 10.46117  9.41135   1.000 22.74645  ? 132 ARG A O    1 
ATOM   1161 C  CB   . ARG A 1 156 ? -15.99849 10.30468  11.45192  1.000 23.90438  ? 132 ARG A CB   1 
ATOM   1162 C  CG   . ARG A 1 156 ? -16.77040 11.19797  12.42537  1.000 25.17862  ? 132 ARG A CG   1 
ATOM   1163 C  CD   . ARG A 1 156 ? -16.94994 10.50646  13.74467  1.000 26.24991  ? 132 ARG A CD   1 
ATOM   1164 N  NE   . ARG A 1 156 ? -15.66736 10.39936  14.43824  1.000 27.06287  ? 132 ARG A NE   1 
ATOM   1165 C  CZ   . ARG A 1 156 ? -15.43066 9.58397   15.45919  1.000 29.84939  ? 132 ARG A CZ   1 
ATOM   1166 N  NH1  . ARG A 1 156 ? -16.37879 8.77933   15.92506  1.000 29.00057  ? 132 ARG A NH1  1 
ATOM   1167 N  NH2  . ARG A 1 156 ? -14.23379 9.57179   16.01425  1.000 27.77350  ? 132 ARG A NH2  1 
ATOM   1168 N  N    . ALA A 1 157 ? -15.14255 9.26207   8.47639   1.000 22.07096  ? 133 ALA A N    1 
ATOM   1169 C  CA   . ALA A 1 157 ? -14.22891 8.51337   7.61782   1.000 21.74703  ? 133 ALA A CA   1 
ATOM   1170 C  C    . ALA A 1 157 ? -13.53710 9.42585   6.61505   1.000 23.41048  ? 133 ALA A C    1 
ATOM   1171 O  O    . ALA A 1 157 ? -12.31146 9.34623   6.41019   1.000 23.02862  ? 133 ALA A O    1 
ATOM   1172 C  CB   . ALA A 1 157 ? -15.00327 7.41990   6.88736   1.000 23.62001  ? 133 ALA A CB   1 
ATOM   1173 N  N    . GLU A 1 158 ? -14.30654 10.29323  5.95543   1.000 23.62433  ? 134 GLU A N    1 
ATOM   1174 C  CA   A GLU A 1 158 ? -13.70376 11.18700  4.97737   0.508 24.78504  ? 134 GLU A CA   1 
ATOM   1175 C  CA   B GLU A 1 158 ? -13.71700 11.19604  4.97731   0.492 24.81445  ? 134 GLU A CA   1 
ATOM   1176 C  C    . GLU A 1 158 ? -12.77441 12.18791  5.64717   1.000 21.76153  ? 134 GLU A C    1 
ATOM   1177 O  O    . GLU A 1 158 ? -11.72127 12.52048  5.09503   1.000 23.77249  ? 134 GLU A O    1 
ATOM   1178 C  CB   A GLU A 1 158 ? -14.77668 11.90259  4.15604   0.508 27.22764  ? 134 GLU A CB   1 
ATOM   1179 C  CB   B GLU A 1 158 ? -14.82410 11.91316  4.19850   0.492 27.16115  ? 134 GLU A CB   1 
ATOM   1180 C  CG   A GLU A 1 158 ? -14.22257 12.56752  2.89811   0.508 33.53487  ? 134 GLU A CG   1 
ATOM   1181 C  CG   B GLU A 1 158 ? -15.63784 10.98468  3.29741   0.492 28.87075  ? 134 GLU A CG   1 
ATOM   1182 C  CD   A GLU A 1 158 ? -13.12793 11.74350  2.23328   0.508 37.88413  ? 134 GLU A CD   1 
ATOM   1183 C  CD   B GLU A 1 158 ? -16.70935 11.71140  2.49779   0.492 38.19611  ? 134 GLU A CD   1 
ATOM   1184 O  OE1  A GLU A 1 158 ? -11.94498 12.14956  2.30030   0.508 30.86729  ? 134 GLU A OE1  1 
ATOM   1185 O  OE1  B GLU A 1 158 ? -17.14803 12.79789  2.92845   0.492 43.38055  ? 134 GLU A OE1  1 
ATOM   1186 O  OE2  A GLU A 1 158 ? -13.44863 10.68667  1.64799   0.508 36.07907  ? 134 GLU A OE2  1 
ATOM   1187 O  OE2  B GLU A 1 158 ? -17.11764 11.18898  1.43798   0.492 39.86109  ? 134 GLU A OE2  1 
ATOM   1188 N  N    . GLU A 1 159 ? -13.13749 12.66752  6.84102   1.000 22.00812  ? 135 GLU A N    1 
ATOM   1189 C  CA   . GLU A 1 159 ? -12.25869 13.59058  7.55459   1.000 22.84552  ? 135 GLU A CA   1 
ATOM   1190 C  C    . GLU A 1 159 ? -10.92644 12.92475  7.89536   1.000 22.85311  ? 135 GLU A C    1 
ATOM   1191 O  O    . GLU A 1 159 ? -9.85236  13.53218  7.73952   1.000 21.41603  ? 135 GLU A O    1 
ATOM   1192 C  CB   . GLU A 1 159 ? -12.94537 14.08759  8.82573   1.000 24.94857  ? 135 GLU A CB   1 
ATOM   1193 C  CG   . GLU A 1 159 ? -12.01664 14.78495  9.81817   1.000 32.82012  ? 135 GLU A CG   1 
ATOM   1194 C  CD   . GLU A 1 159 ? -11.71655 16.22434  9.43375   1.000 51.33031  ? 135 GLU A CD   1 
ATOM   1195 O  OE1  . GLU A 1 159 ? -12.62309 16.89650  8.89685   1.000 52.58923  ? 135 GLU A OE1  1 
ATOM   1196 O  OE2  . GLU A 1 159 ? -10.57912 16.68709  9.67581   1.000 42.79118  ? 135 GLU A OE2  1 
ATOM   1197 N  N    . LEU A 1 160 ? -10.98174 11.67578  8.36415   1.000 19.45668  ? 136 LEU A N    1 
ATOM   1198 C  CA   . LEU A 1 160 ? -9.75507  10.93558  8.65490   1.000 18.24835  ? 136 LEU A CA   1 
ATOM   1199 C  C    . LEU A 1 160 ? -8.88136  10.81392  7.40962   1.000 18.87896  ? 136 LEU A C    1 
ATOM   1200 O  O    . LEU A 1 160 ? -7.68135  11.11939  7.44763   1.000 18.73103  ? 136 LEU A O    1 
ATOM   1201 C  CB   . LEU A 1 160 ? -10.12437 9.55664   9.18619   1.000 17.95566  ? 136 LEU A CB   1 
ATOM   1202 C  CG   . LEU A 1 160 ? -8.94702  8.60004   9.43629   1.000 16.99451  ? 136 LEU A CG   1 
ATOM   1203 C  CD1  . LEU A 1 160 ? -8.02025  9.16575   10.52745  1.000 19.19997  ? 136 LEU A CD1  1 
ATOM   1204 C  CD2  . LEU A 1 160 ? -9.48758  7.21841   9.80284   1.000 19.14000  ? 136 LEU A CD2  1 
ATOM   1205 N  N    . LYS A 1 161 ? -9.46902  10.36981  6.29031   1.000 18.78405  ? 137 LYS A N    1 
ATOM   1206 C  CA   . LYS A 1 161 ? -8.67344  10.19896  5.07780   1.000 18.93030  ? 137 LYS A CA   1 
ATOM   1207 C  C    . LYS A 1 161 ? -8.08931  11.52030  4.59588   1.000 20.81410  ? 137 LYS A C    1 
ATOM   1208 O  O    . LYS A 1 161 ? -6.94788  11.57334  4.13458   1.000 20.12059  ? 137 LYS A O    1 
ATOM   1209 C  CB   . LYS A 1 161 ? -9.50112  9.55020   3.97122   1.000 21.21664  ? 137 LYS A CB   1 
ATOM   1210 C  CG   . LYS A 1 161 ? -9.82114  8.10918   4.20965   1.000 22.91269  ? 137 LYS A CG   1 
ATOM   1211 C  CD   . LYS A 1 161 ? -10.39795 7.49829   2.94832   1.000 24.04749  ? 137 LYS A CD   1 
ATOM   1212 C  CE   . LYS A 1 161 ? -10.64030 6.02099   3.11462   1.000 27.07729  ? 137 LYS A CE   1 
ATOM   1213 N  NZ   . LYS A 1 161 ? -11.15376 5.43627   1.84383   1.000 24.57267  ? 137 LYS A NZ   1 
ATOM   1214 N  N    . GLN A 1 162 ? -8.86487  12.60426  4.68634   1.000 19.43801  ? 138 GLN A N    1 
ATOM   1215 C  CA   . GLN A 1 162 ? -8.36526  13.90056  4.25242   1.000 20.14919  ? 138 GLN A CA   1 
ATOM   1216 C  C    . GLN A 1 162 ? -7.20009  14.36575  5.11651   1.000 17.65875  ? 138 GLN A C    1 
ATOM   1217 O  O    . GLN A 1 162 ? -6.19239  14.86655  4.59943   1.000 20.11948  ? 138 GLN A O    1 
ATOM   1218 C  CB   . GLN A 1 162 ? -9.52400  14.89547  4.31395   1.000 26.32302  ? 138 GLN A CB   1 
ATOM   1219 C  CG   . GLN A 1 162 ? -9.15898  16.33877  4.08349   1.000 32.75212  ? 138 GLN A CG   1 
ATOM   1220 C  CD   . GLN A 1 162 ? -10.18304 17.28663  4.70272   1.000 65.50042  ? 138 GLN A CD   1 
ATOM   1221 O  OE1  . GLN A 1 162 ? -11.32320 16.89849  4.97489   1.000 51.28539  ? 138 GLN A OE1  1 
ATOM   1222 N  NE2  . GLN A 1 162 ? -9.77962  18.53415  4.92491   1.000 63.69833  ? 138 GLN A NE2  1 
ATOM   1223 N  N    . THR A 1 163 ? -7.33012  14.23019  6.43685   1.000 18.18160  ? 139 THR A N    1 
ATOM   1224 C  CA   . THR A 1 163 ? -6.24122  14.63291  7.32532   1.000 16.76826  ? 139 THR A CA   1 
ATOM   1225 C  C    . THR A 1 163 ? -4.97800  13.81859  7.05509   1.000 16.45670  ? 139 THR A C    1 
ATOM   1226 O  O    . THR A 1 163 ? -3.87942  14.37600  6.98011   1.000 17.42560  ? 139 THR A O    1 
ATOM   1227 C  CB   . THR A 1 163 ? -6.68590  14.50490  8.77815   1.000 17.13802  ? 139 THR A CB   1 
ATOM   1228 O  OG1  . THR A 1 163 ? -7.79566  15.40064  9.00110   1.000 19.74622  ? 139 THR A OG1  1 
ATOM   1229 C  CG2  . THR A 1 163 ? -5.56585  14.86608  9.71377   1.000 21.00380  ? 139 THR A CG2  1 
ATOM   1230 N  N    . LEU A 1 164 ? -5.12368  12.49568  6.89905   1.000 16.32170  ? 140 LEU A N    1 
ATOM   1231 C  CA   . LEU A 1 164 ? -3.95568  11.65760  6.62461   1.000 15.47186  ? 140 LEU A CA   1 
ATOM   1232 C  C    . LEU A 1 164 ? -3.29113  12.04148  5.30779   1.000 16.78106  ? 140 LEU A C    1 
ATOM   1233 O  O    . LEU A 1 164 ? -2.06039  12.14629  5.23007   1.000 16.92846  ? 140 LEU A O    1 
ATOM   1234 C  CB   . LEU A 1 164 ? -4.36731  10.18907  6.60405   1.000 17.31312  ? 140 LEU A CB   1 
ATOM   1235 C  CG   . LEU A 1 164 ? -4.82383  9.61544   7.94597   1.000 15.59223  ? 140 LEU A CG   1 
ATOM   1236 C  CD1  . LEU A 1 164 ? -5.37396  8.22626   7.74092   1.000 17.00905  ? 140 LEU A CD1  1 
ATOM   1237 C  CD2  . LEU A 1 164 ? -3.69483  9.60888   8.98742   1.000 17.71882  ? 140 LEU A CD2  1 
ATOM   1238 N  N    . ARG A 1 165 ? -4.09142  12.27621  4.26079   1.000 16.82217  ? 141 ARG A N    1 
ATOM   1239 C  CA   . ARG A 1 165 ? -3.51508  12.68155  2.98383   1.000 16.39363  ? 141 ARG A CA   1 
ATOM   1240 C  C    . ARG A 1 165 ? -2.77130  14.00498  3.10820   1.000 16.67856  ? 141 ARG A C    1 
ATOM   1241 O  O    . ARG A 1 165 ? -1.66058  14.16612  2.57830   1.000 17.61876  ? 141 ARG A O    1 
ATOM   1242 C  CB   . ARG A 1 165 ? -4.62643  12.76527  1.93474   1.000 19.63715  ? 141 ARG A CB   1 
ATOM   1243 C  CG   . ARG A 1 165 ? -4.24102  13.43317  0.63664   1.000 24.03089  ? 141 ARG A CG   1 
ATOM   1244 C  CD   . ARG A 1 165 ? -2.94584  12.87556  0.08969   1.000 26.57070  ? 141 ARG A CD   1 
ATOM   1245 N  NE   . ARG A 1 165 ? -3.09391  11.47422  -0.27652  1.000 26.43490  ? 141 ARG A NE   1 
ATOM   1246 C  CZ   . ARG A 1 165 ? -2.07697  10.65478  -0.52148  1.000 25.85098  ? 141 ARG A CZ   1 
ATOM   1247 N  NH1  . ARG A 1 165 ? -0.83082  11.09370  -0.43997  1.000 23.72945  ? 141 ARG A NH1  1 
ATOM   1248 N  NH2  . ARG A 1 165 ? -2.31700  9.39452   -0.85414  1.000 25.15121  ? 141 ARG A NH2  1 
ATOM   1249 N  N    . GLN A 1 166 ? -3.36077  14.96381  3.82567   1.000 18.14574  ? 142 GLN A N    1 
ATOM   1250 C  CA   . GLN A 1 166 ? -2.70944  16.26069  3.96941   1.000 19.66974  ? 142 GLN A CA   1 
ATOM   1251 C  C    . GLN A 1 166 ? -1.40670  16.12594  4.74441   1.000 16.82995  ? 142 GLN A C    1 
ATOM   1252 O  O    . GLN A 1 166 ? -0.39582  16.75716  4.40603   1.000 19.03309  ? 142 GLN A O    1 
ATOM   1253 C  CB   . GLN A 1 166 ? -3.67670  17.25409  4.62722   1.000 20.79242  ? 142 GLN A CB   1 
ATOM   1254 C  CG   . GLN A 1 166 ? -4.70097  17.78623  3.61931   1.000 21.28191  ? 142 GLN A CG   1 
ATOM   1255 C  CD   . GLN A 1 166 ? -5.99012  18.38313  4.20544   1.000 27.80866  ? 142 GLN A CD   1 
ATOM   1256 O  OE1  . GLN A 1 166 ? -6.96705  18.56305  3.47326   1.000 34.82033  ? 142 GLN A OE1  1 
ATOM   1257 N  NE2  . GLN A 1 166 ? -6.00986  18.67243  5.48967   1.000 23.32012  ? 142 GLN A NE2  1 
ATOM   1258 N  N    A MET A 1 167 ? -1.40131  15.28209  5.78338   0.506 17.81148  ? 143 MET A N    1 
ATOM   1259 N  N    B MET A 1 167 ? -1.40385  15.27848  5.77569   0.494 17.81928  ? 143 MET A N    1 
ATOM   1260 C  CA   A MET A 1 167 ? -0.17853  15.06206  6.55320   0.506 16.99948  ? 143 MET A CA   1 
ATOM   1261 C  CA   B MET A 1 167 ? -0.18872  15.06098  6.55224   0.494 17.00462  ? 143 MET A CA   1 
ATOM   1262 C  C    A MET A 1 167 ? 0.91118   14.43139  5.69069   0.506 16.18205  ? 143 MET A C    1 
ATOM   1263 C  C    B MET A 1 167 ? 0.90760   14.42854  5.69710   0.494 16.18942  ? 143 MET A C    1 
ATOM   1264 O  O    A MET A 1 167 ? 2.07375   14.85536  5.72423   0.506 17.47946  ? 143 MET A O    1 
ATOM   1265 O  O    B MET A 1 167 ? 2.06972   14.85440  5.73584   0.494 17.46451  ? 143 MET A O    1 
ATOM   1266 C  CB   A MET A 1 167 ? -0.47826  14.18064  7.76694   0.506 20.12733  ? 143 MET A CB   1 
ATOM   1267 C  CB   B MET A 1 167 ? -0.51567  14.18367  7.75853   0.494 20.07647  ? 143 MET A CB   1 
ATOM   1268 C  CG   A MET A 1 167 ? -1.21815  14.88502  8.87193   0.506 17.74075  ? 143 MET A CG   1 
ATOM   1269 C  CG   B MET A 1 167 ? 0.51495   14.25092  8.84606   0.494 17.31169  ? 143 MET A CG   1 
ATOM   1270 S  SD   A MET A 1 167 ? -1.49955  13.78513  10.27611  0.506 19.53172  ? 143 MET A SD   1 
ATOM   1271 S  SD   B MET A 1 167 ? -0.08912  13.44901  10.34102  0.494 20.13666  ? 143 MET A SD   1 
ATOM   1272 C  CE   A MET A 1 167 ? -1.98672  14.97401  11.52057  0.506 21.68430  ? 143 MET A CE   1 
ATOM   1273 C  CE   B MET A 1 167 ? -1.19878  14.70020  10.95970  0.494 17.19892  ? 143 MET A CE   1 
ATOM   1274 N  N    . ILE A 1 168 ? 0.54799   13.41746  4.90119   1.000 16.61630  ? 144 ILE A N    1 
ATOM   1275 C  CA   . ILE A 1 168 ? 1.53807   12.78146  4.03526   1.000 16.95295  ? 144 ILE A CA   1 
ATOM   1276 C  C    . ILE A 1 168 ? 2.13792   13.81327  3.09679   1.000 16.93191  ? 144 ILE A C    1 
ATOM   1277 O  O    . ILE A 1 168 ? 3.36500   13.91183  2.93776   1.000 18.07703  ? 144 ILE A O    1 
ATOM   1278 C  CB   . ILE A 1 168 ? 0.91117   11.61543  3.25141   1.000 16.98205  ? 144 ILE A CB   1 
ATOM   1279 C  CG1  . ILE A 1 168 ? 0.49771   10.47216  4.19765   1.000 17.09614  ? 144 ILE A CG1  1 
ATOM   1280 C  CG2  . ILE A 1 168 ? 1.84865   11.15378  2.14515   1.000 17.84866  ? 144 ILE A CG2  1 
ATOM   1281 C  CD1  . ILE A 1 168 ? -0.52639  9.54406   3.60233   1.000 18.65365  ? 144 ILE A CD1  1 
ATOM   1282 N  N    . ASP A 1 169 ? 1.27311   14.62252  2.47663   1.000 18.45741  ? 145 ASP A N    1 
ATOM   1283 C  CA   . ASP A 1 169 ? 1.77392   15.54936  1.47045   1.000 20.90233  ? 145 ASP A CA   1 
ATOM   1284 C  C    . ASP A 1 169 ? 2.64652   16.62867  2.09292   1.000 20.26530  ? 145 ASP A C    1 
ATOM   1285 O  O    . ASP A 1 169 ? 3.55997   17.13845  1.43461   1.000 22.85199  ? 145 ASP A O    1 
ATOM   1286 C  CB   . ASP A 1 169 ? 0.61229   16.14750  0.67551   1.000 23.58040  ? 145 ASP A CB   1 
ATOM   1287 C  CG   . ASP A 1 169 ? -0.04854  15.14026  -0.26324  1.000 24.82588  ? 145 ASP A CG   1 
ATOM   1288 O  OD1  . ASP A 1 169 ? 0.39333   13.97048  -0.36276  1.000 27.61909  ? 145 ASP A OD1  1 
ATOM   1289 O  OD2  . ASP A 1 169 ? -1.04338  15.52126  -0.92136  1.000 32.26921  ? 145 ASP A OD2  1 
ATOM   1290 N  N    . LEU A 1 170 ? 2.41639   16.96066  3.36675   1.000 18.58489  ? 146 LEU A N    1 
ATOM   1291 C  CA   . LEU A 1 170 ? 3.26617   17.92276  4.05591   1.000 21.25379  ? 146 LEU A CA   1 
ATOM   1292 C  C    . LEU A 1 170 ? 4.58323   17.33445  4.54311   1.000 22.90656  ? 146 LEU A C    1 
ATOM   1293 O  O    . LEU A 1 170 ? 5.52937   18.09724  4.77231   1.000 26.88242  ? 146 LEU A O    1 
ATOM   1294 C  CB   . LEU A 1 170 ? 2.54671   18.51410  5.26807   1.000 20.27276  ? 146 LEU A CB   1 
ATOM   1295 C  CG   . LEU A 1 170 ? 1.45224   19.53256  4.96967   1.000 21.53266  ? 146 LEU A CG   1 
ATOM   1296 C  CD1  . LEU A 1 170 ? 0.80260   19.90150  6.28477   1.000 23.07036  ? 146 LEU A CD1  1 
ATOM   1297 C  CD2  . LEU A 1 170 ? 2.04759   20.75309  4.27211   1.000 25.80802  ? 146 LEU A CD2  1 
ATOM   1298 N  N    . HIS A 1 171 ? 4.66464   16.01591  4.74866   1.000 18.09639  ? 147 HIS A N    1 
ATOM   1299 C  CA   . HIS A 1 171 ? 5.86788   15.44037  5.33940   1.000 19.44928  ? 147 HIS A CA   1 
ATOM   1300 C  C    . HIS A 1 171 ? 6.70805   14.60604  4.38627   1.000 20.20487  ? 147 HIS A C    1 
ATOM   1301 O  O    . HIS A 1 171 ? 7.84417   14.26331  4.73262   1.000 23.27808  ? 147 HIS A O    1 
ATOM   1302 C  CB   . HIS A 1 171 ? 5.50165   14.66559  6.61470   1.000 18.74529  ? 147 HIS A CB   1 
ATOM   1303 C  CG   . HIS A 1 171 ? 5.11638   15.57645  7.73696   1.000 17.10019  ? 147 HIS A CG   1 
ATOM   1304 N  ND1  . HIS A 1 171 ? 3.82562   15.99796  7.96322   1.000 22.62845  ? 147 HIS A ND1  1 
ATOM   1305 C  CD2  . HIS A 1 171 ? 5.88341   16.20967  8.64956   1.000 16.19658  ? 147 HIS A CD2  1 
ATOM   1306 C  CE1  . HIS A 1 171 ? 3.81550   16.83404  8.99027   1.000 17.00674  ? 147 HIS A CE1  1 
ATOM   1307 N  NE2  . HIS A 1 171 ? 5.05203   16.97866  9.42038   1.000 22.99833  ? 147 HIS A NE2  1 
ATOM   1308 N  N    . VAL A 1 172 ? 6.19897   14.28979  3.20196   1.000 18.84794  ? 148 VAL A N    1 
ATOM   1309 C  CA   . VAL A 1 172 ? 6.96002   13.48989  2.25343   1.000 21.68449  ? 148 VAL A CA   1 
ATOM   1310 C  C    . VAL A 1 172 ? 8.14976   14.29144  1.73645   1.000 26.69492  ? 148 VAL A C    1 
ATOM   1311 O  O    . VAL A 1 172 ? 8.11671   15.52658  1.66627   1.000 30.53150  ? 148 VAL A O    1 
ATOM   1312 C  CB   . VAL A 1 172 ? 6.03186   13.00822  1.12273   1.000 23.29779  ? 148 VAL A CB   1 
ATOM   1313 C  CG1  . VAL A 1 172 ? 5.65721   14.16382  0.18371   1.000 26.60919  ? 148 VAL A CG1  1 
ATOM   1314 C  CG2  . VAL A 1 172 ? 6.65979   11.85518  0.36707   1.000 27.67021  ? 148 VAL A CG2  1 
ATOM   1315 N  N    . HIS A 1 173 ? 9.22351   13.58558  1.39244   1.000 33.30588  ? 149 HIS A N    1 
ATOM   1316 C  CA   . HIS A 1 173 ? 10.44443  14.24999  0.93029   1.000 49.70999  ? 149 HIS A CA   1 
ATOM   1317 C  C    . HIS A 1 173 ? 10.81484  13.89621  -0.50858  1.000 45.51643  ? 149 HIS A C    1 
ATOM   1318 O  O    . HIS A 1 173 ? 10.16960  13.05815  -1.13729  1.000 47.11561  ? 149 HIS A O    1 
ATOM   1319 C  CB   . HIS A 1 173 ? 11.61180  13.94350  1.87046   1.000 53.33227  ? 149 HIS A CB   1 
ATOM   1320 C  CG   . HIS A 1 173 ? 11.59060  14.74985  3.13093   1.000 68.62958  ? 149 HIS A CG   1 
ATOM   1321 N  ND1  . HIS A 1 173 ? 11.55451  16.12804  3.13062   1.000 76.24217  ? 149 HIS A ND1  1 
ATOM   1322 C  CD2  . HIS A 1 173 ? 11.58853  14.37352  4.43164   1.000 60.93358  ? 149 HIS A CD2  1 
ATOM   1323 C  CE1  . HIS A 1 173 ? 11.53608  16.56637  4.37678   1.000 73.46981  ? 149 HIS A CE1  1 
ATOM   1324 N  NE2  . HIS A 1 173 ? 11.55652  15.52205  5.18574   1.000 69.88889  ? 149 HIS A NE2  1 
HETATM 1325 C  C01  . WOM B 2 .   ? 0.79214   0.12316   2.29194   0.908 16.37927  ? 201 WOM A C01  1 
HETATM 1326 C  C02  . WOM B 2 .   ? 0.48245   -0.66739  3.34978   0.908 17.24011  ? 201 WOM A C02  1 
HETATM 1327 C  C03  . WOM B 2 .   ? -0.48419  -1.63406  3.24012   0.908 16.02250  ? 201 WOM A C03  1 
HETATM 1328 C  C05  . WOM B 2 .   ? -0.81412  -1.12464  1.10206   0.908 15.60653  ? 201 WOM A C05  1 
HETATM 1329 C  C06  . WOM B 2 .   ? 0.13157   -0.12728  1.13141   0.908 14.32514  ? 201 WOM A C06  1 
HETATM 1330 C  C09  . WOM B 2 .   ? -0.74532  -2.51300  4.43088   0.908 17.50430  ? 201 WOM A C09  1 
HETATM 1331 N  N04  . WOM B 2 .   ? -1.13483  -1.85871  2.12613   0.908 16.49873  ? 201 WOM A N04  1 
HETATM 1332 N  N13  . WOM B 2 .   ? 1.77872   1.16023   2.38772   0.908 17.63551  ? 201 WOM A N13  1 
HETATM 1333 O  O10  . WOM B 2 .   ? 0.21263   -3.30798  4.69572   0.908 19.12093  ? 201 WOM A O10  1 
HETATM 1334 O  O11  . WOM B 2 .   ? -1.82845  -2.47584  5.03763   0.908 18.74174  ? 201 WOM A O11  1 
HETATM 1335 CL CL07 . WOM B 2 .   ? 0.55961   0.78094   -0.30835  0.908 19.23253  ? 201 WOM A CL07 1 
HETATM 1336 CL CL08 . WOM B 2 .   ? -1.70638  -1.45682  -0.36279  0.908 18.75733  ? 201 WOM A CL08 1 
HETATM 1337 CL CL12 . WOM B 2 .   ? 1.34303   -0.37607  4.85158   0.908 20.55680  ? 201 WOM A CL12 1 
HETATM 1338 H  H131 . WOM B 2 .   ? 2.08078   1.53786   1.67644   0.908 21.17593  ? 201 WOM A H131 1 
HETATM 1339 H  H132 . WOM B 2 .   ? 2.06261   1.41168   3.16026   0.908 21.17593  ? 201 WOM A H132 1 
HETATM 1340 S  S    . SO4 C 3 .   ? 1.40619   -6.62776  -20.36912 0.471 16.33163  ? 202 SO4 A S    1 
HETATM 1341 O  O1   . SO4 C 3 .   ? 0.66372   -6.12396  -21.51698 0.471 17.87048  ? 202 SO4 A O1   1 
HETATM 1342 O  O2   . SO4 C 3 .   ? 0.93818   -5.94093  -19.16717 0.471 18.97880  ? 202 SO4 A O2   1 
HETATM 1343 O  O3   . SO4 C 3 .   ? 1.12123   -8.04802  -20.24615 0.471 20.00550  ? 202 SO4 A O3   1 
HETATM 1344 O  O4   . SO4 C 3 .   ? 2.83121   -6.41885  -20.55584 0.471 16.40029  ? 202 SO4 A O4   1 
HETATM 1345 S  S    . SO4 D 3 .   ? 4.80616   -12.02803 5.12223   0.811 23.44934  ? 203 SO4 A S    1 
HETATM 1346 O  O1   . SO4 D 3 .   ? 3.56431   -12.54462 4.56520   0.811 33.15037  ? 203 SO4 A O1   1 
HETATM 1347 O  O2   . SO4 D 3 .   ? 4.58917   -11.58078 6.49819   0.811 25.89687  ? 203 SO4 A O2   1 
HETATM 1348 O  O3   . SO4 D 3 .   ? 5.17355   -10.90683 4.26205   0.811 30.99838  ? 203 SO4 A O3   1 
HETATM 1349 O  O4   . SO4 D 3 .   ? 5.83865   -13.06287 5.06457   0.811 47.33218  ? 203 SO4 A O4   1 
HETATM 1350 S  S    . SO4 E 3 .   ? 0.95635   -14.59797 -6.19577  1.000 87.11917  ? 204 SO4 A S    1 
HETATM 1351 O  O1   . SO4 E 3 .   ? 1.18125   -13.18052 -5.91345  1.000 58.21201  ? 204 SO4 A O1   1 
HETATM 1352 O  O2   . SO4 E 3 .   ? -0.38055  -14.99657 -5.75704  1.000 60.66259  ? 204 SO4 A O2   1 
HETATM 1353 O  O3   . SO4 E 3 .   ? 1.07282   -14.84247 -7.63211  1.000 61.67601  ? 204 SO4 A O3   1 
HETATM 1354 O  O4   . SO4 E 3 .   ? 1.95855   -15.38013 -5.47611  1.000 64.12332  ? 204 SO4 A O4   1 
HETATM 1355 O  O    . HOH F 4 .   ? -3.04085  -11.64219 -18.72465 1.000 48.15824  ? 301 HOH A O    1 
HETATM 1356 O  O    . HOH F 4 .   ? -8.64747  -4.02626  -12.30637 1.000 52.30839  ? 302 HOH A O    1 
HETATM 1357 O  O    . HOH F 4 .   ? -2.97141  6.91961   -12.03675 1.000 55.82876  ? 303 HOH A O    1 
HETATM 1358 O  O    . HOH F 4 .   ? -3.61225  -16.19496 6.54389   1.000 32.26716  ? 304 HOH A O    1 
HETATM 1359 O  O    . HOH F 4 .   ? -20.34368 0.65855   4.68582   1.000 49.04944  ? 305 HOH A O    1 
HETATM 1360 O  O    . HOH F 4 .   ? -10.46967 2.35606   -0.75520  1.000 40.38022  ? 306 HOH A O    1 
HETATM 1361 O  O    . HOH F 4 .   ? -15.93301 -7.24620  13.93235  1.000 48.18442  ? 307 HOH A O    1 
HETATM 1362 O  O    . HOH F 4 .   ? -3.18133  5.25544   -15.94716 1.000 52.62876  ? 308 HOH A O    1 
HETATM 1363 O  O    . HOH F 4 .   ? -4.87388  -6.96634  14.18229  1.000 26.65499  ? 309 HOH A O    1 
HETATM 1364 O  O    . HOH F 4 .   ? -9.05001  20.56621  3.82293   1.000 32.51222  ? 310 HOH A O    1 
HETATM 1365 O  O    . HOH F 4 .   ? 1.24994   -9.68180  -18.38609 1.000 21.16861  ? 311 HOH A O    1 
HETATM 1366 O  O    . HOH F 4 .   ? 6.50299   -9.41262  2.78415   1.000 24.78518  ? 312 HOH A O    1 
HETATM 1367 O  O    . HOH F 4 .   ? 10.39702  3.96627   -20.52404 1.000 51.80162  ? 313 HOH A O    1 
HETATM 1368 O  O    . HOH F 4 .   ? 7.14171   -14.68179 6.45988   1.000 30.23680  ? 314 HOH A O    1 
HETATM 1369 O  O    . HOH F 4 .   ? -0.56064  1.36294   27.55783  1.000 42.77477  ? 315 HOH A O    1 
HETATM 1370 O  O    . HOH F 4 .   ? 0.58985   -5.01687  10.65600  1.000 30.84676  ? 316 HOH A O    1 
HETATM 1371 O  O    . HOH F 4 .   ? 6.22424   -11.92598 -6.55406  1.000 32.30856  ? 317 HOH A O    1 
HETATM 1372 O  O    . HOH F 4 .   ? 16.09352  -6.40959  2.25412   1.000 43.59996  ? 318 HOH A O    1 
HETATM 1373 O  O    . HOH F 4 .   ? 4.32032   -8.52614  -20.57971 0.50  49.91502  ? 319 HOH A O    1 
HETATM 1374 O  O    . HOH F 4 .   ? -7.79803  17.55806  1.21922   1.000 49.32328  ? 320 HOH A O    1 
HETATM 1375 O  O    . HOH F 4 .   ? 9.42066   14.15873  6.80272   1.000 26.77389  ? 321 HOH A O    1 
HETATM 1376 O  O    . HOH F 4 .   ? 2.36363   0.55737   9.62434   1.000 32.03665  ? 322 HOH A O    1 
HETATM 1377 O  O    . HOH F 4 .   ? 6.79669   -0.98888  6.47550   1.000 48.18682  ? 323 HOH A O    1 
HETATM 1378 O  O    . HOH F 4 .   ? 3.08499   10.12599  -1.49425  1.000 41.76534  ? 324 HOH A O    1 
HETATM 1379 O  O    . HOH F 4 .   ? 6.68578   13.71130  18.30387  1.000 18.24741  ? 325 HOH A O    1 
HETATM 1380 O  O    . HOH F 4 .   ? -11.86815 -14.90692 -1.92051  1.000 49.43158  ? 326 HOH A O    1 
HETATM 1381 O  O    . HOH F 4 .   ? 0.83365   12.82259  25.25354  1.000 34.27196  ? 327 HOH A O    1 
HETATM 1382 O  O    . HOH F 4 .   ? -3.06230  -20.68219 3.73225   1.000 36.70204  ? 328 HOH A O    1 
HETATM 1383 O  O    . HOH F 4 .   ? 13.07116  -4.49737  -17.33439 1.000 43.42658  ? 329 HOH A O    1 
HETATM 1384 O  O    . HOH F 4 .   ? -21.44350 3.83060   14.98338  1.000 27.65402  ? 330 HOH A O    1 
HETATM 1385 O  O    . HOH F 4 .   ? 6.17205   -2.87172  -21.80066 1.000 31.64574  ? 331 HOH A O    1 
HETATM 1386 O  O    . HOH F 4 .   ? -2.06301  0.73171   8.12207   1.000 17.17187  ? 332 HOH A O    1 
HETATM 1387 O  O    . HOH F 4 .   ? -1.39319  -10.67333 10.00627  1.000 26.42496  ? 333 HOH A O    1 
HETATM 1388 O  O    . HOH F 4 .   ? -19.41889 10.31254  10.60857  1.000 28.84003  ? 334 HOH A O    1 
HETATM 1389 O  O    . HOH F 4 .   ? 1.22365   -14.28603 -10.23491 1.000 48.69270  ? 335 HOH A O    1 
HETATM 1390 O  O    . HOH F 4 .   ? -3.17644  -10.94612 12.66998  1.000 50.29667  ? 336 HOH A O    1 
HETATM 1391 O  O    . HOH F 4 .   ? -3.25764  1.78745   -6.69199  1.000 25.72917  ? 337 HOH A O    1 
HETATM 1392 O  O    . HOH F 4 .   ? -1.38362  -15.34905 7.97643   1.000 27.33797  ? 338 HOH A O    1 
HETATM 1393 O  O    . HOH F 4 .   ? -12.10239 -9.95566  4.49216   1.000 56.40859  ? 339 HOH A O    1 
HETATM 1394 O  O    . HOH F 4 .   ? -13.30018 -0.02379  13.05107  1.000 22.46145  ? 340 HOH A O    1 
HETATM 1395 O  O    . HOH F 4 .   ? 8.62625   -12.74435 -5.60547  1.000 37.66472  ? 341 HOH A O    1 
HETATM 1396 O  O    . HOH F 4 .   ? -16.62925 -2.82583  11.90111  1.000 32.70954  ? 342 HOH A O    1 
HETATM 1397 O  O    . HOH F 4 .   ? 2.56709   12.89401  -1.54176  1.000 37.46845  ? 343 HOH A O    1 
HETATM 1398 O  O    . HOH F 4 .   ? 3.74682   -15.24538 -2.61548  1.000 34.65336  ? 344 HOH A O    1 
HETATM 1399 O  O    . HOH F 4 .   ? -21.50297 -4.21678  8.16596   0.50  66.11623  ? 345 HOH A O    1 
HETATM 1400 O  O    . HOH F 4 .   ? 6.73469   -4.18489  2.54968   1.000 30.26845  ? 346 HOH A O    1 
HETATM 1401 O  O    . HOH F 4 .   ? -7.70158  -11.69108 -8.96058  1.000 28.60943  ? 347 HOH A O    1 
HETATM 1402 O  O    . HOH F 4 .   ? -12.86772 -8.75932  2.96785   1.000 41.20028  ? 348 HOH A O    1 
HETATM 1403 O  O    . HOH F 4 .   ? -5.49502  -20.35447 1.69960   1.000 37.11180  ? 349 HOH A O    1 
HETATM 1404 O  O    . HOH F 4 .   ? 6.24215   -12.41057 8.50666   1.000 34.72153  ? 350 HOH A O    1 
HETATM 1405 O  O    . HOH F 4 .   ? -1.68083  3.42179   25.70144  1.000 31.19292  ? 351 HOH A O    1 
HETATM 1406 O  O    . HOH F 4 .   ? -6.52913  -11.63197 -6.11876  1.000 26.85082  ? 352 HOH A O    1 
HETATM 1407 O  O    . HOH F 4 .   ? -8.04819  -11.05963 9.37787   1.000 33.69885  ? 353 HOH A O    1 
HETATM 1408 O  O    . HOH F 4 .   ? 10.62090  -7.26295  -17.57148 1.000 40.34132  ? 354 HOH A O    1 
HETATM 1409 O  O    . HOH F 4 .   ? -3.18034  1.97999   23.30548  1.000 25.52088  ? 355 HOH A O    1 
HETATM 1410 O  O    . HOH F 4 .   ? 6.23688   6.16595   -18.56088 1.000 50.31949  ? 356 HOH A O    1 
HETATM 1411 O  O    . HOH F 4 .   ? -2.34996  -13.43035 -13.22726 1.000 31.08964  ? 357 HOH A O    1 
HETATM 1412 O  O    . HOH F 4 .   ? -9.05443  15.29183  11.49363  1.000 23.77660  ? 358 HOH A O    1 
HETATM 1413 O  O    . HOH F 4 .   ? 0.56413   -1.02559  -16.48476 1.000 44.03368  ? 359 HOH A O    1 
HETATM 1414 O  O    . HOH F 4 .   ? 13.32628  -3.76863  4.70069   1.000 35.50648  ? 360 HOH A O    1 
HETATM 1415 O  O    . HOH F 4 .   ? -3.59327  -4.05191  3.58889   1.000 20.29223  ? 361 HOH A O    1 
HETATM 1416 O  O    . HOH F 4 .   ? -1.33090  4.67831   23.19928  1.000 22.69699  ? 362 HOH A O    1 
HETATM 1417 O  O    . HOH F 4 .   ? -1.56779  14.27310  -3.35251  1.000 44.78527  ? 363 HOH A O    1 
HETATM 1418 O  O    . HOH F 4 .   ? 14.89686  -4.81645  -14.81382 1.000 49.22471  ? 364 HOH A O    1 
HETATM 1419 O  O    . HOH F 4 .   ? -10.30926 -4.93907  -8.11873  1.000 31.71624  ? 365 HOH A O    1 
HETATM 1420 O  O    . HOH F 4 .   ? -6.30535  8.39430   23.46537  1.000 31.43423  ? 366 HOH A O    1 
HETATM 1421 O  O    . HOH F 4 .   ? -0.60947  -1.97552  18.20678  1.000 23.82946  ? 367 HOH A O    1 
HETATM 1422 O  O    . HOH F 4 .   ? 1.46761   0.30308   -12.93481 1.000 21.97963  ? 368 HOH A O    1 
HETATM 1423 O  O    . HOH F 4 .   ? 18.11833  -4.94827  -10.27356 1.000 44.36970  ? 369 HOH A O    1 
HETATM 1424 O  O    . HOH F 4 .   ? 8.00083   -10.80319 0.52187   1.000 35.64879  ? 370 HOH A O    1 
HETATM 1425 O  O    . HOH F 4 .   ? -3.84011  -14.44503 -7.61258  1.000 34.23723  ? 371 HOH A O    1 
HETATM 1426 O  O    . HOH F 4 .   ? -12.29394 -5.72171  11.04157  1.000 37.68186  ? 372 HOH A O    1 
HETATM 1427 O  O    . HOH F 4 .   ? 5.43841   7.48564   -16.01099 1.000 44.64229  ? 373 HOH A O    1 
HETATM 1428 O  O    . HOH F 4 .   ? 11.79378  6.83311   -1.30982  1.000 35.63274  ? 374 HOH A O    1 
HETATM 1429 O  O    . HOH F 4 .   ? 7.69887   -8.26350  -16.76958 1.000 34.70159  ? 375 HOH A O    1 
HETATM 1430 O  O    . HOH F 4 .   ? 19.09510  -5.64497  -6.84852  1.000 54.41222  ? 376 HOH A O    1 
HETATM 1431 O  O    . HOH F 4 .   ? 3.79708   -10.67363 -17.79088 1.000 25.17907  ? 377 HOH A O    1 
HETATM 1432 O  O    . HOH F 4 .   ? -4.88651  -15.54465 -5.29283  1.000 34.05181  ? 378 HOH A O    1 
HETATM 1433 O  O    . HOH F 4 .   ? -13.61705 0.69008   0.72244   1.000 33.44838  ? 379 HOH A O    1 
HETATM 1434 O  O    . HOH F 4 .   ? 17.11633  -3.02691  3.00832   1.000 33.73573  ? 380 HOH A O    1 
HETATM 1435 O  O    . HOH F 4 .   ? 14.78220  -1.48988  -8.85016  1.000 35.99910  ? 381 HOH A O    1 
HETATM 1436 O  O    . HOH F 4 .   ? 2.78426   0.54070   12.69379  1.000 20.75531  ? 382 HOH A O    1 
HETATM 1437 O  O    . HOH F 4 .   ? 9.67976   10.81005  2.03934   1.000 45.79234  ? 383 HOH A O    1 
HETATM 1438 O  O    . HOH F 4 .   ? -3.06308  -1.28057  -14.06231 1.000 36.15847  ? 384 HOH A O    1 
HETATM 1439 O  O    . HOH F 4 .   ? -0.37993  -5.55569  18.54149  1.000 44.59255  ? 385 HOH A O    1 
HETATM 1440 O  O    . HOH F 4 .   ? -17.82200 2.33232   5.53508   1.000 34.41847  ? 386 HOH A O    1 
HETATM 1441 O  O    . HOH F 4 .   ? 15.05877  3.55232   1.71355   1.000 40.90735  ? 387 HOH A O    1 
HETATM 1442 O  O    . HOH F 4 .   ? -1.04086  -4.08410  -20.22889 0.50  39.31781  ? 388 HOH A O    1 
HETATM 1443 O  O    . HOH F 4 .   ? 3.29070   10.10181  31.21985  1.000 37.09241  ? 389 HOH A O    1 
HETATM 1444 O  O    . HOH F 4 .   ? -2.67603  17.52985  0.43495   1.000 42.13773  ? 390 HOH A O    1 
HETATM 1445 O  O    . HOH F 4 .   ? -13.46512 -6.07866  13.77297  1.000 43.34593  ? 391 HOH A O    1 
HETATM 1446 O  O    . HOH F 4 .   ? 13.77183  6.55927   -7.84601  1.000 33.03599  ? 392 HOH A O    1 
HETATM 1447 O  O    . HOH F 4 .   ? 18.94086  -3.80373  -3.50217  1.000 38.76335  ? 393 HOH A O    1 
HETATM 1448 O  O    . HOH F 4 .   ? 5.74164   -8.89913  6.90299   1.000 41.59694  ? 394 HOH A O    1 
HETATM 1449 O  O    . HOH F 4 .   ? -0.97829  18.81657  2.36144   1.000 27.61315  ? 395 HOH A O    1 
HETATM 1450 O  O    . HOH F 4 .   ? 6.25669   20.37027  3.02108   1.000 32.42621  ? 396 HOH A O    1 
HETATM 1451 O  O    . HOH F 4 .   ? 1.31908   1.42751   -16.22879 1.000 36.66624  ? 397 HOH A O    1 
HETATM 1452 O  O    . HOH F 4 .   ? -21.63634 10.79138  8.48843   1.000 41.09873  ? 398 HOH A O    1 
HETATM 1453 O  O    . HOH F 4 .   ? 1.36741   -1.81674  8.00298   1.000 31.84429  ? 399 HOH A O    1 
HETATM 1454 O  O    . HOH F 4 .   ? -18.22233 4.89107   6.92561   1.000 36.50742  ? 400 HOH A O    1 
HETATM 1455 O  O    . HOH F 4 .   ? 11.45591  -2.03219  4.59027   1.000 31.48885  ? 401 HOH A O    1 
HETATM 1456 O  O    . HOH F 4 .   ? 10.12495  -7.83385  0.84107   1.000 41.24121  ? 402 HOH A O    1 
HETATM 1457 O  O    . HOH F 4 .   ? 15.26374  5.01534   -9.61171  1.000 43.67144  ? 403 HOH A O    1 
HETATM 1458 O  O    . HOH F 4 .   ? 10.31442  4.23289   2.27815   1.000 34.54807  ? 404 HOH A O    1 
HETATM 1459 O  O    . HOH F 4 .   ? -10.85448 21.15818  6.06963   1.000 44.70384  ? 405 HOH A O    1 
HETATM 1460 O  O    . HOH F 4 .   ? -4.93638  -9.60828  12.98135  1.000 37.07108  ? 406 HOH A O    1 
HETATM 1461 O  O    . HOH F 4 .   ? -2.65022  -7.49979  15.70590  1.000 35.78442  ? 407 HOH A O    1 
HETATM 1462 O  O    . HOH F 4 .   ? 3.28633   8.56352   -12.41725 1.000 50.46707  ? 408 HOH A O    1 
HETATM 1463 O  O    . HOH F 4 .   ? 12.24484  12.15246  -3.33865  1.000 60.19003  ? 409 HOH A O    1 
HETATM 1464 O  O    . HOH F 4 .   ? -17.80846 -4.35021  12.03168  1.000 58.61666  ? 410 HOH A O    1 
HETATM 1465 O  O    . HOH F 4 .   ? 20.79754  -3.44941  1.08316   1.000 42.51420  ? 411 HOH A O    1 
HETATM 1466 O  O    . HOH F 4 .   ? 6.77840   -6.85430  -19.38275 1.000 39.56824  ? 412 HOH A O    1 
HETATM 1467 O  O    . HOH F 4 .   ? 13.28692  8.34862   -7.54590  1.000 54.31038  ? 413 HOH A O    1 
HETATM 1468 O  O    . HOH F 4 .   ? 11.80748  -5.56553  -19.83922 1.000 51.03882  ? 414 HOH A O    1 
HETATM 1469 O  O    . HOH F 4 .   ? -2.87058  11.49727  -3.54685  1.000 48.34733  ? 415 HOH A O    1 
HETATM 1470 O  O    . HOH F 4 .   ? 7.91767   9.47244   -15.82890 1.000 51.05786  ? 416 HOH A O    1 
HETATM 1471 O  O    . HOH F 4 .   ? -20.95554 4.48041   7.30721   1.000 45.77307  ? 417 HOH A O    1 
HETATM 1472 O  O    . HOH F 4 .   ? 8.79985   -2.96645  4.88402   1.000 46.20503  ? 418 HOH A O    1 
HETATM 1473 O  O    . HOH F 4 .   ? -4.90151  -14.40676 -12.25074 1.000 41.44268  ? 419 HOH A O    1 
HETATM 1474 O  O    . HOH F 4 .   ? 12.66936  -13.84554 -15.77866 1.000 56.65944  ? 420 HOH A O    1 
HETATM 1475 O  O    . HOH F 4 .   ? -9.58440  12.43384  11.63099  0.50  22.96472  ? 421 HOH A O    1 
HETATM 1476 O  O    . HOH F 4 .   ? 15.69166  7.95895   -4.99718  1.000 64.04077  ? 422 HOH A O    1 
HETATM 1477 O  O    . HOH F 4 .   ? 3.71797   -0.03420  7.94501   1.000 43.91163  ? 423 HOH A O    1 
HETATM 1478 O  O    . HOH F 4 .   ? -14.43328 2.52009   2.40984   1.000 39.34868  ? 424 HOH A O    1 
HETATM 1479 O  O    . HOH F 4 .   ? 2.03404   -3.27953  9.59143   1.000 41.33834  ? 425 HOH A O    1 
HETATM 1480 O  O    . HOH F 4 .   ? -7.07720  -1.07815  -10.70224 1.000 49.44636  ? 426 HOH A O    1 
HETATM 1481 O  O    . HOH F 4 .   ? -11.95884 -10.49299 -9.52668  1.000 55.52194  ? 427 HOH A O    1 
HETATM 1482 O  O    . HOH F 4 .   ? -6.85872  8.67275   25.76944  1.000 57.75265  ? 428 HOH A O    1 
HETATM 1483 O  O    . HOH F 4 .   ? -5.61242  -0.76013  -14.86632 1.000 44.77018  ? 429 HOH A O    1 
HETATM 1484 O  O    . HOH F 4 .   ? -19.74194 -2.34245  11.34532  0.50  39.96601  ? 430 HOH A O    1 
HETATM 1485 O  O    . HOH F 4 .   ? 3.33557   20.55955  8.87816   1.000 28.74412  ? 431 HOH A O    1 
HETATM 1486 O  O    . HOH F 4 .   ? 11.40544  9.92021   -4.39074  1.000 52.86738  ? 432 HOH A O    1 
HETATM 1487 O  O    . HOH F 4 .   ? -10.91455 20.83774  1.81707   1.000 41.30936  ? 433 HOH A O    1 
HETATM 1488 O  O    . HOH F 4 .   ? 15.79384  -2.02077  -14.68908 1.000 48.56510  ? 434 HOH A O    1 
HETATM 1489 O  O    . HOH F 4 .   ? 14.59301  8.97555   -2.43375  1.000 66.01491  ? 435 HOH A O    1 
HETATM 1490 O  O    . HOH F 4 .   ? 19.66621  -0.96256  -4.08014  1.000 42.73387  ? 436 HOH A O    1 
HETATM 1491 O  O    . HOH F 4 .   ? -7.05038  -14.13190 -5.21106  1.000 33.38367  ? 437 HOH A O    1 
HETATM 1492 O  O    . HOH F 4 .   ? 14.83519  -6.97614  -17.62865 1.000 58.79654  ? 438 HOH A O    1 
HETATM 1493 O  O    . HOH F 4 .   ? -0.92539  -14.93481 -11.87318 1.000 47.62078  ? 439 HOH A O    1 
HETATM 1494 O  O    . HOH F 4 .   ? 5.83586   -9.34144  -19.04600 1.000 44.30976  ? 440 HOH A O    1 
HETATM 1495 O  O    . HOH F 4 .   ? 17.67928  1.74887   3.24279   1.000 32.52156  ? 441 HOH A O    1 
HETATM 1496 O  O    . HOH F 4 .   ? -5.18277  14.68011  -2.62039  1.000 52.19397  ? 442 HOH A O    1 
HETATM 1497 O  O    . HOH F 4 .   ? -17.02324 5.60551   4.69651   1.000 44.74587  ? 443 HOH A O    1 
HETATM 1498 O  O    . HOH F 4 .   ? -3.03037  -13.90101 -15.93995 1.000 42.70235  ? 444 HOH A O    1 
HETATM 1499 O  O    . HOH F 4 .   ? -8.20921  14.45851  0.55072   1.000 47.26324  ? 445 HOH A O    1 
HETATM 1500 O  O    . HOH F 4 .   ? -16.69360 3.69517   3.68348   1.000 45.80365  ? 446 HOH A O    1 
HETATM 1501 O  O    . HOH F 4 .   ? 3.75699   -1.91324  12.16506  1.000 43.27611  ? 447 HOH A O    1 
HETATM 1502 O  O    . HOH F 4 .   ? 13.65271  10.31552  -3.58545  1.000 61.79102  ? 448 HOH A O    1 
HETATM 1503 O  O    . HOH F 4 .   ? 18.59931  -0.68822  3.75600   0.50  35.74765  ? 449 HOH A O    1 
HETATM 1504 O  O    . HOH F 4 .   ? 19.60937  3.11889   1.28149   1.000 41.01988  ? 450 HOH A O    1 
# 
loop_
_pdbx_poly_seq_scheme.asym_id 
_pdbx_poly_seq_scheme.entity_id 
_pdbx_poly_seq_scheme.seq_id 
_pdbx_poly_seq_scheme.mon_id 
_pdbx_poly_seq_scheme.ndb_seq_num 
_pdbx_poly_seq_scheme.pdb_seq_num 
_pdbx_poly_seq_scheme.auth_seq_num 
_pdbx_poly_seq_scheme.pdb_mon_id 
_pdbx_poly_seq_scheme.auth_mon_id 
_pdbx_poly_seq_scheme.pdb_strand_id 
_pdbx_poly_seq_scheme.pdb_ins_code 
_pdbx_poly_seq_scheme.hetero 
A 1 1   MET 1   -23 ?   ?   ?   A . n 
A 1 2   HIS 2   -22 ?   ?   ?   A . n 
A 1 3   HIS 3   -21 ?   ?   ?   A . n 
A 1 4   HIS 4   -20 ?   ?   ?   A . n 
A 1 5   HIS 5   -19 ?   ?   ?   A . n 
A 1 6   HIS 6   -18 ?   ?   ?   A . n 
A 1 7   HIS 7   -17 ?   ?   ?   A . n 
A 1 8   SER 8   -16 ?   ?   ?   A . n 
A 1 9   SER 9   -15 ?   ?   ?   A . n 
A 1 10  GLY 10  -14 ?   ?   ?   A . n 
A 1 11  VAL 11  -13 ?   ?   ?   A . n 
A 1 12  ASP 12  -12 ?   ?   ?   A . n 
A 1 13  LEU 13  -11 ?   ?   ?   A . n 
A 1 14  GLY 14  -10 ?   ?   ?   A . n 
A 1 15  THR 15  -9  ?   ?   ?   A . n 
A 1 16  GLU 16  -8  ?   ?   ?   A . n 
A 1 17  ASN 17  -7  ?   ?   ?   A . n 
A 1 18  LEU 18  -6  ?   ?   ?   A . n 
A 1 19  TYR 19  -5  ?   ?   ?   A . n 
A 1 20  PHE 20  -4  ?   ?   ?   A . n 
A 1 21  GLN 21  -3  ?   ?   ?   A . n 
A 1 22  SER 22  -2  ?   ?   ?   A . n 
A 1 23  ASN 23  -1  ?   ?   ?   A . n 
A 1 24  ALA 24  0   ?   ?   ?   A . n 
A 1 25  MET 25  1   ?   ?   ?   A . n 
A 1 26  ALA 26  2   ?   ?   ?   A . n 
A 1 27  GLU 27  3   ?   ?   ?   A . n 
A 1 28  GLN 28  4   ?   ?   ?   A . n 
A 1 29  PRO 29  5   ?   ?   ?   A . n 
A 1 30  PRO 30  6   ?   ?   ?   A . n 
A 1 31  GLU 31  7   ?   ?   ?   A . n 
A 1 32  THR 32  8   ?   ?   ?   A . n 
A 1 33  HIS 33  9   ?   ?   ?   A . n 
A 1 34  ARG 34  10  10  ARG ARG A . n 
A 1 35  PHE 35  11  11  PHE PHE A . n 
A 1 36  VAL 36  12  12  VAL VAL A . n 
A 1 37  ASP 37  13  13  ASP ASP A . n 
A 1 38  ASP 38  14  14  ASP ASP A . n 
A 1 39  TYR 39  15  15  TYR TYR A . n 
A 1 40  LEU 40  16  16  LEU LEU A . n 
A 1 41  PRO 41  17  17  PRO PRO A . n 
A 1 42  ALA 42  18  18  ALA ALA A . n 
A 1 43  LEU 43  19  19  LEU LEU A . n 
A 1 44  LEU 44  20  20  LEU LEU A . n 
A 1 45  ALA 45  21  21  ALA ALA A . n 
A 1 46  GLN 46  22  22  GLN GLN A . n 
A 1 47  ALA 47  23  23  ALA ALA A . n 
A 1 48  SER 48  24  24  SER SER A . n 
A 1 49  GLN 49  25  25  GLN GLN A . n 
A 1 50  LEU 50  26  26  LEU LEU A . n 
A 1 51  ILE 51  27  27  ILE ILE A . n 
A 1 52  SER 52  28  28  SER SER A . n 
A 1 53  SER 53  29  29  SER SER A . n 
A 1 54  GLU 54  30  30  GLU GLU A . n 
A 1 55  PHE 55  31  31  PHE PHE A . n 
A 1 56  HIS 56  32  32  HIS HIS A . n 
A 1 57  GLU 57  33  33  GLU GLU A . n 
A 1 58  VAL 58  34  34  VAL VAL A . n 
A 1 59  ALA 59  35  35  ALA ALA A . n 
A 1 60  ARG 60  36  36  ARG ARG A . n 
A 1 61  GLN 61  37  37  GLN GLN A . n 
A 1 62  HIS 62  38  38  HIS HIS A . n 
A 1 63  GLY 63  39  39  GLY GLY A . n 
A 1 64  PHE 64  40  40  PHE PHE A . n 
A 1 65  SER 65  41  41  SER SER A . n 
A 1 66  VAL 66  42  42  VAL VAL A . n 
A 1 67  SER 67  43  43  SER SER A . n 
A 1 68  GLU 68  44  44  GLU GLU A . n 
A 1 69  TRP 69  45  45  TRP TRP A . n 
A 1 70  ARG 70  46  46  ARG ARG A . n 
A 1 71  VAL 71  47  47  VAL VAL A . n 
A 1 72  MET 72  48  48  MET MET A . n 
A 1 73  ALA 73  49  49  ALA ALA A . n 
A 1 74  SER 74  50  50  SER SER A . n 
A 1 75  LEU 75  51  51  LEU LEU A . n 
A 1 76  ALA 76  52  52  ALA ALA A . n 
A 1 77  GLY 77  53  53  GLY GLY A . n 
A 1 78  SER 78  54  54  SER SER A . n 
A 1 79  GLU 79  55  55  GLU GLU A . n 
A 1 80  PRO 80  56  56  PRO PRO A . n 
A 1 81  ILE 81  57  57  ILE ILE A . n 
A 1 82  SER 82  58  58  SER SER A . n 
A 1 83  ILE 83  59  59  ILE ILE A . n 
A 1 84  GLY 84  60  60  GLY GLY A . n 
A 1 85  GLN 85  61  61  GLN GLN A . n 
A 1 86  LEU 86  62  62  LEU LEU A . n 
A 1 87  ALA 87  63  63  ALA ALA A . n 
A 1 88  GLN 88  64  64  GLN GLN A . n 
A 1 89  VAL 89  65  65  VAL VAL A . n 
A 1 90  THR 90  66  66  THR THR A . n 
A 1 91  VAL 91  67  67  VAL VAL A . n 
A 1 92  THR 92  68  68  THR THR A . n 
A 1 93  LYS 93  69  69  LYS LYS A . n 
A 1 94  GLN 94  70  70  GLN GLN A . n 
A 1 95  PRO 95  71  71  PRO PRO A . n 
A 1 96  THR 96  72  72  THR THR A . n 
A 1 97  VAL 97  73  73  VAL VAL A . n 
A 1 98  THR 98  74  74  THR THR A . n 
A 1 99  ARG 99  75  75  ARG ARG A . n 
A 1 100 LEU 100 76  76  LEU LEU A . n 
A 1 101 LEU 101 77  77  LEU LEU A . n 
A 1 102 ASP 102 78  78  ASP ASP A . n 
A 1 103 ARG 103 79  79  ARG ARG A . n 
A 1 104 MET 104 80  80  MET MET A . n 
A 1 105 GLU 105 81  81  GLU GLU A . n 
A 1 106 ALA 106 82  82  ALA ALA A . n 
A 1 107 ARG 107 83  83  ARG ARG A . n 
A 1 108 GLY 108 84  84  GLY GLY A . n 
A 1 109 GLN 109 85  85  GLN GLN A . n 
A 1 110 VAL 110 86  86  VAL VAL A . n 
A 1 111 GLU 111 87  87  GLU GLU A . n 
A 1 112 ARG 112 88  88  ARG ARG A . n 
A 1 113 LEU 113 89  89  LEU LEU A . n 
A 1 114 PRO 114 90  90  PRO PRO A . n 
A 1 115 HIS 115 91  91  HIS HIS A . n 
A 1 116 GLU 116 92  92  GLU GLU A . n 
A 1 117 SER 117 93  93  SER SER A . n 
A 1 118 ASP 118 94  94  ASP ASP A . n 
A 1 119 ARG 119 95  95  ARG ARG A . n 
A 1 120 ARG 120 96  96  ARG ARG A . n 
A 1 121 ILE 121 97  97  ILE ILE A . n 
A 1 122 THR 122 98  98  THR THR A . n 
A 1 123 LEU 123 99  99  LEU LEU A . n 
A 1 124 VAL 124 100 100 VAL VAL A . n 
A 1 125 ARG 125 101 101 ARG ARG A . n 
A 1 126 ILE 126 102 102 ILE ILE A . n 
A 1 127 THR 127 103 103 THR THR A . n 
A 1 128 ARG 128 104 104 ARG ARG A . n 
A 1 129 LYS 129 105 105 LYS LYS A . n 
A 1 130 GLY 130 106 106 GLY GLY A . n 
A 1 131 LEU 131 107 107 LEU LEU A . n 
A 1 132 LYS 132 108 108 LYS LYS A . n 
A 1 133 ALA 133 109 109 ALA ALA A . n 
A 1 134 VAL 134 110 110 VAL VAL A . n 
A 1 135 GLU 135 111 111 GLU GLU A . n 
A 1 136 HIS 136 112 112 HIS HIS A . n 
A 1 137 LEU 137 113 113 LEU LEU A . n 
A 1 138 MET 138 114 114 MET MET A . n 
A 1 139 GLU 139 115 115 GLU GLU A . n 
A 1 140 LEU 140 116 116 LEU LEU A . n 
A 1 141 ALA 141 117 117 ALA ALA A . n 
A 1 142 ARG 142 118 118 ARG ARG A . n 
A 1 143 GLU 143 119 119 GLU GLU A . n 
A 1 144 HIS 144 120 120 HIS HIS A . n 
A 1 145 GLU 145 121 121 GLU GLU A . n 
A 1 146 ARG 146 122 122 ARG ARG A . n 
A 1 147 ARG 147 123 123 ARG ARG A . n 
A 1 148 VAL 148 124 124 VAL VAL A . n 
A 1 149 LEU 149 125 125 LEU LEU A . n 
A 1 150 GLU 150 126 126 GLU GLU A . n 
A 1 151 PRO 151 127 127 PRO PRO A . n 
A 1 152 PHE 152 128 128 PHE PHE A . n 
A 1 153 GLY 153 129 129 GLY GLY A . n 
A 1 154 LEU 154 130 130 LEU LEU A . n 
A 1 155 ARG 155 131 131 ARG ARG A . n 
A 1 156 ARG 156 132 132 ARG ARG A . n 
A 1 157 ALA 157 133 133 ALA ALA A . n 
A 1 158 GLU 158 134 134 GLU GLU A . n 
A 1 159 GLU 159 135 135 GLU GLU A . n 
A 1 160 LEU 160 136 136 LEU LEU A . n 
A 1 161 LYS 161 137 137 LYS LYS A . n 
A 1 162 GLN 162 138 138 GLN GLN A . n 
A 1 163 THR 163 139 139 THR THR A . n 
A 1 164 LEU 164 140 140 LEU LEU A . n 
A 1 165 ARG 165 141 141 ARG ARG A . n 
A 1 166 GLN 166 142 142 GLN GLN A . n 
A 1 167 MET 167 143 143 MET MET A . n 
A 1 168 ILE 168 144 144 ILE ILE A . n 
A 1 169 ASP 169 145 145 ASP ASP A . n 
A 1 170 LEU 170 146 146 LEU LEU A . n 
A 1 171 HIS 171 147 147 HIS HIS A . n 
A 1 172 VAL 172 148 148 VAL VAL A . n 
A 1 173 HIS 173 149 149 HIS HIS A . n 
A 1 174 VAL 174 150 ?   ?   ?   A . n 
A 1 175 PRO 175 151 ?   ?   ?   A . n 
A 1 176 VAL 176 152 ?   ?   ?   A . n 
A 1 177 GLU 177 153 ?   ?   ?   A . n 
A 1 178 GLU 178 154 ?   ?   ?   A . n 
A 1 179 PRO 179 155 ?   ?   ?   A . n 
A 1 180 GLU 180 156 ?   ?   ?   A . n 
A 1 181 GLU 181 157 ?   ?   ?   A . n 
A 1 182 ASP 182 158 ?   ?   ?   A . n 
# 
loop_
_pdbx_nonpoly_scheme.asym_id 
_pdbx_nonpoly_scheme.entity_id 
_pdbx_nonpoly_scheme.mon_id 
_pdbx_nonpoly_scheme.ndb_seq_num 
_pdbx_nonpoly_scheme.pdb_seq_num 
_pdbx_nonpoly_scheme.auth_seq_num 
_pdbx_nonpoly_scheme.pdb_mon_id 
_pdbx_nonpoly_scheme.auth_mon_id 
_pdbx_nonpoly_scheme.pdb_strand_id 
_pdbx_nonpoly_scheme.pdb_ins_code 
B 2 WOM 1   201 1   WOM PCR A . 
C 3 SO4 1   202 1   SO4 SO4 A . 
D 3 SO4 1   203 2   SO4 SO4 A . 
E 3 SO4 1   204 3   SO4 SO4 A . 
F 4 HOH 1   301 124 HOH HOH A . 
F 4 HOH 2   302 119 HOH HOH A . 
F 4 HOH 3   303 107 HOH HOH A . 
F 4 HOH 4   304 127 HOH HOH A . 
F 4 HOH 5   305 115 HOH HOH A . 
F 4 HOH 6   306 63  HOH HOH A . 
F 4 HOH 7   307 136 HOH HOH A . 
F 4 HOH 8   308 137 HOH HOH A . 
F 4 HOH 9   309 10  HOH HOH A . 
F 4 HOH 10  310 32  HOH HOH A . 
F 4 HOH 11  311 6   HOH HOH A . 
F 4 HOH 12  312 8   HOH HOH A . 
F 4 HOH 13  313 85  HOH HOH A . 
F 4 HOH 14  314 42  HOH HOH A . 
F 4 HOH 15  315 65  HOH HOH A . 
F 4 HOH 16  316 58  HOH HOH A . 
F 4 HOH 17  317 24  HOH HOH A . 
F 4 HOH 18  318 69  HOH HOH A . 
F 4 HOH 19  319 110 HOH HOH A . 
F 4 HOH 20  320 77  HOH HOH A . 
F 4 HOH 21  321 19  HOH HOH A . 
F 4 HOH 22  322 53  HOH HOH A . 
F 4 HOH 23  323 116 HOH HOH A . 
F 4 HOH 24  324 74  HOH HOH A . 
F 4 HOH 25  325 2   HOH HOH A . 
F 4 HOH 26  326 103 HOH HOH A . 
F 4 HOH 27  327 21  HOH HOH A . 
F 4 HOH 28  328 84  HOH HOH A . 
F 4 HOH 29  329 75  HOH HOH A . 
F 4 HOH 30  330 22  HOH HOH A . 
F 4 HOH 31  331 29  HOH HOH A . 
F 4 HOH 32  332 1   HOH HOH A . 
F 4 HOH 33  333 16  HOH HOH A . 
F 4 HOH 34  334 33  HOH HOH A . 
F 4 HOH 35  335 80  HOH HOH A . 
F 4 HOH 36  336 117 HOH HOH A . 
F 4 HOH 37  337 14  HOH HOH A . 
F 4 HOH 38  338 12  HOH HOH A . 
F 4 HOH 39  339 148 HOH HOH A . 
F 4 HOH 40  340 108 HOH HOH A . 
F 4 HOH 41  341 88  HOH HOH A . 
F 4 HOH 42  342 60  HOH HOH A . 
F 4 HOH 43  343 59  HOH HOH A . 
F 4 HOH 44  344 39  HOH HOH A . 
F 4 HOH 45  345 139 HOH HOH A . 
F 4 HOH 46  346 36  HOH HOH A . 
F 4 HOH 47  347 26  HOH HOH A . 
F 4 HOH 48  348 135 HOH HOH A . 
F 4 HOH 49  349 76  HOH HOH A . 
F 4 HOH 50  350 66  HOH HOH A . 
F 4 HOH 51  351 28  HOH HOH A . 
F 4 HOH 52  352 15  HOH HOH A . 
F 4 HOH 53  353 44  HOH HOH A . 
F 4 HOH 54  354 97  HOH HOH A . 
F 4 HOH 55  355 13  HOH HOH A . 
F 4 HOH 56  356 144 HOH HOH A . 
F 4 HOH 57  357 25  HOH HOH A . 
F 4 HOH 58  358 11  HOH HOH A . 
F 4 HOH 59  359 95  HOH HOH A . 
F 4 HOH 60  360 81  HOH HOH A . 
F 4 HOH 61  361 7   HOH HOH A . 
F 4 HOH 62  362 9   HOH HOH A . 
F 4 HOH 63  363 92  HOH HOH A . 
F 4 HOH 64  364 120 HOH HOH A . 
F 4 HOH 65  365 48  HOH HOH A . 
F 4 HOH 66  366 23  HOH HOH A . 
F 4 HOH 67  367 18  HOH HOH A . 
F 4 HOH 68  368 5   HOH HOH A . 
F 4 HOH 69  369 89  HOH HOH A . 
F 4 HOH 70  370 41  HOH HOH A . 
F 4 HOH 71  371 35  HOH HOH A . 
F 4 HOH 72  372 50  HOH HOH A . 
F 4 HOH 73  373 78  HOH HOH A . 
F 4 HOH 74  374 79  HOH HOH A . 
F 4 HOH 75  375 61  HOH HOH A . 
F 4 HOH 76  376 113 HOH HOH A . 
F 4 HOH 77  377 17  HOH HOH A . 
F 4 HOH 78  378 45  HOH HOH A . 
F 4 HOH 79  379 38  HOH HOH A . 
F 4 HOH 80  380 46  HOH HOH A . 
F 4 HOH 81  381 106 HOH HOH A . 
F 4 HOH 82  382 3   HOH HOH A . 
F 4 HOH 83  383 133 HOH HOH A . 
F 4 HOH 84  384 37  HOH HOH A . 
F 4 HOH 85  385 131 HOH HOH A . 
F 4 HOH 86  386 43  HOH HOH A . 
F 4 HOH 87  387 96  HOH HOH A . 
F 4 HOH 88  388 52  HOH HOH A . 
F 4 HOH 89  389 67  HOH HOH A . 
F 4 HOH 90  390 94  HOH HOH A . 
F 4 HOH 91  391 98  HOH HOH A . 
F 4 HOH 92  392 20  HOH HOH A . 
F 4 HOH 93  393 64  HOH HOH A . 
F 4 HOH 94  394 70  HOH HOH A . 
F 4 HOH 95  395 34  HOH HOH A . 
F 4 HOH 96  396 27  HOH HOH A . 
F 4 HOH 97  397 102 HOH HOH A . 
F 4 HOH 98  398 57  HOH HOH A . 
F 4 HOH 99  399 153 HOH HOH A . 
F 4 HOH 100 400 71  HOH HOH A . 
F 4 HOH 101 401 47  HOH HOH A . 
F 4 HOH 102 402 83  HOH HOH A . 
F 4 HOH 103 403 130 HOH HOH A . 
F 4 HOH 104 404 129 HOH HOH A . 
F 4 HOH 105 405 145 HOH HOH A . 
F 4 HOH 106 406 51  HOH HOH A . 
F 4 HOH 107 407 62  HOH HOH A . 
F 4 HOH 108 408 142 HOH HOH A . 
F 4 HOH 109 409 146 HOH HOH A . 
F 4 HOH 110 410 147 HOH HOH A . 
F 4 HOH 111 411 99  HOH HOH A . 
F 4 HOH 112 412 68  HOH HOH A . 
F 4 HOH 113 413 121 HOH HOH A . 
F 4 HOH 114 414 138 HOH HOH A . 
F 4 HOH 115 415 104 HOH HOH A . 
F 4 HOH 116 416 151 HOH HOH A . 
F 4 HOH 117 417 105 HOH HOH A . 
F 4 HOH 118 418 100 HOH HOH A . 
F 4 HOH 119 419 87  HOH HOH A . 
F 4 HOH 120 420 112 HOH HOH A . 
F 4 HOH 121 421 4   HOH HOH A . 
F 4 HOH 122 422 132 HOH HOH A . 
F 4 HOH 123 423 114 HOH HOH A . 
F 4 HOH 124 424 86  HOH HOH A . 
F 4 HOH 125 425 111 HOH HOH A . 
F 4 HOH 126 426 141 HOH HOH A . 
F 4 HOH 127 427 134 HOH HOH A . 
F 4 HOH 128 428 122 HOH HOH A . 
F 4 HOH 129 429 101 HOH HOH A . 
F 4 HOH 130 430 123 HOH HOH A . 
F 4 HOH 131 431 31  HOH HOH A . 
F 4 HOH 132 432 128 HOH HOH A . 
F 4 HOH 133 433 90  HOH HOH A . 
F 4 HOH 134 434 125 HOH HOH A . 
F 4 HOH 135 435 149 HOH HOH A . 
F 4 HOH 136 436 82  HOH HOH A . 
F 4 HOH 137 437 40  HOH HOH A . 
F 4 HOH 138 438 126 HOH HOH A . 
F 4 HOH 139 439 72  HOH HOH A . 
F 4 HOH 140 440 109 HOH HOH A . 
F 4 HOH 141 441 30  HOH HOH A . 
F 4 HOH 142 442 150 HOH HOH A . 
F 4 HOH 143 443 73  HOH HOH A . 
F 4 HOH 144 444 55  HOH HOH A . 
F 4 HOH 145 445 152 HOH HOH A . 
F 4 HOH 146 446 91  HOH HOH A . 
F 4 HOH 147 447 118 HOH HOH A . 
F 4 HOH 148 448 140 HOH HOH A . 
F 4 HOH 149 449 49  HOH HOH A . 
F 4 HOH 150 450 93  HOH HOH A . 
# 
_pdbx_struct_assembly.id                   1 
_pdbx_struct_assembly.details              author_defined_assembly 
_pdbx_struct_assembly.method_details       ? 
_pdbx_struct_assembly.oligomeric_details   dimeric 
_pdbx_struct_assembly.oligomeric_count     2 
# 
loop_
_pdbx_struct_assembly_gen.assembly_id 
_pdbx_struct_assembly_gen.oper_expression 
_pdbx_struct_assembly_gen.asym_id_list 
1 1 A,B,C,D,E,F 
1 2 A,B,C,D,E,F 
# 
loop_
_pdbx_struct_oper_list.id 
_pdbx_struct_oper_list.type 
_pdbx_struct_oper_list.name 
_pdbx_struct_oper_list.symmetry_operation 
_pdbx_struct_oper_list.matrix[1][1] 
_pdbx_struct_oper_list.matrix[1][2] 
_pdbx_struct_oper_list.matrix[1][3] 
_pdbx_struct_oper_list.vector[1] 
_pdbx_struct_oper_list.matrix[2][1] 
_pdbx_struct_oper_list.matrix[2][2] 
_pdbx_struct_oper_list.matrix[2][3] 
_pdbx_struct_oper_list.vector[2] 
_pdbx_struct_oper_list.matrix[3][1] 
_pdbx_struct_oper_list.matrix[3][2] 
_pdbx_struct_oper_list.matrix[3][3] 
_pdbx_struct_oper_list.vector[3] 
1 'identity operation'         1_555 x,y,z     1.0000000000 0.0000000000  0.0000000000  0.0000000000 0.0000000000  1.0000000000  0.0000000000 0.0000000000 0.0000000000  0.0000000000 1.0000000000  0.0000000000  
2 'crystal symmetry operation' 2_565 -x,-y+1,z 0.1828813556 -0.9800832001 -0.0774036869 5.2548929945 -0.9800832001 -0.1879463866 0.0641332732 4.6312995170 -0.0774036869 0.0641332732 -0.9949349690 21.6637755171 
# 
loop_
_pdbx_struct_special_symmetry.id 
_pdbx_struct_special_symmetry.PDB_model_num 
_pdbx_struct_special_symmetry.auth_asym_id 
_pdbx_struct_special_symmetry.auth_comp_id 
_pdbx_struct_special_symmetry.auth_seq_id 
_pdbx_struct_special_symmetry.PDB_ins_code 
_pdbx_struct_special_symmetry.label_asym_id 
_pdbx_struct_special_symmetry.label_comp_id 
_pdbx_struct_special_symmetry.label_seq_id 
1 1 A HOH 319 ? F HOH . 
2 1 A HOH 345 ? F HOH . 
3 1 A HOH 388 ? F HOH . 
4 1 A HOH 421 ? F HOH . 
5 1 A HOH 430 ? F HOH . 
6 1 A HOH 449 ? F HOH . 
# 
loop_
_pdbx_audit_revision_history.ordinal 
_pdbx_audit_revision_history.data_content_type 
_pdbx_audit_revision_history.major_revision 
_pdbx_audit_revision_history.minor_revision 
_pdbx_audit_revision_history.revision_date 
1 'Structure model' 1 0 2021-12-01 
2 'Structure model' 1 1 2022-11-23 
3 'Structure model' 1 2 2023-10-25 
# 
_pdbx_audit_revision_details.ordinal             1 
_pdbx_audit_revision_details.revision_ordinal    1 
_pdbx_audit_revision_details.data_content_type   'Structure model' 
_pdbx_audit_revision_details.provider            repository 
_pdbx_audit_revision_details.type                'Initial release' 
_pdbx_audit_revision_details.description         ? 
_pdbx_audit_revision_details.details             ? 
# 
loop_
_pdbx_audit_revision_group.ordinal 
_pdbx_audit_revision_group.revision_ordinal 
_pdbx_audit_revision_group.data_content_type 
_pdbx_audit_revision_group.group 
1 2 'Structure model' 'Database references'    
2 3 'Structure model' 'Data collection'        
3 3 'Structure model' 'Refinement description' 
# 
loop_
_pdbx_audit_revision_category.ordinal 
_pdbx_audit_revision_category.revision_ordinal 
_pdbx_audit_revision_category.data_content_type 
_pdbx_audit_revision_category.category 
1 2 'Structure model' citation                      
2 2 'Structure model' citation_author               
3 3 'Structure model' chem_comp_atom                
4 3 'Structure model' chem_comp_bond                
5 3 'Structure model' pdbx_initial_refinement_model 
# 
loop_
_pdbx_audit_revision_item.ordinal 
_pdbx_audit_revision_item.revision_ordinal 
_pdbx_audit_revision_item.data_content_type 
_pdbx_audit_revision_item.item 
1  2 'Structure model' '_citation.country'                 
2  2 'Structure model' '_citation.journal_abbrev'          
3  2 'Structure model' '_citation.journal_id_CSD'          
4  2 'Structure model' '_citation.journal_id_ISSN'         
5  2 'Structure model' '_citation.journal_volume'          
6  2 'Structure model' '_citation.page_first'              
7  2 'Structure model' '_citation.page_last'               
8  2 'Structure model' '_citation.pdbx_database_id_DOI'    
9  2 'Structure model' '_citation.pdbx_database_id_PubMed' 
10 2 'Structure model' '_citation.title'                   
11 2 'Structure model' '_citation.year'                    
# 
loop_
_space_group_symop.id 
_space_group_symop.operation_xyz 
1  x,y,z           
2  x,-y,-z         
3  -x,y,-z         
4  -x,-y,z         
5  x,y+1/2,z+1/2   
6  x,-y+1/2,-z+1/2 
7  -x,y+1/2,-z+1/2 
8  -x,-y+1/2,z+1/2 
9  x+1/2,y,z+1/2   
10 x+1/2,-y,-z+1/2 
11 -x+1/2,y,-z+1/2 
12 -x+1/2,-y,z+1/2 
13 x+1/2,y+1/2,z   
14 x+1/2,-y+1/2,-z 
15 -x+1/2,y+1/2,-z 
16 -x+1/2,-y+1/2,z 
# 
loop_
_software.citation_id 
_software.classification 
_software.compiler_name 
_software.compiler_version 
_software.contact_author 
_software.contact_author_email 
_software.date 
_software.description 
_software.dependencies 
_software.hardware 
_software.language 
_software.location 
_software.mods 
_software.name 
_software.os 
_software.os_version 
_software.type 
_software.version 
_software.pdbx_ordinal 
? refinement       ? ? ? ? ? ? ? ? ? ? ? PHENIX  ? ? ? 1.17.1_3660 1 
? 'data reduction' ? ? ? ? ? ? ? ? ? ? ? XDS     ? ? ? .           2 
? 'data scaling'   ? ? ? ? ? ? ? ? ? ? ? Aimless ? ? ? .           3 
? phasing          ? ? ? ? ? ? ? ? ? ? ? PHENIX  ? ? ? .           4 
# 
_pdbx_entry_details.entry_id                 7KJQ 
_pdbx_entry_details.has_ligand_of_interest   N 
_pdbx_entry_details.compound_details         ? 
_pdbx_entry_details.source_details           ? 
_pdbx_entry_details.nonpolymer_details       ? 
_pdbx_entry_details.sequence_details         ? 
# 
loop_
_pdbx_validate_close_contact.id 
_pdbx_validate_close_contact.PDB_model_num 
_pdbx_validate_close_contact.auth_atom_id_1 
_pdbx_validate_close_contact.auth_asym_id_1 
_pdbx_validate_close_contact.auth_comp_id_1 
_pdbx_validate_close_contact.auth_seq_id_1 
_pdbx_validate_close_contact.PDB_ins_code_1 
_pdbx_validate_close_contact.label_alt_id_1 
_pdbx_validate_close_contact.auth_atom_id_2 
_pdbx_validate_close_contact.auth_asym_id_2 
_pdbx_validate_close_contact.auth_comp_id_2 
_pdbx_validate_close_contact.auth_seq_id_2 
_pdbx_validate_close_contact.PDB_ins_code_2 
_pdbx_validate_close_contact.label_alt_id_2 
_pdbx_validate_close_contact.dist 
1 1 O   A HOH 392 ? ? O A HOH 413 ? ? 1.88 
2 1 O   A HOH 342 ? ? O A HOH 410 ? ? 1.93 
3 1 O   A HOH 435 ? ? O A HOH 448 ? ? 2.00 
4 1 O   A HOH 339 ? ? O A HOH 348 ? ? 2.08 
5 1 NH1 A ARG 104 ? ? O A HOH 301 ? ? 2.13 
6 1 OE2 A GLU 111 ? A O A HOH 302 ? ? 2.18 
7 1 O   A HOH 443 ? ? O A HOH 446 ? ? 2.19 
# 
_pdbx_validate_symm_contact.id                1 
_pdbx_validate_symm_contact.PDB_model_num     1 
_pdbx_validate_symm_contact.auth_atom_id_1    O 
_pdbx_validate_symm_contact.auth_asym_id_1    A 
_pdbx_validate_symm_contact.auth_comp_id_1    HOH 
_pdbx_validate_symm_contact.auth_seq_id_1     390 
_pdbx_validate_symm_contact.PDB_ins_code_1    ? 
_pdbx_validate_symm_contact.label_alt_id_1    ? 
_pdbx_validate_symm_contact.site_symmetry_1   1_555 
_pdbx_validate_symm_contact.auth_atom_id_2    O 
_pdbx_validate_symm_contact.auth_asym_id_2    A 
_pdbx_validate_symm_contact.auth_comp_id_2    HOH 
_pdbx_validate_symm_contact.auth_seq_id_2     390 
_pdbx_validate_symm_contact.PDB_ins_code_2    ? 
_pdbx_validate_symm_contact.label_alt_id_2    ? 
_pdbx_validate_symm_contact.site_symmetry_2   11_555 
_pdbx_validate_symm_contact.dist              2.13 
# 
_pdbx_validate_torsion.id              1 
_pdbx_validate_torsion.PDB_model_num   1 
_pdbx_validate_torsion.auth_comp_id    SER 
_pdbx_validate_torsion.auth_asym_id    A 
_pdbx_validate_torsion.auth_seq_id     93 
_pdbx_validate_torsion.PDB_ins_code    ? 
_pdbx_validate_torsion.label_alt_id    ? 
_pdbx_validate_torsion.phi             -140.46 
_pdbx_validate_torsion.psi             -53.70 
# 
loop_
_pdbx_unobs_or_zero_occ_residues.id 
_pdbx_unobs_or_zero_occ_residues.PDB_model_num 
_pdbx_unobs_or_zero_occ_residues.polymer_flag 
_pdbx_unobs_or_zero_occ_residues.occupancy_flag 
_pdbx_unobs_or_zero_occ_residues.auth_asym_id 
_pdbx_unobs_or_zero_occ_residues.auth_comp_id 
_pdbx_unobs_or_zero_occ_residues.auth_seq_id 
_pdbx_unobs_or_zero_occ_residues.PDB_ins_code 
_pdbx_unobs_or_zero_occ_residues.label_asym_id 
_pdbx_unobs_or_zero_occ_residues.label_comp_id 
_pdbx_unobs_or_zero_occ_residues.label_seq_id 
1  1 Y 1 A MET -23 ? A MET 1   
2  1 Y 1 A HIS -22 ? A HIS 2   
3  1 Y 1 A HIS -21 ? A HIS 3   
4  1 Y 1 A HIS -20 ? A HIS 4   
5  1 Y 1 A HIS -19 ? A HIS 5   
6  1 Y 1 A HIS -18 ? A HIS 6   
7  1 Y 1 A HIS -17 ? A HIS 7   
8  1 Y 1 A SER -16 ? A SER 8   
9  1 Y 1 A SER -15 ? A SER 9   
10 1 Y 1 A GLY -14 ? A GLY 10  
11 1 Y 1 A VAL -13 ? A VAL 11  
12 1 Y 1 A ASP -12 ? A ASP 12  
13 1 Y 1 A LEU -11 ? A LEU 13  
14 1 Y 1 A GLY -10 ? A GLY 14  
15 1 Y 1 A THR -9  ? A THR 15  
16 1 Y 1 A GLU -8  ? A GLU 16  
17 1 Y 1 A ASN -7  ? A ASN 17  
18 1 Y 1 A LEU -6  ? A LEU 18  
19 1 Y 1 A TYR -5  ? A TYR 19  
20 1 Y 1 A PHE -4  ? A PHE 20  
21 1 Y 1 A GLN -3  ? A GLN 21  
22 1 Y 1 A SER -2  ? A SER 22  
23 1 Y 1 A ASN -1  ? A ASN 23  
24 1 Y 1 A ALA 0   ? A ALA 24  
25 1 Y 1 A MET 1   ? A MET 25  
26 1 Y 1 A ALA 2   ? A ALA 26  
27 1 Y 1 A GLU 3   ? A GLU 27  
28 1 Y 1 A GLN 4   ? A GLN 28  
29 1 Y 1 A PRO 5   ? A PRO 29  
30 1 Y 1 A PRO 6   ? A PRO 30  
31 1 Y 1 A GLU 7   ? A GLU 31  
32 1 Y 1 A THR 8   ? A THR 32  
33 1 Y 1 A HIS 9   ? A HIS 33  
34 1 Y 1 A VAL 150 ? A VAL 174 
35 1 Y 1 A PRO 151 ? A PRO 175 
36 1 Y 1 A VAL 152 ? A VAL 176 
37 1 Y 1 A GLU 153 ? A GLU 177 
38 1 Y 1 A GLU 154 ? A GLU 178 
39 1 Y 1 A PRO 155 ? A PRO 179 
40 1 Y 1 A GLU 156 ? A GLU 180 
41 1 Y 1 A GLU 157 ? A GLU 181 
42 1 Y 1 A ASP 158 ? A ASP 182 
# 
loop_
_chem_comp_atom.comp_id 
_chem_comp_atom.atom_id 
_chem_comp_atom.type_symbol 
_chem_comp_atom.pdbx_aromatic_flag 
_chem_comp_atom.pdbx_stereo_config 
_chem_comp_atom.pdbx_ordinal 
ALA N    N  N N 1   
ALA CA   C  N S 2   
ALA C    C  N N 3   
ALA O    O  N N 4   
ALA CB   C  N N 5   
ALA OXT  O  N N 6   
ALA H    H  N N 7   
ALA H2   H  N N 8   
ALA HA   H  N N 9   
ALA HB1  H  N N 10  
ALA HB2  H  N N 11  
ALA HB3  H  N N 12  
ALA HXT  H  N N 13  
ARG N    N  N N 14  
ARG CA   C  N S 15  
ARG C    C  N N 16  
ARG O    O  N N 17  
ARG CB   C  N N 18  
ARG CG   C  N N 19  
ARG CD   C  N N 20  
ARG NE   N  N N 21  
ARG CZ   C  N N 22  
ARG NH1  N  N N 23  
ARG NH2  N  N N 24  
ARG OXT  O  N N 25  
ARG H    H  N N 26  
ARG H2   H  N N 27  
ARG HA   H  N N 28  
ARG HB2  H  N N 29  
ARG HB3  H  N N 30  
ARG HG2  H  N N 31  
ARG HG3  H  N N 32  
ARG HD2  H  N N 33  
ARG HD3  H  N N 34  
ARG HE   H  N N 35  
ARG HH11 H  N N 36  
ARG HH12 H  N N 37  
ARG HH21 H  N N 38  
ARG HH22 H  N N 39  
ARG HXT  H  N N 40  
ASN N    N  N N 41  
ASN CA   C  N S 42  
ASN C    C  N N 43  
ASN O    O  N N 44  
ASN CB   C  N N 45  
ASN CG   C  N N 46  
ASN OD1  O  N N 47  
ASN ND2  N  N N 48  
ASN OXT  O  N N 49  
ASN H    H  N N 50  
ASN H2   H  N N 51  
ASN HA   H  N N 52  
ASN HB2  H  N N 53  
ASN HB3  H  N N 54  
ASN HD21 H  N N 55  
ASN HD22 H  N N 56  
ASN HXT  H  N N 57  
ASP N    N  N N 58  
ASP CA   C  N S 59  
ASP C    C  N N 60  
ASP O    O  N N 61  
ASP CB   C  N N 62  
ASP CG   C  N N 63  
ASP OD1  O  N N 64  
ASP OD2  O  N N 65  
ASP OXT  O  N N 66  
ASP H    H  N N 67  
ASP H2   H  N N 68  
ASP HA   H  N N 69  
ASP HB2  H  N N 70  
ASP HB3  H  N N 71  
ASP HD2  H  N N 72  
ASP HXT  H  N N 73  
GLN N    N  N N 74  
GLN CA   C  N S 75  
GLN C    C  N N 76  
GLN O    O  N N 77  
GLN CB   C  N N 78  
GLN CG   C  N N 79  
GLN CD   C  N N 80  
GLN OE1  O  N N 81  
GLN NE2  N  N N 82  
GLN OXT  O  N N 83  
GLN H    H  N N 84  
GLN H2   H  N N 85  
GLN HA   H  N N 86  
GLN HB2  H  N N 87  
GLN HB3  H  N N 88  
GLN HG2  H  N N 89  
GLN HG3  H  N N 90  
GLN HE21 H  N N 91  
GLN HE22 H  N N 92  
GLN HXT  H  N N 93  
GLU N    N  N N 94  
GLU CA   C  N S 95  
GLU C    C  N N 96  
GLU O    O  N N 97  
GLU CB   C  N N 98  
GLU CG   C  N N 99  
GLU CD   C  N N 100 
GLU OE1  O  N N 101 
GLU OE2  O  N N 102 
GLU OXT  O  N N 103 
GLU H    H  N N 104 
GLU H2   H  N N 105 
GLU HA   H  N N 106 
GLU HB2  H  N N 107 
GLU HB3  H  N N 108 
GLU HG2  H  N N 109 
GLU HG3  H  N N 110 
GLU HE2  H  N N 111 
GLU HXT  H  N N 112 
GLY N    N  N N 113 
GLY CA   C  N N 114 
GLY C    C  N N 115 
GLY O    O  N N 116 
GLY OXT  O  N N 117 
GLY H    H  N N 118 
GLY H2   H  N N 119 
GLY HA2  H  N N 120 
GLY HA3  H  N N 121 
GLY HXT  H  N N 122 
HIS N    N  N N 123 
HIS CA   C  N S 124 
HIS C    C  N N 125 
HIS O    O  N N 126 
HIS CB   C  N N 127 
HIS CG   C  Y N 128 
HIS ND1  N  Y N 129 
HIS CD2  C  Y N 130 
HIS CE1  C  Y N 131 
HIS NE2  N  Y N 132 
HIS OXT  O  N N 133 
HIS H    H  N N 134 
HIS H2   H  N N 135 
HIS HA   H  N N 136 
HIS HB2  H  N N 137 
HIS HB3  H  N N 138 
HIS HD1  H  N N 139 
HIS HD2  H  N N 140 
HIS HE1  H  N N 141 
HIS HE2  H  N N 142 
HIS HXT  H  N N 143 
HOH O    O  N N 144 
HOH H1   H  N N 145 
HOH H2   H  N N 146 
ILE N    N  N N 147 
ILE CA   C  N S 148 
ILE C    C  N N 149 
ILE O    O  N N 150 
ILE CB   C  N S 151 
ILE CG1  C  N N 152 
ILE CG2  C  N N 153 
ILE CD1  C  N N 154 
ILE OXT  O  N N 155 
ILE H    H  N N 156 
ILE H2   H  N N 157 
ILE HA   H  N N 158 
ILE HB   H  N N 159 
ILE HG12 H  N N 160 
ILE HG13 H  N N 161 
ILE HG21 H  N N 162 
ILE HG22 H  N N 163 
ILE HG23 H  N N 164 
ILE HD11 H  N N 165 
ILE HD12 H  N N 166 
ILE HD13 H  N N 167 
ILE HXT  H  N N 168 
LEU N    N  N N 169 
LEU CA   C  N S 170 
LEU C    C  N N 171 
LEU O    O  N N 172 
LEU CB   C  N N 173 
LEU CG   C  N N 174 
LEU CD1  C  N N 175 
LEU CD2  C  N N 176 
LEU OXT  O  N N 177 
LEU H    H  N N 178 
LEU H2   H  N N 179 
LEU HA   H  N N 180 
LEU HB2  H  N N 181 
LEU HB3  H  N N 182 
LEU HG   H  N N 183 
LEU HD11 H  N N 184 
LEU HD12 H  N N 185 
LEU HD13 H  N N 186 
LEU HD21 H  N N 187 
LEU HD22 H  N N 188 
LEU HD23 H  N N 189 
LEU HXT  H  N N 190 
LYS N    N  N N 191 
LYS CA   C  N S 192 
LYS C    C  N N 193 
LYS O    O  N N 194 
LYS CB   C  N N 195 
LYS CG   C  N N 196 
LYS CD   C  N N 197 
LYS CE   C  N N 198 
LYS NZ   N  N N 199 
LYS OXT  O  N N 200 
LYS H    H  N N 201 
LYS H2   H  N N 202 
LYS HA   H  N N 203 
LYS HB2  H  N N 204 
LYS HB3  H  N N 205 
LYS HG2  H  N N 206 
LYS HG3  H  N N 207 
LYS HD2  H  N N 208 
LYS HD3  H  N N 209 
LYS HE2  H  N N 210 
LYS HE3  H  N N 211 
LYS HZ1  H  N N 212 
LYS HZ2  H  N N 213 
LYS HZ3  H  N N 214 
LYS HXT  H  N N 215 
MET N    N  N N 216 
MET CA   C  N S 217 
MET C    C  N N 218 
MET O    O  N N 219 
MET CB   C  N N 220 
MET CG   C  N N 221 
MET SD   S  N N 222 
MET CE   C  N N 223 
MET OXT  O  N N 224 
MET H    H  N N 225 
MET H2   H  N N 226 
MET HA   H  N N 227 
MET HB2  H  N N 228 
MET HB3  H  N N 229 
MET HG2  H  N N 230 
MET HG3  H  N N 231 
MET HE1  H  N N 232 
MET HE2  H  N N 233 
MET HE3  H  N N 234 
MET HXT  H  N N 235 
PHE N    N  N N 236 
PHE CA   C  N S 237 
PHE C    C  N N 238 
PHE O    O  N N 239 
PHE CB   C  N N 240 
PHE CG   C  Y N 241 
PHE CD1  C  Y N 242 
PHE CD2  C  Y N 243 
PHE CE1  C  Y N 244 
PHE CE2  C  Y N 245 
PHE CZ   C  Y N 246 
PHE OXT  O  N N 247 
PHE H    H  N N 248 
PHE H2   H  N N 249 
PHE HA   H  N N 250 
PHE HB2  H  N N 251 
PHE HB3  H  N N 252 
PHE HD1  H  N N 253 
PHE HD2  H  N N 254 
PHE HE1  H  N N 255 
PHE HE2  H  N N 256 
PHE HZ   H  N N 257 
PHE HXT  H  N N 258 
PRO N    N  N N 259 
PRO CA   C  N S 260 
PRO C    C  N N 261 
PRO O    O  N N 262 
PRO CB   C  N N 263 
PRO CG   C  N N 264 
PRO CD   C  N N 265 
PRO OXT  O  N N 266 
PRO H    H  N N 267 
PRO HA   H  N N 268 
PRO HB2  H  N N 269 
PRO HB3  H  N N 270 
PRO HG2  H  N N 271 
PRO HG3  H  N N 272 
PRO HD2  H  N N 273 
PRO HD3  H  N N 274 
PRO HXT  H  N N 275 
SER N    N  N N 276 
SER CA   C  N S 277 
SER C    C  N N 278 
SER O    O  N N 279 
SER CB   C  N N 280 
SER OG   O  N N 281 
SER OXT  O  N N 282 
SER H    H  N N 283 
SER H2   H  N N 284 
SER HA   H  N N 285 
SER HB2  H  N N 286 
SER HB3  H  N N 287 
SER HG   H  N N 288 
SER HXT  H  N N 289 
SO4 S    S  N N 290 
SO4 O1   O  N N 291 
SO4 O2   O  N N 292 
SO4 O3   O  N N 293 
SO4 O4   O  N N 294 
THR N    N  N N 295 
THR CA   C  N S 296 
THR C    C  N N 297 
THR O    O  N N 298 
THR CB   C  N R 299 
THR OG1  O  N N 300 
THR CG2  C  N N 301 
THR OXT  O  N N 302 
THR H    H  N N 303 
THR H2   H  N N 304 
THR HA   H  N N 305 
THR HB   H  N N 306 
THR HG1  H  N N 307 
THR HG21 H  N N 308 
THR HG22 H  N N 309 
THR HG23 H  N N 310 
THR HXT  H  N N 311 
TRP N    N  N N 312 
TRP CA   C  N S 313 
TRP C    C  N N 314 
TRP O    O  N N 315 
TRP CB   C  N N 316 
TRP CG   C  Y N 317 
TRP CD1  C  Y N 318 
TRP CD2  C  Y N 319 
TRP NE1  N  Y N 320 
TRP CE2  C  Y N 321 
TRP CE3  C  Y N 322 
TRP CZ2  C  Y N 323 
TRP CZ3  C  Y N 324 
TRP CH2  C  Y N 325 
TRP OXT  O  N N 326 
TRP H    H  N N 327 
TRP H2   H  N N 328 
TRP HA   H  N N 329 
TRP HB2  H  N N 330 
TRP HB3  H  N N 331 
TRP HD1  H  N N 332 
TRP HE1  H  N N 333 
TRP HE3  H  N N 334 
TRP HZ2  H  N N 335 
TRP HZ3  H  N N 336 
TRP HH2  H  N N 337 
TRP HXT  H  N N 338 
TYR N    N  N N 339 
TYR CA   C  N S 340 
TYR C    C  N N 341 
TYR O    O  N N 342 
TYR CB   C  N N 343 
TYR CG   C  Y N 344 
TYR CD1  C  Y N 345 
TYR CD2  C  Y N 346 
TYR CE1  C  Y N 347 
TYR CE2  C  Y N 348 
TYR CZ   C  Y N 349 
TYR OH   O  N N 350 
TYR OXT  O  N N 351 
TYR H    H  N N 352 
TYR H2   H  N N 353 
TYR HA   H  N N 354 
TYR HB2  H  N N 355 
TYR HB3  H  N N 356 
TYR HD1  H  N N 357 
TYR HD2  H  N N 358 
TYR HE1  H  N N 359 
TYR HE2  H  N N 360 
TYR HH   H  N N 361 
TYR HXT  H  N N 362 
VAL N    N  N N 363 
VAL CA   C  N S 364 
VAL C    C  N N 365 
VAL O    O  N N 366 
VAL CB   C  N N 367 
VAL CG1  C  N N 368 
VAL CG2  C  N N 369 
VAL OXT  O  N N 370 
VAL H    H  N N 371 
VAL H2   H  N N 372 
VAL HA   H  N N 373 
VAL HB   H  N N 374 
VAL HG11 H  N N 375 
VAL HG12 H  N N 376 
VAL HG13 H  N N 377 
VAL HG21 H  N N 378 
VAL HG22 H  N N 379 
VAL HG23 H  N N 380 
VAL HXT  H  N N 381 
WOM C01  C  Y N 382 
WOM C02  C  Y N 383 
WOM C03  C  Y N 384 
WOM C05  C  Y N 385 
WOM C06  C  Y N 386 
WOM C09  C  N N 387 
WOM N04  N  Y N 388 
WOM N13  N  N N 389 
WOM O10  O  N N 390 
WOM O11  O  N N 391 
WOM CL07 CL N N 392 
WOM CL08 CL N N 393 
WOM CL12 CL N N 394 
WOM H131 H  N N 395 
WOM H132 H  N N 396 
WOM H1   H  N N 397 
# 
loop_
_chem_comp_bond.comp_id 
_chem_comp_bond.atom_id_1 
_chem_comp_bond.atom_id_2 
_chem_comp_bond.value_order 
_chem_comp_bond.pdbx_aromatic_flag 
_chem_comp_bond.pdbx_stereo_config 
_chem_comp_bond.pdbx_ordinal 
ALA N    CA   sing N N 1   
ALA N    H    sing N N 2   
ALA N    H2   sing N N 3   
ALA CA   C    sing N N 4   
ALA CA   CB   sing N N 5   
ALA CA   HA   sing N N 6   
ALA C    O    doub N N 7   
ALA C    OXT  sing N N 8   
ALA CB   HB1  sing N N 9   
ALA CB   HB2  sing N N 10  
ALA CB   HB3  sing N N 11  
ALA OXT  HXT  sing N N 12  
ARG N    CA   sing N N 13  
ARG N    H    sing N N 14  
ARG N    H2   sing N N 15  
ARG CA   C    sing N N 16  
ARG CA   CB   sing N N 17  
ARG CA   HA   sing N N 18  
ARG C    O    doub N N 19  
ARG C    OXT  sing N N 20  
ARG CB   CG   sing N N 21  
ARG CB   HB2  sing N N 22  
ARG CB   HB3  sing N N 23  
ARG CG   CD   sing N N 24  
ARG CG   HG2  sing N N 25  
ARG CG   HG3  sing N N 26  
ARG CD   NE   sing N N 27  
ARG CD   HD2  sing N N 28  
ARG CD   HD3  sing N N 29  
ARG NE   CZ   sing N N 30  
ARG NE   HE   sing N N 31  
ARG CZ   NH1  sing N N 32  
ARG CZ   NH2  doub N N 33  
ARG NH1  HH11 sing N N 34  
ARG NH1  HH12 sing N N 35  
ARG NH2  HH21 sing N N 36  
ARG NH2  HH22 sing N N 37  
ARG OXT  HXT  sing N N 38  
ASN N    CA   sing N N 39  
ASN N    H    sing N N 40  
ASN N    H2   sing N N 41  
ASN CA   C    sing N N 42  
ASN CA   CB   sing N N 43  
ASN CA   HA   sing N N 44  
ASN C    O    doub N N 45  
ASN C    OXT  sing N N 46  
ASN CB   CG   sing N N 47  
ASN CB   HB2  sing N N 48  
ASN CB   HB3  sing N N 49  
ASN CG   OD1  doub N N 50  
ASN CG   ND2  sing N N 51  
ASN ND2  HD21 sing N N 52  
ASN ND2  HD22 sing N N 53  
ASN OXT  HXT  sing N N 54  
ASP N    CA   sing N N 55  
ASP N    H    sing N N 56  
ASP N    H2   sing N N 57  
ASP CA   C    sing N N 58  
ASP CA   CB   sing N N 59  
ASP CA   HA   sing N N 60  
ASP C    O    doub N N 61  
ASP C    OXT  sing N N 62  
ASP CB   CG   sing N N 63  
ASP CB   HB2  sing N N 64  
ASP CB   HB3  sing N N 65  
ASP CG   OD1  doub N N 66  
ASP CG   OD2  sing N N 67  
ASP OD2  HD2  sing N N 68  
ASP OXT  HXT  sing N N 69  
GLN N    CA   sing N N 70  
GLN N    H    sing N N 71  
GLN N    H2   sing N N 72  
GLN CA   C    sing N N 73  
GLN CA   CB   sing N N 74  
GLN CA   HA   sing N N 75  
GLN C    O    doub N N 76  
GLN C    OXT  sing N N 77  
GLN CB   CG   sing N N 78  
GLN CB   HB2  sing N N 79  
GLN CB   HB3  sing N N 80  
GLN CG   CD   sing N N 81  
GLN CG   HG2  sing N N 82  
GLN CG   HG3  sing N N 83  
GLN CD   OE1  doub N N 84  
GLN CD   NE2  sing N N 85  
GLN NE2  HE21 sing N N 86  
GLN NE2  HE22 sing N N 87  
GLN OXT  HXT  sing N N 88  
GLU N    CA   sing N N 89  
GLU N    H    sing N N 90  
GLU N    H2   sing N N 91  
GLU CA   C    sing N N 92  
GLU CA   CB   sing N N 93  
GLU CA   HA   sing N N 94  
GLU C    O    doub N N 95  
GLU C    OXT  sing N N 96  
GLU CB   CG   sing N N 97  
GLU CB   HB2  sing N N 98  
GLU CB   HB3  sing N N 99  
GLU CG   CD   sing N N 100 
GLU CG   HG2  sing N N 101 
GLU CG   HG3  sing N N 102 
GLU CD   OE1  doub N N 103 
GLU CD   OE2  sing N N 104 
GLU OE2  HE2  sing N N 105 
GLU OXT  HXT  sing N N 106 
GLY N    CA   sing N N 107 
GLY N    H    sing N N 108 
GLY N    H2   sing N N 109 
GLY CA   C    sing N N 110 
GLY CA   HA2  sing N N 111 
GLY CA   HA3  sing N N 112 
GLY C    O    doub N N 113 
GLY C    OXT  sing N N 114 
GLY OXT  HXT  sing N N 115 
HIS N    CA   sing N N 116 
HIS N    H    sing N N 117 
HIS N    H2   sing N N 118 
HIS CA   C    sing N N 119 
HIS CA   CB   sing N N 120 
HIS CA   HA   sing N N 121 
HIS C    O    doub N N 122 
HIS C    OXT  sing N N 123 
HIS CB   CG   sing N N 124 
HIS CB   HB2  sing N N 125 
HIS CB   HB3  sing N N 126 
HIS CG   ND1  sing Y N 127 
HIS CG   CD2  doub Y N 128 
HIS ND1  CE1  doub Y N 129 
HIS ND1  HD1  sing N N 130 
HIS CD2  NE2  sing Y N 131 
HIS CD2  HD2  sing N N 132 
HIS CE1  NE2  sing Y N 133 
HIS CE1  HE1  sing N N 134 
HIS NE2  HE2  sing N N 135 
HIS OXT  HXT  sing N N 136 
HOH O    H1   sing N N 137 
HOH O    H2   sing N N 138 
ILE N    CA   sing N N 139 
ILE N    H    sing N N 140 
ILE N    H2   sing N N 141 
ILE CA   C    sing N N 142 
ILE CA   CB   sing N N 143 
ILE CA   HA   sing N N 144 
ILE C    O    doub N N 145 
ILE C    OXT  sing N N 146 
ILE CB   CG1  sing N N 147 
ILE CB   CG2  sing N N 148 
ILE CB   HB   sing N N 149 
ILE CG1  CD1  sing N N 150 
ILE CG1  HG12 sing N N 151 
ILE CG1  HG13 sing N N 152 
ILE CG2  HG21 sing N N 153 
ILE CG2  HG22 sing N N 154 
ILE CG2  HG23 sing N N 155 
ILE CD1  HD11 sing N N 156 
ILE CD1  HD12 sing N N 157 
ILE CD1  HD13 sing N N 158 
ILE OXT  HXT  sing N N 159 
LEU N    CA   sing N N 160 
LEU N    H    sing N N 161 
LEU N    H2   sing N N 162 
LEU CA   C    sing N N 163 
LEU CA   CB   sing N N 164 
LEU CA   HA   sing N N 165 
LEU C    O    doub N N 166 
LEU C    OXT  sing N N 167 
LEU CB   CG   sing N N 168 
LEU CB   HB2  sing N N 169 
LEU CB   HB3  sing N N 170 
LEU CG   CD1  sing N N 171 
LEU CG   CD2  sing N N 172 
LEU CG   HG   sing N N 173 
LEU CD1  HD11 sing N N 174 
LEU CD1  HD12 sing N N 175 
LEU CD1  HD13 sing N N 176 
LEU CD2  HD21 sing N N 177 
LEU CD2  HD22 sing N N 178 
LEU CD2  HD23 sing N N 179 
LEU OXT  HXT  sing N N 180 
LYS N    CA   sing N N 181 
LYS N    H    sing N N 182 
LYS N    H2   sing N N 183 
LYS CA   C    sing N N 184 
LYS CA   CB   sing N N 185 
LYS CA   HA   sing N N 186 
LYS C    O    doub N N 187 
LYS C    OXT  sing N N 188 
LYS CB   CG   sing N N 189 
LYS CB   HB2  sing N N 190 
LYS CB   HB3  sing N N 191 
LYS CG   CD   sing N N 192 
LYS CG   HG2  sing N N 193 
LYS CG   HG3  sing N N 194 
LYS CD   CE   sing N N 195 
LYS CD   HD2  sing N N 196 
LYS CD   HD3  sing N N 197 
LYS CE   NZ   sing N N 198 
LYS CE   HE2  sing N N 199 
LYS CE   HE3  sing N N 200 
LYS NZ   HZ1  sing N N 201 
LYS NZ   HZ2  sing N N 202 
LYS NZ   HZ3  sing N N 203 
LYS OXT  HXT  sing N N 204 
MET N    CA   sing N N 205 
MET N    H    sing N N 206 
MET N    H2   sing N N 207 
MET CA   C    sing N N 208 
MET CA   CB   sing N N 209 
MET CA   HA   sing N N 210 
MET C    O    doub N N 211 
MET C    OXT  sing N N 212 
MET CB   CG   sing N N 213 
MET CB   HB2  sing N N 214 
MET CB   HB3  sing N N 215 
MET CG   SD   sing N N 216 
MET CG   HG2  sing N N 217 
MET CG   HG3  sing N N 218 
MET SD   CE   sing N N 219 
MET CE   HE1  sing N N 220 
MET CE   HE2  sing N N 221 
MET CE   HE3  sing N N 222 
MET OXT  HXT  sing N N 223 
PHE N    CA   sing N N 224 
PHE N    H    sing N N 225 
PHE N    H2   sing N N 226 
PHE CA   C    sing N N 227 
PHE CA   CB   sing N N 228 
PHE CA   HA   sing N N 229 
PHE C    O    doub N N 230 
PHE C    OXT  sing N N 231 
PHE CB   CG   sing N N 232 
PHE CB   HB2  sing N N 233 
PHE CB   HB3  sing N N 234 
PHE CG   CD1  doub Y N 235 
PHE CG   CD2  sing Y N 236 
PHE CD1  CE1  sing Y N 237 
PHE CD1  HD1  sing N N 238 
PHE CD2  CE2  doub Y N 239 
PHE CD2  HD2  sing N N 240 
PHE CE1  CZ   doub Y N 241 
PHE CE1  HE1  sing N N 242 
PHE CE2  CZ   sing Y N 243 
PHE CE2  HE2  sing N N 244 
PHE CZ   HZ   sing N N 245 
PHE OXT  HXT  sing N N 246 
PRO N    CA   sing N N 247 
PRO N    CD   sing N N 248 
PRO N    H    sing N N 249 
PRO CA   C    sing N N 250 
PRO CA   CB   sing N N 251 
PRO CA   HA   sing N N 252 
PRO C    O    doub N N 253 
PRO C    OXT  sing N N 254 
PRO CB   CG   sing N N 255 
PRO CB   HB2  sing N N 256 
PRO CB   HB3  sing N N 257 
PRO CG   CD   sing N N 258 
PRO CG   HG2  sing N N 259 
PRO CG   HG3  sing N N 260 
PRO CD   HD2  sing N N 261 
PRO CD   HD3  sing N N 262 
PRO OXT  HXT  sing N N 263 
SER N    CA   sing N N 264 
SER N    H    sing N N 265 
SER N    H2   sing N N 266 
SER CA   C    sing N N 267 
SER CA   CB   sing N N 268 
SER CA   HA   sing N N 269 
SER C    O    doub N N 270 
SER C    OXT  sing N N 271 
SER CB   OG   sing N N 272 
SER CB   HB2  sing N N 273 
SER CB   HB3  sing N N 274 
SER OG   HG   sing N N 275 
SER OXT  HXT  sing N N 276 
SO4 S    O1   doub N N 277 
SO4 S    O2   doub N N 278 
SO4 S    O3   sing N N 279 
SO4 S    O4   sing N N 280 
THR N    CA   sing N N 281 
THR N    H    sing N N 282 
THR N    H2   sing N N 283 
THR CA   C    sing N N 284 
THR CA   CB   sing N N 285 
THR CA   HA   sing N N 286 
THR C    O    doub N N 287 
THR C    OXT  sing N N 288 
THR CB   OG1  sing N N 289 
THR CB   CG2  sing N N 290 
THR CB   HB   sing N N 291 
THR OG1  HG1  sing N N 292 
THR CG2  HG21 sing N N 293 
THR CG2  HG22 sing N N 294 
THR CG2  HG23 sing N N 295 
THR OXT  HXT  sing N N 296 
TRP N    CA   sing N N 297 
TRP N    H    sing N N 298 
TRP N    H2   sing N N 299 
TRP CA   C    sing N N 300 
TRP CA   CB   sing N N 301 
TRP CA   HA   sing N N 302 
TRP C    O    doub N N 303 
TRP C    OXT  sing N N 304 
TRP CB   CG   sing N N 305 
TRP CB   HB2  sing N N 306 
TRP CB   HB3  sing N N 307 
TRP CG   CD1  doub Y N 308 
TRP CG   CD2  sing Y N 309 
TRP CD1  NE1  sing Y N 310 
TRP CD1  HD1  sing N N 311 
TRP CD2  CE2  doub Y N 312 
TRP CD2  CE3  sing Y N 313 
TRP NE1  CE2  sing Y N 314 
TRP NE1  HE1  sing N N 315 
TRP CE2  CZ2  sing Y N 316 
TRP CE3  CZ3  doub Y N 317 
TRP CE3  HE3  sing N N 318 
TRP CZ2  CH2  doub Y N 319 
TRP CZ2  HZ2  sing N N 320 
TRP CZ3  CH2  sing Y N 321 
TRP CZ3  HZ3  sing N N 322 
TRP CH2  HH2  sing N N 323 
TRP OXT  HXT  sing N N 324 
TYR N    CA   sing N N 325 
TYR N    H    sing N N 326 
TYR N    H2   sing N N 327 
TYR CA   C    sing N N 328 
TYR CA   CB   sing N N 329 
TYR CA   HA   sing N N 330 
TYR C    O    doub N N 331 
TYR C    OXT  sing N N 332 
TYR CB   CG   sing N N 333 
TYR CB   HB2  sing N N 334 
TYR CB   HB3  sing N N 335 
TYR CG   CD1  doub Y N 336 
TYR CG   CD2  sing Y N 337 
TYR CD1  CE1  sing Y N 338 
TYR CD1  HD1  sing N N 339 
TYR CD2  CE2  doub Y N 340 
TYR CD2  HD2  sing N N 341 
TYR CE1  CZ   doub Y N 342 
TYR CE1  HE1  sing N N 343 
TYR CE2  CZ   sing Y N 344 
TYR CE2  HE2  sing N N 345 
TYR CZ   OH   sing N N 346 
TYR OH   HH   sing N N 347 
TYR OXT  HXT  sing N N 348 
VAL N    CA   sing N N 349 
VAL N    H    sing N N 350 
VAL N    H2   sing N N 351 
VAL CA   C    sing N N 352 
VAL CA   CB   sing N N 353 
VAL CA   HA   sing N N 354 
VAL C    O    doub N N 355 
VAL C    OXT  sing N N 356 
VAL CB   CG1  sing N N 357 
VAL CB   CG2  sing N N 358 
VAL CB   HB   sing N N 359 
VAL CG1  HG11 sing N N 360 
VAL CG1  HG12 sing N N 361 
VAL CG1  HG13 sing N N 362 
VAL CG2  HG21 sing N N 363 
VAL CG2  HG22 sing N N 364 
VAL CG2  HG23 sing N N 365 
VAL OXT  HXT  sing N N 366 
WOM CL08 C05  sing N N 367 
WOM O11  C09  doub N N 368 
WOM CL07 C06  sing N N 369 
WOM C05  C06  doub Y N 370 
WOM C05  N04  sing Y N 371 
WOM C06  C01  sing Y N 372 
WOM N04  C03  doub Y N 373 
WOM C01  N13  sing N N 374 
WOM C01  C02  doub Y N 375 
WOM C03  C02  sing Y N 376 
WOM C03  C09  sing N N 377 
WOM C02  CL12 sing N N 378 
WOM C09  O10  sing N N 379 
WOM N13  H131 sing N N 380 
WOM N13  H132 sing N N 381 
WOM O10  H1   sing N N 382 
# 
_pdbx_audit_support.funding_organization   'National Science Foundation (NSF, United States)' 
_pdbx_audit_support.country                'United States' 
_pdbx_audit_support.grant_number           IOS-1917270 
_pdbx_audit_support.ordinal                1 
# 
loop_
_pdbx_entity_nonpoly.entity_id 
_pdbx_entity_nonpoly.name 
_pdbx_entity_nonpoly.comp_id 
2 Picloram      WOM 
3 'SULFATE ION' SO4 
4 water         HOH 
# 
_pdbx_initial_refinement_model.id               1 
_pdbx_initial_refinement_model.entity_id_list   ? 
_pdbx_initial_refinement_model.type             'experimental model' 
_pdbx_initial_refinement_model.source_name      PDB 
_pdbx_initial_refinement_model.accession_code   7KFO 
_pdbx_initial_refinement_model.details          ? 
# 
_pdbx_struct_assembly_auth_evidence.id                     1 
_pdbx_struct_assembly_auth_evidence.assembly_id            1 
_pdbx_struct_assembly_auth_evidence.experimental_support   'gel filtration' 
_pdbx_struct_assembly_auth_evidence.details                ? 
# 
_space_group.name_H-M_alt     'F 2 2 2' 
_space_group.name_Hall        'F 2 2' 
_space_group.IT_number        22 
_space_group.crystal_system   orthorhombic 
_space_group.id               1 
# 
